data_5H85
# 
_entry.id   5H85 
# 
_audit_conform.dict_name       mmcif_pdbx.dic 
_audit_conform.dict_version    5.383 
_audit_conform.dict_location   http://mmcif.pdb.org/dictionaries/ascii/mmcif_pdbx.dic 
# 
loop_
_database_2.database_id 
_database_2.database_code 
_database_2.pdbx_database_accession 
_database_2.pdbx_DOI 
PDB   5H85         pdb_00005h85 10.2210/pdb5h85/pdb 
WWPDB D_1000216650 ?            ?                   
# 
loop_
_pdbx_audit_revision_history.ordinal 
_pdbx_audit_revision_history.data_content_type 
_pdbx_audit_revision_history.major_revision 
_pdbx_audit_revision_history.minor_revision 
_pdbx_audit_revision_history.revision_date 
1 'Structure model' 1 0 2017-01-11 
2 'Structure model' 1 1 2018-10-10 
3 'Structure model' 1 2 2024-01-10 
# 
_pdbx_audit_revision_details.ordinal             1 
_pdbx_audit_revision_details.revision_ordinal    1 
_pdbx_audit_revision_details.data_content_type   'Structure model' 
_pdbx_audit_revision_details.provider            repository 
_pdbx_audit_revision_details.type                'Initial release' 
_pdbx_audit_revision_details.description         ? 
_pdbx_audit_revision_details.details             ? 
# 
loop_
_pdbx_audit_revision_group.ordinal 
_pdbx_audit_revision_group.revision_ordinal 
_pdbx_audit_revision_group.data_content_type 
_pdbx_audit_revision_group.group 
1 2 'Structure model' 'Data collection'        
2 2 'Structure model' 'Database references'    
3 3 'Structure model' 'Data collection'        
4 3 'Structure model' 'Database references'    
5 3 'Structure model' 'Refinement description' 
# 
loop_
_pdbx_audit_revision_category.ordinal 
_pdbx_audit_revision_category.revision_ordinal 
_pdbx_audit_revision_category.data_content_type 
_pdbx_audit_revision_category.category 
1 2 'Structure model' citation                      
2 2 'Structure model' citation_author               
3 3 'Structure model' chem_comp_atom                
4 3 'Structure model' chem_comp_bond                
5 3 'Structure model' database_2                    
6 3 'Structure model' pdbx_initial_refinement_model 
# 
loop_
_pdbx_audit_revision_item.ordinal 
_pdbx_audit_revision_item.revision_ordinal 
_pdbx_audit_revision_item.data_content_type 
_pdbx_audit_revision_item.item 
1  2 'Structure model' '_citation.country'                   
2  2 'Structure model' '_citation.journal_abbrev'            
3  2 'Structure model' '_citation.journal_id_CSD'            
4  2 'Structure model' '_citation.journal_id_ISSN'           
5  2 'Structure model' '_citation.journal_volume'            
6  2 'Structure model' '_citation.page_first'                
7  2 'Structure model' '_citation.page_last'                 
8  2 'Structure model' '_citation.pdbx_database_id_DOI'      
9  2 'Structure model' '_citation.pdbx_database_id_PubMed'   
10 2 'Structure model' '_citation.title'                     
11 2 'Structure model' '_citation.year'                      
12 3 'Structure model' '_database_2.pdbx_DOI'                
13 3 'Structure model' '_database_2.pdbx_database_accession' 
# 
_pdbx_database_status.status_code                     REL 
_pdbx_database_status.status_code_sf                  REL 
_pdbx_database_status.status_code_mr                  ? 
_pdbx_database_status.entry_id                        5H85 
_pdbx_database_status.recvd_initial_deposition_date   2015-12-23 
_pdbx_database_status.SG_entry                        N 
_pdbx_database_status.deposit_site                    RCSB 
_pdbx_database_status.process_site                    PDBE 
_pdbx_database_status.status_code_cs                  ? 
_pdbx_database_status.methods_development_category    ? 
_pdbx_database_status.pdb_format_compatible           Y 
_pdbx_database_status.status_code_nmr_data            ? 
# 
loop_
_audit_author.name 
_audit_author.pdbx_ordinal 
'Dong, J.'     1 
'Caflisch, A.' 2 
# 
_citation.abstract                  ? 
_citation.abstract_id_CAS           ? 
_citation.book_id_ISBN              ? 
_citation.book_publisher            ? 
_citation.book_publisher_city       ? 
_citation.book_title                ? 
_citation.coordinate_linkage        ? 
_citation.country                   US 
_citation.database_id_Medline       ? 
_citation.details                   ? 
_citation.id                        primary 
_citation.journal_abbrev            'ACS Med Chem Lett' 
_citation.journal_id_ASTM           ? 
_citation.journal_id_CSD            ? 
_citation.journal_id_ISSN           1948-5875 
_citation.journal_full              ? 
_citation.journal_issue             ? 
_citation.journal_volume            9 
_citation.language                  ? 
_citation.page_first                929 
_citation.page_last                 934 
_citation.title                     
'Binding Motifs in the CBP Bromodomain: An Analysis of 20 Crystal Structures of Complexes with Small Molecules.' 
_citation.year                      2018 
_citation.database_id_CSD           ? 
_citation.pdbx_database_id_DOI      10.1021/acsmedchemlett.8b00286 
_citation.pdbx_database_id_PubMed   30258543 
_citation.unpublished_flag          ? 
# 
loop_
_citation_author.citation_id 
_citation_author.name 
_citation_author.ordinal 
_citation_author.identifier_ORCID 
primary 'Zhu, J.'      1 ? 
primary 'Dong, J.'     2 ? 
primary 'Batiste, L.'  3 ? 
primary 'Unzue, A.'    4 ? 
primary 'Dolbois, A.'  5 ? 
primary 'Pascanu, V.'  6 ? 
primary 'Sledz, P.'    7 ? 
primary 'Nevado, C.'   8 ? 
primary 'Caflisch, A.' 9 ? 
# 
loop_
_entity.id 
_entity.type 
_entity.src_method 
_entity.pdbx_description 
_entity.formula_weight 
_entity.pdbx_number_of_molecules 
_entity.pdbx_ec 
_entity.pdbx_mutation 
_entity.pdbx_fragment 
_entity.details 
1 polymer     man 'CREB-binding protein'                         14223.349 1   2.3.1.48 ? 'UNP residues 1081-1197' ? 
2 non-polymer syn 'methyl 3-(7~{H}-purin-6-ylcarbamoyl)benzoate' 297.269   1   ?        ? ?                        ? 
3 water       nat water                                          18.015    220 ?        ? ?                        ? 
# 
_entity_poly.entity_id                      1 
_entity_poly.type                           'polypeptide(L)' 
_entity_poly.nstd_linkage                   no 
_entity_poly.nstd_monomer                   no 
_entity_poly.pdbx_seq_one_letter_code       
;SMRKKIFKPEELRQALMPTLEALYRQDPESLPFRQPVDPQLLGIPDYFDIVKNPMDLSTIKRKLDTGQYQEPWQYVDDVW
LMFNNAWLYNRKTSRVYKFCSKLAEVFEQEIDPVMQSLG
;
_entity_poly.pdbx_seq_one_letter_code_can   
;SMRKKIFKPEELRQALMPTLEALYRQDPESLPFRQPVDPQLLGIPDYFDIVKNPMDLSTIKRKLDTGQYQEPWQYVDDVW
LMFNNAWLYNRKTSRVYKFCSKLAEVFEQEIDPVMQSLG
;
_entity_poly.pdbx_strand_id                 A 
_entity_poly.pdbx_target_identifier         ? 
# 
loop_
_pdbx_entity_nonpoly.entity_id 
_pdbx_entity_nonpoly.name 
_pdbx_entity_nonpoly.comp_id 
2 'methyl 3-(7~{H}-purin-6-ylcarbamoyl)benzoate' 5XS 
3 water                                          HOH 
# 
loop_
_entity_poly_seq.entity_id 
_entity_poly_seq.num 
_entity_poly_seq.mon_id 
_entity_poly_seq.hetero 
1 1   SER n 
1 2   MET n 
1 3   ARG n 
1 4   LYS n 
1 5   LYS n 
1 6   ILE n 
1 7   PHE n 
1 8   LYS n 
1 9   PRO n 
1 10  GLU n 
1 11  GLU n 
1 12  LEU n 
1 13  ARG n 
1 14  GLN n 
1 15  ALA n 
1 16  LEU n 
1 17  MET n 
1 18  PRO n 
1 19  THR n 
1 20  LEU n 
1 21  GLU n 
1 22  ALA n 
1 23  LEU n 
1 24  TYR n 
1 25  ARG n 
1 26  GLN n 
1 27  ASP n 
1 28  PRO n 
1 29  GLU n 
1 30  SER n 
1 31  LEU n 
1 32  PRO n 
1 33  PHE n 
1 34  ARG n 
1 35  GLN n 
1 36  PRO n 
1 37  VAL n 
1 38  ASP n 
1 39  PRO n 
1 40  GLN n 
1 41  LEU n 
1 42  LEU n 
1 43  GLY n 
1 44  ILE n 
1 45  PRO n 
1 46  ASP n 
1 47  TYR n 
1 48  PHE n 
1 49  ASP n 
1 50  ILE n 
1 51  VAL n 
1 52  LYS n 
1 53  ASN n 
1 54  PRO n 
1 55  MET n 
1 56  ASP n 
1 57  LEU n 
1 58  SER n 
1 59  THR n 
1 60  ILE n 
1 61  LYS n 
1 62  ARG n 
1 63  LYS n 
1 64  LEU n 
1 65  ASP n 
1 66  THR n 
1 67  GLY n 
1 68  GLN n 
1 69  TYR n 
1 70  GLN n 
1 71  GLU n 
1 72  PRO n 
1 73  TRP n 
1 74  GLN n 
1 75  TYR n 
1 76  VAL n 
1 77  ASP n 
1 78  ASP n 
1 79  VAL n 
1 80  TRP n 
1 81  LEU n 
1 82  MET n 
1 83  PHE n 
1 84  ASN n 
1 85  ASN n 
1 86  ALA n 
1 87  TRP n 
1 88  LEU n 
1 89  TYR n 
1 90  ASN n 
1 91  ARG n 
1 92  LYS n 
1 93  THR n 
1 94  SER n 
1 95  ARG n 
1 96  VAL n 
1 97  TYR n 
1 98  LYS n 
1 99  PHE n 
1 100 CYS n 
1 101 SER n 
1 102 LYS n 
1 103 LEU n 
1 104 ALA n 
1 105 GLU n 
1 106 VAL n 
1 107 PHE n 
1 108 GLU n 
1 109 GLN n 
1 110 GLU n 
1 111 ILE n 
1 112 ASP n 
1 113 PRO n 
1 114 VAL n 
1 115 MET n 
1 116 GLN n 
1 117 SER n 
1 118 LEU n 
1 119 GLY n 
# 
_entity_src_gen.entity_id                          1 
_entity_src_gen.pdbx_src_id                        1 
_entity_src_gen.pdbx_alt_source_flag               sample 
_entity_src_gen.pdbx_seq_type                      'Biological sequence' 
_entity_src_gen.pdbx_beg_seq_num                   1 
_entity_src_gen.pdbx_end_seq_num                   119 
_entity_src_gen.gene_src_common_name               Human 
_entity_src_gen.gene_src_genus                     ? 
_entity_src_gen.pdbx_gene_src_gene                 'CREBBP, CBP' 
_entity_src_gen.gene_src_species                   ? 
_entity_src_gen.gene_src_strain                    ? 
_entity_src_gen.gene_src_tissue                    ? 
_entity_src_gen.gene_src_tissue_fraction           ? 
_entity_src_gen.gene_src_details                   ? 
_entity_src_gen.pdbx_gene_src_fragment             ? 
_entity_src_gen.pdbx_gene_src_scientific_name      'Homo sapiens' 
_entity_src_gen.pdbx_gene_src_ncbi_taxonomy_id     9606 
_entity_src_gen.pdbx_gene_src_variant              ? 
_entity_src_gen.pdbx_gene_src_cell_line            ? 
_entity_src_gen.pdbx_gene_src_atcc                 ? 
_entity_src_gen.pdbx_gene_src_organ                ? 
_entity_src_gen.pdbx_gene_src_organelle            ? 
_entity_src_gen.pdbx_gene_src_cell                 ? 
_entity_src_gen.pdbx_gene_src_cellular_location    ? 
_entity_src_gen.host_org_common_name               ? 
_entity_src_gen.pdbx_host_org_scientific_name      'Escherichia coli BL21(DE3)' 
_entity_src_gen.pdbx_host_org_ncbi_taxonomy_id     469008 
_entity_src_gen.host_org_genus                     ? 
_entity_src_gen.pdbx_host_org_gene                 ? 
_entity_src_gen.pdbx_host_org_organ                ? 
_entity_src_gen.host_org_species                   ? 
_entity_src_gen.pdbx_host_org_tissue               ? 
_entity_src_gen.pdbx_host_org_tissue_fraction      ? 
_entity_src_gen.pdbx_host_org_strain               ? 
_entity_src_gen.pdbx_host_org_variant              ? 
_entity_src_gen.pdbx_host_org_cell_line            ? 
_entity_src_gen.pdbx_host_org_atcc                 ? 
_entity_src_gen.pdbx_host_org_culture_collection   ? 
_entity_src_gen.pdbx_host_org_cell                 ? 
_entity_src_gen.pdbx_host_org_organelle            ? 
_entity_src_gen.pdbx_host_org_cellular_location    ? 
_entity_src_gen.pdbx_host_org_vector_type          plasmid 
_entity_src_gen.pdbx_host_org_vector               ? 
_entity_src_gen.host_org_details                   ? 
_entity_src_gen.expression_system_id               ? 
_entity_src_gen.plasmid_name                       pNIC28-Bsa4 
_entity_src_gen.plasmid_details                    ? 
_entity_src_gen.pdbx_description                   ? 
# 
loop_
_chem_comp.id 
_chem_comp.type 
_chem_comp.mon_nstd_flag 
_chem_comp.name 
_chem_comp.pdbx_synonyms 
_chem_comp.formula 
_chem_comp.formula_weight 
5XS non-polymer         . 'methyl 3-(7~{H}-purin-6-ylcarbamoyl)benzoate' ? 'C14 H11 N5 O3'  297.269 
ALA 'L-peptide linking' y ALANINE                                        ? 'C3 H7 N O2'     89.093  
ARG 'L-peptide linking' y ARGININE                                       ? 'C6 H15 N4 O2 1' 175.209 
ASN 'L-peptide linking' y ASPARAGINE                                     ? 'C4 H8 N2 O3'    132.118 
ASP 'L-peptide linking' y 'ASPARTIC ACID'                                ? 'C4 H7 N O4'     133.103 
CYS 'L-peptide linking' y CYSTEINE                                       ? 'C3 H7 N O2 S'   121.158 
GLN 'L-peptide linking' y GLUTAMINE                                      ? 'C5 H10 N2 O3'   146.144 
GLU 'L-peptide linking' y 'GLUTAMIC ACID'                                ? 'C5 H9 N O4'     147.129 
GLY 'peptide linking'   y GLYCINE                                        ? 'C2 H5 N O2'     75.067  
HOH non-polymer         . WATER                                          ? 'H2 O'           18.015  
ILE 'L-peptide linking' y ISOLEUCINE                                     ? 'C6 H13 N O2'    131.173 
LEU 'L-peptide linking' y LEUCINE                                        ? 'C6 H13 N O2'    131.173 
LYS 'L-peptide linking' y LYSINE                                         ? 'C6 H15 N2 O2 1' 147.195 
MET 'L-peptide linking' y METHIONINE                                     ? 'C5 H11 N O2 S'  149.211 
PHE 'L-peptide linking' y PHENYLALANINE                                  ? 'C9 H11 N O2'    165.189 
PRO 'L-peptide linking' y PROLINE                                        ? 'C5 H9 N O2'     115.130 
SER 'L-peptide linking' y SERINE                                         ? 'C3 H7 N O3'     105.093 
THR 'L-peptide linking' y THREONINE                                      ? 'C4 H9 N O3'     119.119 
TRP 'L-peptide linking' y TRYPTOPHAN                                     ? 'C11 H12 N2 O2'  204.225 
TYR 'L-peptide linking' y TYROSINE                                       ? 'C9 H11 N O3'    181.189 
VAL 'L-peptide linking' y VALINE                                         ? 'C5 H11 N O2'    117.146 
# 
loop_
_pdbx_poly_seq_scheme.asym_id 
_pdbx_poly_seq_scheme.entity_id 
_pdbx_poly_seq_scheme.seq_id 
_pdbx_poly_seq_scheme.mon_id 
_pdbx_poly_seq_scheme.ndb_seq_num 
_pdbx_poly_seq_scheme.pdb_seq_num 
_pdbx_poly_seq_scheme.auth_seq_num 
_pdbx_poly_seq_scheme.pdb_mon_id 
_pdbx_poly_seq_scheme.auth_mon_id 
_pdbx_poly_seq_scheme.pdb_strand_id 
_pdbx_poly_seq_scheme.pdb_ins_code 
_pdbx_poly_seq_scheme.hetero 
A 1 1   SER 1   1079 ?    ?   ?   A . n 
A 1 2   MET 2   1080 1080 MET MET A . n 
A 1 3   ARG 3   1081 1081 ARG ARG A . n 
A 1 4   LYS 4   1082 1082 LYS LYS A . n 
A 1 5   LYS 5   1083 1083 LYS LYS A . n 
A 1 6   ILE 6   1084 1084 ILE ILE A . n 
A 1 7   PHE 7   1085 1085 PHE PHE A . n 
A 1 8   LYS 8   1086 1086 LYS LYS A . n 
A 1 9   PRO 9   1087 1087 PRO PRO A . n 
A 1 10  GLU 10  1088 1088 GLU GLU A . n 
A 1 11  GLU 11  1089 1089 GLU GLU A . n 
A 1 12  LEU 12  1090 1090 LEU LEU A . n 
A 1 13  ARG 13  1091 1091 ARG ARG A . n 
A 1 14  GLN 14  1092 1092 GLN GLN A . n 
A 1 15  ALA 15  1093 1093 ALA ALA A . n 
A 1 16  LEU 16  1094 1094 LEU LEU A . n 
A 1 17  MET 17  1095 1095 MET MET A . n 
A 1 18  PRO 18  1096 1096 PRO PRO A . n 
A 1 19  THR 19  1097 1097 THR THR A . n 
A 1 20  LEU 20  1098 1098 LEU LEU A . n 
A 1 21  GLU 21  1099 1099 GLU GLU A . n 
A 1 22  ALA 22  1100 1100 ALA ALA A . n 
A 1 23  LEU 23  1101 1101 LEU LEU A . n 
A 1 24  TYR 24  1102 1102 TYR TYR A . n 
A 1 25  ARG 25  1103 1103 ARG ARG A . n 
A 1 26  GLN 26  1104 1104 GLN GLN A . n 
A 1 27  ASP 27  1105 1105 ASP ASP A . n 
A 1 28  PRO 28  1106 1106 PRO PRO A . n 
A 1 29  GLU 29  1107 1107 GLU GLU A . n 
A 1 30  SER 30  1108 1108 SER SER A . n 
A 1 31  LEU 31  1109 1109 LEU LEU A . n 
A 1 32  PRO 32  1110 1110 PRO PRO A . n 
A 1 33  PHE 33  1111 1111 PHE PHE A . n 
A 1 34  ARG 34  1112 1112 ARG ARG A . n 
A 1 35  GLN 35  1113 1113 GLN GLN A . n 
A 1 36  PRO 36  1114 1114 PRO PRO A . n 
A 1 37  VAL 37  1115 1115 VAL VAL A . n 
A 1 38  ASP 38  1116 1116 ASP ASP A . n 
A 1 39  PRO 39  1117 1117 PRO PRO A . n 
A 1 40  GLN 40  1118 1118 GLN GLN A . n 
A 1 41  LEU 41  1119 1119 LEU LEU A . n 
A 1 42  LEU 42  1120 1120 LEU LEU A . n 
A 1 43  GLY 43  1121 1121 GLY GLY A . n 
A 1 44  ILE 44  1122 1122 ILE ILE A . n 
A 1 45  PRO 45  1123 1123 PRO PRO A . n 
A 1 46  ASP 46  1124 1124 ASP ASP A . n 
A 1 47  TYR 47  1125 1125 TYR TYR A . n 
A 1 48  PHE 48  1126 1126 PHE PHE A . n 
A 1 49  ASP 49  1127 1127 ASP ASP A . n 
A 1 50  ILE 50  1128 1128 ILE ILE A . n 
A 1 51  VAL 51  1129 1129 VAL VAL A . n 
A 1 52  LYS 52  1130 1130 LYS LYS A . n 
A 1 53  ASN 53  1131 1131 ASN ASN A . n 
A 1 54  PRO 54  1132 1132 PRO PRO A . n 
A 1 55  MET 55  1133 1133 MET MET A . n 
A 1 56  ASP 56  1134 1134 ASP ASP A . n 
A 1 57  LEU 57  1135 1135 LEU LEU A . n 
A 1 58  SER 58  1136 1136 SER SER A . n 
A 1 59  THR 59  1137 1137 THR THR A . n 
A 1 60  ILE 60  1138 1138 ILE ILE A . n 
A 1 61  LYS 61  1139 1139 LYS LYS A . n 
A 1 62  ARG 62  1140 1140 ARG ARG A . n 
A 1 63  LYS 63  1141 1141 LYS LYS A . n 
A 1 64  LEU 64  1142 1142 LEU LEU A . n 
A 1 65  ASP 65  1143 1143 ASP ASP A . n 
A 1 66  THR 66  1144 1144 THR THR A . n 
A 1 67  GLY 67  1145 1145 GLY GLY A . n 
A 1 68  GLN 68  1146 1146 GLN GLN A . n 
A 1 69  TYR 69  1147 1147 TYR TYR A . n 
A 1 70  GLN 70  1148 1148 GLN GLN A . n 
A 1 71  GLU 71  1149 1149 GLU GLU A . n 
A 1 72  PRO 72  1150 1150 PRO PRO A . n 
A 1 73  TRP 73  1151 1151 TRP TRP A . n 
A 1 74  GLN 74  1152 1152 GLN GLN A . n 
A 1 75  TYR 75  1153 1153 TYR TYR A . n 
A 1 76  VAL 76  1154 1154 VAL VAL A . n 
A 1 77  ASP 77  1155 1155 ASP ASP A . n 
A 1 78  ASP 78  1156 1156 ASP ASP A . n 
A 1 79  VAL 79  1157 1157 VAL VAL A . n 
A 1 80  TRP 80  1158 1158 TRP TRP A . n 
A 1 81  LEU 81  1159 1159 LEU LEU A . n 
A 1 82  MET 82  1160 1160 MET MET A . n 
A 1 83  PHE 83  1161 1161 PHE PHE A . n 
A 1 84  ASN 84  1162 1162 ASN ASN A . n 
A 1 85  ASN 85  1163 1163 ASN ASN A . n 
A 1 86  ALA 86  1164 1164 ALA ALA A . n 
A 1 87  TRP 87  1165 1165 TRP TRP A . n 
A 1 88  LEU 88  1166 1166 LEU LEU A . n 
A 1 89  TYR 89  1167 1167 TYR TYR A . n 
A 1 90  ASN 90  1168 1168 ASN ASN A . n 
A 1 91  ARG 91  1169 1169 ARG ARG A . n 
A 1 92  LYS 92  1170 1170 LYS LYS A . n 
A 1 93  THR 93  1171 1171 THR THR A . n 
A 1 94  SER 94  1172 1172 SER SER A . n 
A 1 95  ARG 95  1173 1173 ARG ARG A . n 
A 1 96  VAL 96  1174 1174 VAL VAL A . n 
A 1 97  TYR 97  1175 1175 TYR TYR A . n 
A 1 98  LYS 98  1176 1176 LYS LYS A . n 
A 1 99  PHE 99  1177 1177 PHE PHE A . n 
A 1 100 CYS 100 1178 1178 CYS CYS A . n 
A 1 101 SER 101 1179 1179 SER SER A . n 
A 1 102 LYS 102 1180 1180 LYS LYS A . n 
A 1 103 LEU 103 1181 1181 LEU LEU A . n 
A 1 104 ALA 104 1182 1182 ALA ALA A . n 
A 1 105 GLU 105 1183 1183 GLU GLU A . n 
A 1 106 VAL 106 1184 1184 VAL VAL A . n 
A 1 107 PHE 107 1185 1185 PHE PHE A . n 
A 1 108 GLU 108 1186 1186 GLU GLU A . n 
A 1 109 GLN 109 1187 1187 GLN GLN A . n 
A 1 110 GLU 110 1188 1188 GLU GLU A . n 
A 1 111 ILE 111 1189 1189 ILE ILE A . n 
A 1 112 ASP 112 1190 1190 ASP ASP A . n 
A 1 113 PRO 113 1191 1191 PRO PRO A . n 
A 1 114 VAL 114 1192 1192 VAL VAL A . n 
A 1 115 MET 115 1193 1193 MET MET A . n 
A 1 116 GLN 116 1194 1194 GLN GLN A . n 
A 1 117 SER 117 1195 1195 SER SER A . n 
A 1 118 LEU 118 1196 1196 LEU LEU A . n 
A 1 119 GLY 119 1197 1197 GLY GLY A . n 
# 
loop_
_pdbx_nonpoly_scheme.asym_id 
_pdbx_nonpoly_scheme.entity_id 
_pdbx_nonpoly_scheme.mon_id 
_pdbx_nonpoly_scheme.ndb_seq_num 
_pdbx_nonpoly_scheme.pdb_seq_num 
_pdbx_nonpoly_scheme.auth_seq_num 
_pdbx_nonpoly_scheme.pdb_mon_id 
_pdbx_nonpoly_scheme.auth_mon_id 
_pdbx_nonpoly_scheme.pdb_strand_id 
_pdbx_nonpoly_scheme.pdb_ins_code 
B 2 5XS 1   1201 1   5XS LIG A . 
C 3 HOH 1   1301 206 HOH HOH A . 
C 3 HOH 2   1302 126 HOH HOH A . 
C 3 HOH 3   1303 100 HOH HOH A . 
C 3 HOH 4   1304 138 HOH HOH A . 
C 3 HOH 5   1305 181 HOH HOH A . 
C 3 HOH 6   1306 185 HOH HOH A . 
C 3 HOH 7   1307 135 HOH HOH A . 
C 3 HOH 8   1308 201 HOH HOH A . 
C 3 HOH 9   1309 144 HOH HOH A . 
C 3 HOH 10  1310 191 HOH HOH A . 
C 3 HOH 11  1311 132 HOH HOH A . 
C 3 HOH 12  1312 68  HOH HOH A . 
C 3 HOH 13  1313 209 HOH HOH A . 
C 3 HOH 14  1314 65  HOH HOH A . 
C 3 HOH 15  1315 147 HOH HOH A . 
C 3 HOH 16  1316 205 HOH HOH A . 
C 3 HOH 17  1317 5   HOH HOH A . 
C 3 HOH 18  1318 22  HOH HOH A . 
C 3 HOH 19  1319 157 HOH HOH A . 
C 3 HOH 20  1320 42  HOH HOH A . 
C 3 HOH 21  1321 88  HOH HOH A . 
C 3 HOH 22  1322 43  HOH HOH A . 
C 3 HOH 23  1323 34  HOH HOH A . 
C 3 HOH 24  1324 143 HOH HOH A . 
C 3 HOH 25  1325 71  HOH HOH A . 
C 3 HOH 26  1326 159 HOH HOH A . 
C 3 HOH 27  1327 35  HOH HOH A . 
C 3 HOH 28  1328 160 HOH HOH A . 
C 3 HOH 29  1329 19  HOH HOH A . 
C 3 HOH 30  1330 128 HOH HOH A . 
C 3 HOH 31  1331 124 HOH HOH A . 
C 3 HOH 32  1332 165 HOH HOH A . 
C 3 HOH 33  1333 25  HOH HOH A . 
C 3 HOH 34  1334 30  HOH HOH A . 
C 3 HOH 35  1335 93  HOH HOH A . 
C 3 HOH 36  1336 193 HOH HOH A . 
C 3 HOH 37  1337 58  HOH HOH A . 
C 3 HOH 38  1338 73  HOH HOH A . 
C 3 HOH 39  1339 55  HOH HOH A . 
C 3 HOH 40  1340 7   HOH HOH A . 
C 3 HOH 41  1341 59  HOH HOH A . 
C 3 HOH 42  1342 86  HOH HOH A . 
C 3 HOH 43  1343 141 HOH HOH A . 
C 3 HOH 44  1344 15  HOH HOH A . 
C 3 HOH 45  1345 38  HOH HOH A . 
C 3 HOH 46  1346 197 HOH HOH A . 
C 3 HOH 47  1347 62  HOH HOH A . 
C 3 HOH 48  1348 12  HOH HOH A . 
C 3 HOH 49  1349 32  HOH HOH A . 
C 3 HOH 50  1350 21  HOH HOH A . 
C 3 HOH 51  1351 44  HOH HOH A . 
C 3 HOH 52  1352 98  HOH HOH A . 
C 3 HOH 53  1353 60  HOH HOH A . 
C 3 HOH 54  1354 90  HOH HOH A . 
C 3 HOH 55  1355 6   HOH HOH A . 
C 3 HOH 56  1356 20  HOH HOH A . 
C 3 HOH 57  1357 45  HOH HOH A . 
C 3 HOH 58  1358 130 HOH HOH A . 
C 3 HOH 59  1359 120 HOH HOH A . 
C 3 HOH 60  1360 103 HOH HOH A . 
C 3 HOH 61  1361 31  HOH HOH A . 
C 3 HOH 62  1362 154 HOH HOH A . 
C 3 HOH 63  1363 4   HOH HOH A . 
C 3 HOH 64  1364 85  HOH HOH A . 
C 3 HOH 65  1365 106 HOH HOH A . 
C 3 HOH 66  1366 41  HOH HOH A . 
C 3 HOH 67  1367 118 HOH HOH A . 
C 3 HOH 68  1368 56  HOH HOH A . 
C 3 HOH 69  1369 89  HOH HOH A . 
C 3 HOH 70  1370 3   HOH HOH A . 
C 3 HOH 71  1371 53  HOH HOH A . 
C 3 HOH 72  1372 9   HOH HOH A . 
C 3 HOH 73  1373 77  HOH HOH A . 
C 3 HOH 74  1374 46  HOH HOH A . 
C 3 HOH 75  1375 101 HOH HOH A . 
C 3 HOH 76  1376 14  HOH HOH A . 
C 3 HOH 77  1377 52  HOH HOH A . 
C 3 HOH 78  1378 70  HOH HOH A . 
C 3 HOH 79  1379 212 HOH HOH A . 
C 3 HOH 80  1380 13  HOH HOH A . 
C 3 HOH 81  1381 24  HOH HOH A . 
C 3 HOH 82  1382 29  HOH HOH A . 
C 3 HOH 83  1383 189 HOH HOH A . 
C 3 HOH 84  1384 48  HOH HOH A . 
C 3 HOH 85  1385 116 HOH HOH A . 
C 3 HOH 86  1386 105 HOH HOH A . 
C 3 HOH 87  1387 167 HOH HOH A . 
C 3 HOH 88  1388 80  HOH HOH A . 
C 3 HOH 89  1389 104 HOH HOH A . 
C 3 HOH 90  1390 171 HOH HOH A . 
C 3 HOH 91  1391 17  HOH HOH A . 
C 3 HOH 92  1392 69  HOH HOH A . 
C 3 HOH 93  1393 11  HOH HOH A . 
C 3 HOH 94  1394 163 HOH HOH A . 
C 3 HOH 95  1395 166 HOH HOH A . 
C 3 HOH 96  1396 158 HOH HOH A . 
C 3 HOH 97  1397 8   HOH HOH A . 
C 3 HOH 98  1398 18  HOH HOH A . 
C 3 HOH 99  1399 57  HOH HOH A . 
C 3 HOH 100 1400 170 HOH HOH A . 
C 3 HOH 101 1401 97  HOH HOH A . 
C 3 HOH 102 1402 91  HOH HOH A . 
C 3 HOH 103 1403 28  HOH HOH A . 
C 3 HOH 104 1404 40  HOH HOH A . 
C 3 HOH 105 1405 195 HOH HOH A . 
C 3 HOH 106 1406 54  HOH HOH A . 
C 3 HOH 107 1407 155 HOH HOH A . 
C 3 HOH 108 1408 79  HOH HOH A . 
C 3 HOH 109 1409 16  HOH HOH A . 
C 3 HOH 110 1410 51  HOH HOH A . 
C 3 HOH 111 1411 119 HOH HOH A . 
C 3 HOH 112 1412 219 HOH HOH A . 
C 3 HOH 113 1413 199 HOH HOH A . 
C 3 HOH 114 1414 26  HOH HOH A . 
C 3 HOH 115 1415 102 HOH HOH A . 
C 3 HOH 116 1416 140 HOH HOH A . 
C 3 HOH 117 1417 182 HOH HOH A . 
C 3 HOH 118 1418 84  HOH HOH A . 
C 3 HOH 119 1419 96  HOH HOH A . 
C 3 HOH 120 1420 61  HOH HOH A . 
C 3 HOH 121 1421 204 HOH HOH A . 
C 3 HOH 122 1422 146 HOH HOH A . 
C 3 HOH 123 1423 178 HOH HOH A . 
C 3 HOH 124 1424 145 HOH HOH A . 
C 3 HOH 125 1425 117 HOH HOH A . 
C 3 HOH 126 1426 76  HOH HOH A . 
C 3 HOH 127 1427 63  HOH HOH A . 
C 3 HOH 128 1428 36  HOH HOH A . 
C 3 HOH 129 1429 66  HOH HOH A . 
C 3 HOH 130 1430 174 HOH HOH A . 
C 3 HOH 131 1431 49  HOH HOH A . 
C 3 HOH 132 1432 202 HOH HOH A . 
C 3 HOH 133 1433 95  HOH HOH A . 
C 3 HOH 134 1434 81  HOH HOH A . 
C 3 HOH 135 1435 83  HOH HOH A . 
C 3 HOH 136 1436 99  HOH HOH A . 
C 3 HOH 137 1437 218 HOH HOH A . 
C 3 HOH 138 1438 220 HOH HOH A . 
C 3 HOH 139 1439 108 HOH HOH A . 
C 3 HOH 140 1440 188 HOH HOH A . 
C 3 HOH 141 1441 150 HOH HOH A . 
C 3 HOH 142 1442 111 HOH HOH A . 
C 3 HOH 143 1443 198 HOH HOH A . 
C 3 HOH 144 1444 47  HOH HOH A . 
C 3 HOH 145 1445 134 HOH HOH A . 
C 3 HOH 146 1446 208 HOH HOH A . 
C 3 HOH 147 1447 136 HOH HOH A . 
C 3 HOH 148 1448 176 HOH HOH A . 
C 3 HOH 149 1449 2   HOH HOH A . 
C 3 HOH 150 1450 173 HOH HOH A . 
C 3 HOH 151 1451 1   HOH HOH A . 
C 3 HOH 152 1452 175 HOH HOH A . 
C 3 HOH 153 1453 192 HOH HOH A . 
C 3 HOH 154 1454 200 HOH HOH A . 
C 3 HOH 155 1455 10  HOH HOH A . 
C 3 HOH 156 1456 164 HOH HOH A . 
C 3 HOH 157 1457 72  HOH HOH A . 
C 3 HOH 158 1458 151 HOH HOH A . 
C 3 HOH 159 1459 94  HOH HOH A . 
C 3 HOH 160 1460 122 HOH HOH A . 
C 3 HOH 161 1461 27  HOH HOH A . 
C 3 HOH 162 1462 110 HOH HOH A . 
C 3 HOH 163 1463 125 HOH HOH A . 
C 3 HOH 164 1464 78  HOH HOH A . 
C 3 HOH 165 1465 121 HOH HOH A . 
C 3 HOH 166 1466 129 HOH HOH A . 
C 3 HOH 167 1467 137 HOH HOH A . 
C 3 HOH 168 1468 203 HOH HOH A . 
C 3 HOH 169 1469 196 HOH HOH A . 
C 3 HOH 170 1470 67  HOH HOH A . 
C 3 HOH 171 1471 179 HOH HOH A . 
C 3 HOH 172 1472 131 HOH HOH A . 
C 3 HOH 173 1473 115 HOH HOH A . 
C 3 HOH 174 1474 187 HOH HOH A . 
C 3 HOH 175 1475 107 HOH HOH A . 
C 3 HOH 176 1476 113 HOH HOH A . 
C 3 HOH 177 1477 215 HOH HOH A . 
C 3 HOH 178 1478 142 HOH HOH A . 
C 3 HOH 179 1479 190 HOH HOH A . 
C 3 HOH 180 1480 33  HOH HOH A . 
C 3 HOH 181 1481 177 HOH HOH A . 
C 3 HOH 182 1482 172 HOH HOH A . 
C 3 HOH 183 1483 183 HOH HOH A . 
C 3 HOH 184 1484 109 HOH HOH A . 
C 3 HOH 185 1485 152 HOH HOH A . 
C 3 HOH 186 1486 184 HOH HOH A . 
C 3 HOH 187 1487 217 HOH HOH A . 
C 3 HOH 188 1488 149 HOH HOH A . 
C 3 HOH 189 1489 23  HOH HOH A . 
C 3 HOH 190 1490 186 HOH HOH A . 
C 3 HOH 191 1491 75  HOH HOH A . 
C 3 HOH 192 1492 50  HOH HOH A . 
C 3 HOH 193 1493 161 HOH HOH A . 
C 3 HOH 194 1494 156 HOH HOH A . 
C 3 HOH 195 1495 127 HOH HOH A . 
C 3 HOH 196 1496 114 HOH HOH A . 
C 3 HOH 197 1497 162 HOH HOH A . 
C 3 HOH 198 1498 194 HOH HOH A . 
C 3 HOH 199 1499 153 HOH HOH A . 
C 3 HOH 200 1500 148 HOH HOH A . 
C 3 HOH 201 1501 216 HOH HOH A . 
C 3 HOH 202 1502 210 HOH HOH A . 
C 3 HOH 203 1503 39  HOH HOH A . 
C 3 HOH 204 1504 123 HOH HOH A . 
C 3 HOH 205 1505 169 HOH HOH A . 
C 3 HOH 206 1506 133 HOH HOH A . 
C 3 HOH 207 1507 180 HOH HOH A . 
C 3 HOH 208 1508 214 HOH HOH A . 
C 3 HOH 209 1509 168 HOH HOH A . 
C 3 HOH 210 1510 64  HOH HOH A . 
C 3 HOH 211 1511 82  HOH HOH A . 
C 3 HOH 212 1512 87  HOH HOH A . 
C 3 HOH 213 1513 139 HOH HOH A . 
C 3 HOH 214 1514 92  HOH HOH A . 
C 3 HOH 215 1515 112 HOH HOH A . 
C 3 HOH 216 1516 211 HOH HOH A . 
C 3 HOH 217 1517 207 HOH HOH A . 
C 3 HOH 218 1518 213 HOH HOH A . 
C 3 HOH 219 1519 37  HOH HOH A . 
C 3 HOH 220 1520 74  HOH HOH A . 
# 
loop_
_software.citation_id 
_software.classification 
_software.compiler_name 
_software.compiler_version 
_software.contact_author 
_software.contact_author_email 
_software.date 
_software.description 
_software.dependencies 
_software.hardware 
_software.language 
_software.location 
_software.mods 
_software.name 
_software.os 
_software.os_version 
_software.type 
_software.version 
_software.pdbx_ordinal 
? 'data scaling'    ? ? ? ? ? ? ? ? ? ? ? SCALA       ? ? ? 3.3.22 1 
? phasing           ? ? ? ? ? ? ? ? ? ? ? PHASER      ? ? ? 2.5.7  2 
? refinement        ? ? ? ? ? ? ? ? ? ? ? PHENIX      ? ? ? .      3 
? 'data extraction' ? ? ? ? ? ? ? ? ? ? ? PDB_EXTRACT ? ? ? 3.15   4 
? 'data reduction'  ? ? ? ? ? ? ? ? ? ? ? XDS         ? ? ? .      5 
? 'model building'  ? ? ? ? ? ? ? ? ? ? ? Coot        ? ? ? .      6 
# 
_cell.angle_alpha                  90.000 
_cell.angle_alpha_esd              ? 
_cell.angle_beta                   90.000 
_cell.angle_beta_esd               ? 
_cell.angle_gamma                  90.000 
_cell.angle_gamma_esd              ? 
_cell.entry_id                     5H85 
_cell.details                      ? 
_cell.formula_units_Z              ? 
_cell.length_a                     24.413 
_cell.length_a_esd                 ? 
_cell.length_b                     45.314 
_cell.length_b_esd                 ? 
_cell.length_c                     104.660 
_cell.length_c_esd                 ? 
_cell.volume                       ? 
_cell.volume_esd                   ? 
_cell.Z_PDB                        4 
_cell.reciprocal_angle_alpha       ? 
_cell.reciprocal_angle_beta        ? 
_cell.reciprocal_angle_gamma       ? 
_cell.reciprocal_angle_alpha_esd   ? 
_cell.reciprocal_angle_beta_esd    ? 
_cell.reciprocal_angle_gamma_esd   ? 
_cell.reciprocal_length_a          ? 
_cell.reciprocal_length_b          ? 
_cell.reciprocal_length_c          ? 
_cell.reciprocal_length_a_esd      ? 
_cell.reciprocal_length_b_esd      ? 
_cell.reciprocal_length_c_esd      ? 
_cell.pdbx_unique_axis             ? 
# 
_symmetry.entry_id                         5H85 
_symmetry.cell_setting                     ? 
_symmetry.Int_Tables_number                19 
_symmetry.space_group_name_Hall            ? 
_symmetry.space_group_name_H-M             'P 21 21 21' 
_symmetry.pdbx_full_space_group_name_H-M   ? 
# 
_exptl.absorpt_coefficient_mu     ? 
_exptl.absorpt_correction_T_max   ? 
_exptl.absorpt_correction_T_min   ? 
_exptl.absorpt_correction_type    ? 
_exptl.absorpt_process_details    ? 
_exptl.entry_id                   5H85 
_exptl.crystals_number            1 
_exptl.details                    ? 
_exptl.method                     'X-RAY DIFFRACTION' 
_exptl.method_details             ? 
# 
_exptl_crystal.colour                      ? 
_exptl_crystal.density_diffrn              ? 
_exptl_crystal.density_Matthews            2.04 
_exptl_crystal.density_method              ? 
_exptl_crystal.density_percent_sol         39.56 
_exptl_crystal.description                 ? 
_exptl_crystal.F_000                       ? 
_exptl_crystal.id                          1 
_exptl_crystal.preparation                 ? 
_exptl_crystal.size_max                    ? 
_exptl_crystal.size_mid                    ? 
_exptl_crystal.size_min                    ? 
_exptl_crystal.size_rad                    ? 
_exptl_crystal.colour_lustre               ? 
_exptl_crystal.colour_modifier             ? 
_exptl_crystal.colour_primary              ? 
_exptl_crystal.density_meas                ? 
_exptl_crystal.density_meas_esd            ? 
_exptl_crystal.density_meas_gt             ? 
_exptl_crystal.density_meas_lt             ? 
_exptl_crystal.density_meas_temp           ? 
_exptl_crystal.density_meas_temp_esd       ? 
_exptl_crystal.density_meas_temp_gt        ? 
_exptl_crystal.density_meas_temp_lt        ? 
_exptl_crystal.pdbx_crystal_image_url      ? 
_exptl_crystal.pdbx_crystal_image_format   ? 
_exptl_crystal.pdbx_mosaicity              ? 
_exptl_crystal.pdbx_mosaicity_esd          ? 
# 
_exptl_crystal_grow.apparatus       ? 
_exptl_crystal_grow.atmosphere      ? 
_exptl_crystal_grow.crystal_id      1 
_exptl_crystal_grow.details         ? 
_exptl_crystal_grow.method          'VAPOR DIFFUSION, HANGING DROP' 
_exptl_crystal_grow.method_ref      ? 
_exptl_crystal_grow.pH              7.5 
_exptl_crystal_grow.pressure        ? 
_exptl_crystal_grow.pressure_esd    ? 
_exptl_crystal_grow.seeding         ? 
_exptl_crystal_grow.seeding_ref     ? 
_exptl_crystal_grow.temp            277 
_exptl_crystal_grow.temp_details    ? 
_exptl_crystal_grow.temp_esd        ? 
_exptl_crystal_grow.time            ? 
_exptl_crystal_grow.pdbx_details    '0.15M KSCN, 20% PEG 3350, 10% EtGly' 
_exptl_crystal_grow.pdbx_pH_range   ? 
# 
_diffrn.ambient_environment    ? 
_diffrn.ambient_temp           100 
_diffrn.ambient_temp_details   ? 
_diffrn.ambient_temp_esd       ? 
_diffrn.crystal_id             1 
_diffrn.crystal_support        ? 
_diffrn.crystal_treatment      ? 
_diffrn.details                ? 
_diffrn.id                     1 
_diffrn.ambient_pressure       ? 
_diffrn.ambient_pressure_esd   ? 
_diffrn.ambient_pressure_gt    ? 
_diffrn.ambient_pressure_lt    ? 
_diffrn.ambient_temp_gt        ? 
_diffrn.ambient_temp_lt        ? 
# 
_diffrn_detector.details                      ? 
_diffrn_detector.detector                     PIXEL 
_diffrn_detector.diffrn_id                    1 
_diffrn_detector.type                         'DECTRIS PILATUS 2M-F' 
_diffrn_detector.area_resol_mean              ? 
_diffrn_detector.dtime                        ? 
_diffrn_detector.pdbx_frames_total            ? 
_diffrn_detector.pdbx_collection_time_total   ? 
_diffrn_detector.pdbx_collection_date         2015-04-27 
# 
_diffrn_radiation.collimation                      ? 
_diffrn_radiation.diffrn_id                        1 
_diffrn_radiation.filter_edge                      ? 
_diffrn_radiation.inhomogeneity                    ? 
_diffrn_radiation.monochromator                    ? 
_diffrn_radiation.polarisn_norm                    ? 
_diffrn_radiation.polarisn_ratio                   ? 
_diffrn_radiation.probe                            ? 
_diffrn_radiation.type                             ? 
_diffrn_radiation.xray_symbol                      ? 
_diffrn_radiation.wavelength_id                    1 
_diffrn_radiation.pdbx_monochromatic_or_laue_m_l   M 
_diffrn_radiation.pdbx_wavelength_list             ? 
_diffrn_radiation.pdbx_wavelength                  ? 
_diffrn_radiation.pdbx_diffrn_protocol             'SINGLE WAVELENGTH' 
_diffrn_radiation.pdbx_analyzer                    ? 
_diffrn_radiation.pdbx_scattering_type             x-ray 
# 
_diffrn_radiation_wavelength.id           1 
_diffrn_radiation_wavelength.wavelength   1.00002 
_diffrn_radiation_wavelength.wt           1.0 
# 
_diffrn_source.current                     ? 
_diffrn_source.details                     ? 
_diffrn_source.diffrn_id                   1 
_diffrn_source.power                       ? 
_diffrn_source.size                        ? 
_diffrn_source.source                      SYNCHROTRON 
_diffrn_source.target                      ? 
_diffrn_source.type                        'SLS BEAMLINE X06DA' 
_diffrn_source.voltage                     ? 
_diffrn_source.take-off_angle              ? 
_diffrn_source.pdbx_wavelength_list        1.00002 
_diffrn_source.pdbx_wavelength             ? 
_diffrn_source.pdbx_synchrotron_beamline   X06DA 
_diffrn_source.pdbx_synchrotron_site       SLS 
# 
_reflns.B_iso_Wilson_estimate            ? 
_reflns.entry_id                         5H85 
_reflns.data_reduction_details           ? 
_reflns.data_reduction_method            ? 
_reflns.d_resolution_high                1.701 
_reflns.d_resolution_low                 52.330 
_reflns.details                          ? 
_reflns.limit_h_max                      ? 
_reflns.limit_h_min                      ? 
_reflns.limit_k_max                      ? 
_reflns.limit_k_min                      ? 
_reflns.limit_l_max                      ? 
_reflns.limit_l_min                      ? 
_reflns.number_all                       13297 
_reflns.number_obs                       13297 
_reflns.observed_criterion               ? 
_reflns.observed_criterion_F_max         ? 
_reflns.observed_criterion_F_min         ? 
_reflns.observed_criterion_I_max         ? 
_reflns.observed_criterion_I_min         ? 
_reflns.observed_criterion_sigma_F       ? 
_reflns.observed_criterion_sigma_I       ? 
_reflns.percent_possible_obs             98.800 
_reflns.R_free_details                   ? 
_reflns.Rmerge_F_all                     ? 
_reflns.Rmerge_F_obs                     ? 
_reflns.Friedel_coverage                 ? 
_reflns.number_gt                        ? 
_reflns.threshold_expression             ? 
_reflns.pdbx_redundancy                  11.400 
_reflns.pdbx_Rmerge_I_obs                ? 
_reflns.pdbx_Rmerge_I_all                ? 
_reflns.pdbx_Rsym_value                  0.074 
_reflns.pdbx_netI_over_av_sigmaI         9.286 
_reflns.pdbx_netI_over_sigmaI            24.300 
_reflns.pdbx_res_netI_over_av_sigmaI_2   ? 
_reflns.pdbx_res_netI_over_sigmaI_2      ? 
_reflns.pdbx_chi_squared                 ? 
_reflns.pdbx_scaling_rejects             ? 
_reflns.pdbx_d_res_high_opt              ? 
_reflns.pdbx_d_res_low_opt               ? 
_reflns.pdbx_d_res_opt_method            ? 
_reflns.phase_calculation_details        ? 
_reflns.pdbx_Rrim_I_all                  0.077 
_reflns.pdbx_Rpim_I_all                  0.022 
_reflns.pdbx_d_opt                       ? 
_reflns.pdbx_number_measured_all         151242 
_reflns.pdbx_diffrn_id                   1 
_reflns.pdbx_ordinal                     1 
_reflns.pdbx_CC_half                     ? 
_reflns.pdbx_R_split                     ? 
# 
loop_
_reflns_shell.d_res_high 
_reflns_shell.d_res_low 
_reflns_shell.meanI_over_sigI_all 
_reflns_shell.meanI_over_sigI_obs 
_reflns_shell.number_measured_all 
_reflns_shell.number_measured_obs 
_reflns_shell.number_possible 
_reflns_shell.number_unique_all 
_reflns_shell.number_unique_obs 
_reflns_shell.percent_possible_all 
_reflns_shell.percent_possible_obs 
_reflns_shell.Rmerge_F_all 
_reflns_shell.Rmerge_F_obs 
_reflns_shell.Rmerge_I_all 
_reflns_shell.Rmerge_I_obs 
_reflns_shell.meanI_over_sigI_gt 
_reflns_shell.meanI_over_uI_all 
_reflns_shell.meanI_over_uI_gt 
_reflns_shell.number_measured_gt 
_reflns_shell.number_unique_gt 
_reflns_shell.percent_possible_gt 
_reflns_shell.Rmerge_F_gt 
_reflns_shell.Rmerge_I_gt 
_reflns_shell.pdbx_redundancy 
_reflns_shell.pdbx_Rsym_value 
_reflns_shell.pdbx_chi_squared 
_reflns_shell.pdbx_netI_over_sigmaI_all 
_reflns_shell.pdbx_netI_over_sigmaI_obs 
_reflns_shell.pdbx_Rrim_I_all 
_reflns_shell.pdbx_Rpim_I_all 
_reflns_shell.pdbx_rejects 
_reflns_shell.pdbx_ordinal 
_reflns_shell.pdbx_diffrn_id 
_reflns_shell.pdbx_CC_half 
_reflns_shell.pdbx_R_split 
1.700 1.790  ? 1.900  16287 ? ? 1783 ? 93.900  ? ? ? ? 0.400 ? ? ? ? ? ? ? ? 9.100  0.400 ? ? 5.700  ? 0.128 0 1  1 ? ? 
1.790 1.900  ? 2.800  18311 ? ? 1798 ? 98.000  ? ? ? ? 0.278 ? ? ? ? ? ? ? ? 10.200 0.278 ? ? 8.500  ? 0.087 0 2  1 ? ? 
1.900 2.030  ? 4.000  19054 ? ? 1705 ? 99.700  ? ? ? ? 0.190 ? ? ? ? ? ? ? ? 11.200 0.190 ? ? 12.700 ? 0.058 0 3  1 ? ? 
2.030 2.200  ? 6.200  17997 ? ? 1589 ? 100.000 ? ? ? ? 0.124 ? ? ? ? ? ? ? ? 11.300 0.124 ? ? 18.600 ? 0.038 0 4  1 ? ? 
2.200 2.410  ? 8.200  18270 ? ? 1484 ? 100.000 ? ? ? ? 0.093 ? ? ? ? ? ? ? ? 12.300 0.093 ? ? 25.000 ? 0.027 0 5  1 ? ? 
2.410 2.690  ? 9.800  17991 ? ? 1362 ? 100.000 ? ? ? ? 0.075 ? ? ? ? ? ? ? ? 13.200 0.075 ? ? 30.800 ? 0.021 0 6  1 ? ? 
2.690 3.110  ? 11.700 15389 ? ? 1193 ? 100.000 ? ? ? ? 0.062 ? ? ? ? ? ? ? ? 12.900 0.062 ? ? 37.700 ? 0.018 0 7  1 ? ? 
3.110 3.800  ? 14.900 12481 ? ? 1037 ? 100.000 ? ? ? ? 0.044 ? ? ? ? ? ? ? ? 12.000 0.044 ? ? 47.900 ? 0.013 0 8  1 ? ? 
3.800 5.380  ? 18.900 9517  ? ? 835  ? 100.000 ? ? ? ? 0.035 ? ? ? ? ? ? ? ? 11.400 0.035 ? ? 55.000 ? 0.011 0 9  1 ? ? 
5.380 45.314 ? 17.600 5945  ? ? 511  ? 99.800  ? ? ? ? 0.034 ? ? ? ? ? ? ? ? 11.600 0.034 ? ? 53.100 ? 0.010 0 10 1 ? ? 
# 
_refine.aniso_B[1][1]                            ? 
_refine.aniso_B[1][2]                            ? 
_refine.aniso_B[1][3]                            ? 
_refine.aniso_B[2][2]                            ? 
_refine.aniso_B[2][3]                            ? 
_refine.aniso_B[3][3]                            ? 
_refine.B_iso_max                                50.470 
_refine.B_iso_mean                               16.5709 
_refine.B_iso_min                                6.310 
_refine.correlation_coeff_Fo_to_Fc               ? 
_refine.correlation_coeff_Fo_to_Fc_free          ? 
_refine.details                                  ? 
_refine.diff_density_max                         ? 
_refine.diff_density_max_esd                     ? 
_refine.diff_density_min                         ? 
_refine.diff_density_min_esd                     ? 
_refine.diff_density_rms                         ? 
_refine.diff_density_rms_esd                     ? 
_refine.entry_id                                 5H85 
_refine.pdbx_refine_id                           'X-RAY DIFFRACTION' 
_refine.ls_abs_structure_details                 ? 
_refine.ls_abs_structure_Flack                   ? 
_refine.ls_abs_structure_Flack_esd               ? 
_refine.ls_abs_structure_Rogers                  ? 
_refine.ls_abs_structure_Rogers_esd              ? 
_refine.ls_d_res_high                            1.7010 
_refine.ls_d_res_low                             41.5840 
_refine.ls_extinction_coef                       ? 
_refine.ls_extinction_coef_esd                   ? 
_refine.ls_extinction_expression                 ? 
_refine.ls_extinction_method                     ? 
_refine.ls_goodness_of_fit_all                   ? 
_refine.ls_goodness_of_fit_all_esd               ? 
_refine.ls_goodness_of_fit_obs                   ? 
_refine.ls_goodness_of_fit_obs_esd               ? 
_refine.ls_hydrogen_treatment                    ? 
_refine.ls_matrix_type                           ? 
_refine.ls_number_constraints                    ? 
_refine.ls_number_parameters                     ? 
_refine.ls_number_reflns_all                     ? 
_refine.ls_number_reflns_obs                     13248 
_refine.ls_number_reflns_R_free                  670 
_refine.ls_number_reflns_R_work                  12578 
_refine.ls_number_restraints                     ? 
_refine.ls_percent_reflns_obs                    98.5500 
_refine.ls_percent_reflns_R_free                 5.0600 
_refine.ls_R_factor_all                          ? 
_refine.ls_R_factor_obs                          0.1630 
_refine.ls_R_factor_R_free                       0.1985 
_refine.ls_R_factor_R_free_error                 ? 
_refine.ls_R_factor_R_free_error_details         ? 
_refine.ls_R_factor_R_work                       0.1611 
_refine.ls_R_Fsqd_factor_obs                     ? 
_refine.ls_R_I_factor_obs                        ? 
_refine.ls_redundancy_reflns_all                 ? 
_refine.ls_redundancy_reflns_obs                 ? 
_refine.ls_restrained_S_all                      ? 
_refine.ls_restrained_S_obs                      ? 
_refine.ls_shift_over_esd_max                    ? 
_refine.ls_shift_over_esd_mean                   ? 
_refine.ls_structure_factor_coef                 ? 
_refine.ls_weighting_details                     ? 
_refine.ls_weighting_scheme                      ? 
_refine.ls_wR_factor_all                         ? 
_refine.ls_wR_factor_obs                         ? 
_refine.ls_wR_factor_R_free                      ? 
_refine.ls_wR_factor_R_work                      ? 
_refine.occupancy_max                            ? 
_refine.occupancy_min                            ? 
_refine.solvent_model_details                    'FLAT BULK SOLVENT MODEL' 
_refine.solvent_model_param_bsol                 ? 
_refine.solvent_model_param_ksol                 ? 
_refine.ls_R_factor_gt                           ? 
_refine.ls_goodness_of_fit_gt                    ? 
_refine.ls_goodness_of_fit_ref                   ? 
_refine.ls_shift_over_su_max                     ? 
_refine.ls_shift_over_su_max_lt                  ? 
_refine.ls_shift_over_su_mean                    ? 
_refine.ls_shift_over_su_mean_lt                 ? 
_refine.pdbx_ls_sigma_I                          ? 
_refine.pdbx_ls_sigma_F                          1.350 
_refine.pdbx_ls_sigma_Fsqd                       ? 
_refine.pdbx_data_cutoff_high_absF               ? 
_refine.pdbx_data_cutoff_high_rms_absF           ? 
_refine.pdbx_data_cutoff_low_absF                ? 
_refine.pdbx_isotropic_thermal_model             ? 
_refine.pdbx_ls_cross_valid_method               'FREE R-VALUE' 
_refine.pdbx_method_to_determine_struct          'MOLECULAR REPLACEMENT' 
_refine.pdbx_starting_model                      4NR5 
_refine.pdbx_stereochemistry_target_values       ML 
_refine.pdbx_R_Free_selection_details            ? 
_refine.pdbx_stereochem_target_val_spec_case     ? 
_refine.pdbx_overall_ESU_R                       ? 
_refine.pdbx_overall_ESU_R_Free                  ? 
_refine.pdbx_solvent_vdw_probe_radii             1.1100 
_refine.pdbx_solvent_ion_probe_radii             ? 
_refine.pdbx_solvent_shrinkage_radii             0.9000 
_refine.pdbx_real_space_R                        ? 
_refine.pdbx_density_correlation                 ? 
_refine.pdbx_pd_number_of_powder_patterns        ? 
_refine.pdbx_pd_number_of_points                 ? 
_refine.pdbx_pd_meas_number_of_points            ? 
_refine.pdbx_pd_proc_ls_prof_R_factor            ? 
_refine.pdbx_pd_proc_ls_prof_wR_factor           ? 
_refine.pdbx_pd_Marquardt_correlation_coeff      ? 
_refine.pdbx_pd_Fsqrd_R_factor                   ? 
_refine.pdbx_pd_ls_matrix_band_width             ? 
_refine.pdbx_overall_phase_error                 17.8900 
_refine.pdbx_overall_SU_R_free_Cruickshank_DPI   ? 
_refine.pdbx_overall_SU_R_free_Blow_DPI          ? 
_refine.pdbx_overall_SU_R_Blow_DPI               ? 
_refine.pdbx_TLS_residual_ADP_flag               ? 
_refine.pdbx_diffrn_id                           1 
_refine.overall_SU_B                             ? 
_refine.overall_SU_ML                            0.1600 
_refine.overall_SU_R_Cruickshank_DPI             ? 
_refine.overall_SU_R_free                        ? 
_refine.overall_FOM_free_R_set                   ? 
_refine.overall_FOM_work_R_set                   ? 
_refine.pdbx_average_fsc_overall                 ? 
_refine.pdbx_average_fsc_work                    ? 
_refine.pdbx_average_fsc_free                    ? 
# 
_refine_hist.cycle_id                         final 
_refine_hist.pdbx_refine_id                   'X-RAY DIFFRACTION' 
_refine_hist.d_res_high                       1.7010 
_refine_hist.d_res_low                        41.5840 
_refine_hist.pdbx_number_atoms_ligand         22 
_refine_hist.number_atoms_solvent             220 
_refine_hist.number_atoms_total               1236 
_refine_hist.pdbx_number_residues_total       118 
_refine_hist.pdbx_B_iso_mean_ligand           17.43 
_refine_hist.pdbx_B_iso_mean_solvent          26.02 
_refine_hist.pdbx_number_atoms_protein        994 
_refine_hist.pdbx_number_atoms_nucleic_acid   0 
# 
loop_
_refine_ls_restr.pdbx_refine_id 
_refine_ls_restr.criterion 
_refine_ls_restr.dev_ideal 
_refine_ls_restr.dev_ideal_target 
_refine_ls_restr.number 
_refine_ls_restr.rejects 
_refine_ls_restr.type 
_refine_ls_restr.weight 
_refine_ls_restr.pdbx_restraint_function 
'X-RAY DIFFRACTION' ? 0.006  ? 1045 ? f_bond_d           ? ? 
'X-RAY DIFFRACTION' ? 0.832  ? 1416 ? f_angle_d          ? ? 
'X-RAY DIFFRACTION' ? 0.049  ? 144  ? f_chiral_restr     ? ? 
'X-RAY DIFFRACTION' ? 0.006  ? 183  ? f_plane_restr      ? ? 
'X-RAY DIFFRACTION' ? 14.666 ? 633  ? f_dihedral_angle_d ? ? 
# 
loop_
_refine_ls_shell.pdbx_refine_id 
_refine_ls_shell.d_res_high 
_refine_ls_shell.d_res_low 
_refine_ls_shell.number_reflns_all 
_refine_ls_shell.number_reflns_obs 
_refine_ls_shell.number_reflns_R_free 
_refine_ls_shell.number_reflns_R_work 
_refine_ls_shell.percent_reflns_obs 
_refine_ls_shell.percent_reflns_R_free 
_refine_ls_shell.R_factor_all 
_refine_ls_shell.R_factor_obs 
_refine_ls_shell.R_factor_R_free 
_refine_ls_shell.R_factor_R_free_error 
_refine_ls_shell.R_factor_R_work 
_refine_ls_shell.redundancy_reflns_all 
_refine_ls_shell.redundancy_reflns_obs 
_refine_ls_shell.wR_factor_all 
_refine_ls_shell.wR_factor_obs 
_refine_ls_shell.wR_factor_R_free 
_refine_ls_shell.wR_factor_R_work 
_refine_ls_shell.pdbx_total_number_of_bins_used 
_refine_ls_shell.pdbx_phase_error 
_refine_ls_shell.pdbx_fsc_work 
_refine_ls_shell.pdbx_fsc_free 
'X-RAY DIFFRACTION' 1.7011 1.8324  2473 . 126 2347 94.0000  . . . 0.2197 . 0.1715 . . . . . . 5 . . . 
'X-RAY DIFFRACTION' 1.8324 2.0168  2601 . 137 2464 99.0000  . . . 0.2138 . 0.1675 . . . . . . 5 . . . 
'X-RAY DIFFRACTION' 2.0168 2.3086  2645 . 127 2518 100.0000 . . . 0.1851 . 0.1610 . . . . . . 5 . . . 
'X-RAY DIFFRACTION' 2.3086 2.9085  2688 . 131 2557 100.0000 . . . 0.2215 . 0.1657 . . . . . . 5 . . . 
'X-RAY DIFFRACTION' 2.9085 41.5961 2841 . 149 2692 100.0000 . . . 0.1824 . 0.1543 . . . . . . 5 . . . 
# 
_struct.entry_id                     5H85 
_struct.title                        'Crystal structure of the bromodomain of human CREBBP in complex with UO37D' 
_struct.pdbx_model_details           ? 
_struct.pdbx_formula_weight          ? 
_struct.pdbx_formula_weight_method   ? 
_struct.pdbx_model_type_details      ? 
_struct.pdbx_CASP_flag               ? 
# 
_struct_keywords.entry_id        5H85 
_struct_keywords.text            'Transcription, INHIBITOR, transferase' 
_struct_keywords.pdbx_keywords   TRANSFERASE 
# 
loop_
_struct_asym.id 
_struct_asym.pdbx_blank_PDB_chainid_flag 
_struct_asym.pdbx_modified 
_struct_asym.entity_id 
_struct_asym.details 
A N N 1 ? 
B N N 2 ? 
C N N 3 ? 
# 
_struct_ref.id                         1 
_struct_ref.db_name                    UNP 
_struct_ref.db_code                    CBP_HUMAN 
_struct_ref.pdbx_db_accession          Q92793 
_struct_ref.pdbx_db_isoform            ? 
_struct_ref.entity_id                  1 
_struct_ref.pdbx_seq_one_letter_code   
;RKKIFKPEELRQALMPTLEALYRQDPESLPFRQPVDPQLLGIPDYFDIVKNPMDLSTIKRKLDTGQYQEPWQYVDDVWLM
FNNAWLYNRKTSRVYKFCSKLAEVFEQEIDPVMQSLG
;
_struct_ref.pdbx_align_begin           1081 
# 
_struct_ref_seq.align_id                      1 
_struct_ref_seq.ref_id                        1 
_struct_ref_seq.pdbx_PDB_id_code              5H85 
_struct_ref_seq.pdbx_strand_id                A 
_struct_ref_seq.seq_align_beg                 3 
_struct_ref_seq.pdbx_seq_align_beg_ins_code   ? 
_struct_ref_seq.seq_align_end                 119 
_struct_ref_seq.pdbx_seq_align_end_ins_code   ? 
_struct_ref_seq.pdbx_db_accession             Q92793 
_struct_ref_seq.db_align_beg                  1081 
_struct_ref_seq.pdbx_db_align_beg_ins_code    ? 
_struct_ref_seq.db_align_end                  1197 
_struct_ref_seq.pdbx_db_align_end_ins_code    ? 
_struct_ref_seq.pdbx_auth_seq_align_beg       1081 
_struct_ref_seq.pdbx_auth_seq_align_end       1197 
# 
loop_
_struct_ref_seq_dif.align_id 
_struct_ref_seq_dif.pdbx_pdb_id_code 
_struct_ref_seq_dif.mon_id 
_struct_ref_seq_dif.pdbx_pdb_strand_id 
_struct_ref_seq_dif.seq_num 
_struct_ref_seq_dif.pdbx_pdb_ins_code 
_struct_ref_seq_dif.pdbx_seq_db_name 
_struct_ref_seq_dif.pdbx_seq_db_accession_code 
_struct_ref_seq_dif.db_mon_id 
_struct_ref_seq_dif.pdbx_seq_db_seq_num 
_struct_ref_seq_dif.details 
_struct_ref_seq_dif.pdbx_auth_seq_num 
_struct_ref_seq_dif.pdbx_ordinal 
1 5H85 SER A 1 ? UNP Q92793 ? ? 'expression tag' 1079 1 
1 5H85 MET A 2 ? UNP Q92793 ? ? 'expression tag' 1080 2 
# 
_pdbx_struct_assembly.id                   1 
_pdbx_struct_assembly.details              author_and_software_defined_assembly 
_pdbx_struct_assembly.method_details       PISA 
_pdbx_struct_assembly.oligomeric_details   monomeric 
_pdbx_struct_assembly.oligomeric_count     1 
# 
loop_
_pdbx_struct_assembly_prop.biol_id 
_pdbx_struct_assembly_prop.type 
_pdbx_struct_assembly_prop.value 
_pdbx_struct_assembly_prop.details 
1 'ABSA (A^2)' 0    ? 
1 MORE         0    ? 
1 'SSA (A^2)'  7550 ? 
# 
_pdbx_struct_assembly_gen.assembly_id       1 
_pdbx_struct_assembly_gen.oper_expression   1 
_pdbx_struct_assembly_gen.asym_id_list      A,B,C 
# 
_pdbx_struct_oper_list.id                   1 
_pdbx_struct_oper_list.type                 'identity operation' 
_pdbx_struct_oper_list.name                 1_555 
_pdbx_struct_oper_list.symmetry_operation   x,y,z 
_pdbx_struct_oper_list.matrix[1][1]         1.0000000000 
_pdbx_struct_oper_list.matrix[1][2]         0.0000000000 
_pdbx_struct_oper_list.matrix[1][3]         0.0000000000 
_pdbx_struct_oper_list.vector[1]            0.0000000000 
_pdbx_struct_oper_list.matrix[2][1]         0.0000000000 
_pdbx_struct_oper_list.matrix[2][2]         1.0000000000 
_pdbx_struct_oper_list.matrix[2][3]         0.0000000000 
_pdbx_struct_oper_list.vector[2]            0.0000000000 
_pdbx_struct_oper_list.matrix[3][1]         0.0000000000 
_pdbx_struct_oper_list.matrix[3][2]         0.0000000000 
_pdbx_struct_oper_list.matrix[3][3]         1.0000000000 
_pdbx_struct_oper_list.vector[3]            0.0000000000 
# 
loop_
_struct_conf.conf_type_id 
_struct_conf.id 
_struct_conf.pdbx_PDB_helix_id 
_struct_conf.beg_label_comp_id 
_struct_conf.beg_label_asym_id 
_struct_conf.beg_label_seq_id 
_struct_conf.pdbx_beg_PDB_ins_code 
_struct_conf.end_label_comp_id 
_struct_conf.end_label_asym_id 
_struct_conf.end_label_seq_id 
_struct_conf.pdbx_end_PDB_ins_code 
_struct_conf.beg_auth_comp_id 
_struct_conf.beg_auth_asym_id 
_struct_conf.beg_auth_seq_id 
_struct_conf.end_auth_comp_id 
_struct_conf.end_auth_asym_id 
_struct_conf.end_auth_seq_id 
_struct_conf.pdbx_PDB_helix_class 
_struct_conf.details 
_struct_conf.pdbx_PDB_helix_length 
HELX_P HELX_P1 AA1 LYS A 8  ? ARG A 25  ? LYS A 1086 ARG A 1103 1 ? 18 
HELX_P HELX_P2 AA2 SER A 30 ? ARG A 34  ? SER A 1108 ARG A 1112 5 ? 5  
HELX_P HELX_P3 AA3 ASP A 38 ? GLY A 43  ? ASP A 1116 GLY A 1121 1 ? 6  
HELX_P HELX_P4 AA4 ASP A 46 ? VAL A 51  ? ASP A 1124 VAL A 1129 1 ? 6  
HELX_P HELX_P5 AA5 ASP A 56 ? THR A 66  ? ASP A 1134 THR A 1144 1 ? 11 
HELX_P HELX_P6 AA6 GLU A 71 ? ASN A 90  ? GLU A 1149 ASN A 1168 1 ? 20 
HELX_P HELX_P7 AA7 SER A 94 ? LEU A 118 ? SER A 1172 LEU A 1196 1 ? 25 
# 
_struct_conf_type.id          HELX_P 
_struct_conf_type.criteria    ? 
_struct_conf_type.reference   ? 
# 
_struct_mon_prot_cis.pdbx_id                1 
_struct_mon_prot_cis.label_comp_id          ASP 
_struct_mon_prot_cis.label_seq_id           27 
_struct_mon_prot_cis.label_asym_id          A 
_struct_mon_prot_cis.label_alt_id           . 
_struct_mon_prot_cis.pdbx_PDB_ins_code      ? 
_struct_mon_prot_cis.auth_comp_id           ASP 
_struct_mon_prot_cis.auth_seq_id            1105 
_struct_mon_prot_cis.auth_asym_id           A 
_struct_mon_prot_cis.pdbx_label_comp_id_2   PRO 
_struct_mon_prot_cis.pdbx_label_seq_id_2    28 
_struct_mon_prot_cis.pdbx_label_asym_id_2   A 
_struct_mon_prot_cis.pdbx_PDB_ins_code_2    ? 
_struct_mon_prot_cis.pdbx_auth_comp_id_2    PRO 
_struct_mon_prot_cis.pdbx_auth_seq_id_2     1106 
_struct_mon_prot_cis.pdbx_auth_asym_id_2    A 
_struct_mon_prot_cis.pdbx_PDB_model_num     1 
_struct_mon_prot_cis.pdbx_omega_angle       6.41 
# 
_struct_site.id                   AC1 
_struct_site.pdbx_evidence_code   Software 
_struct_site.pdbx_auth_asym_id    A 
_struct_site.pdbx_auth_comp_id    5XS 
_struct_site.pdbx_auth_seq_id     1201 
_struct_site.pdbx_auth_ins_code   ? 
_struct_site.pdbx_num_residues    11 
_struct_site.details              'binding site for residue 5XS A 1201' 
# 
loop_
_struct_site_gen.id 
_struct_site_gen.site_id 
_struct_site_gen.pdbx_num_res 
_struct_site_gen.label_comp_id 
_struct_site_gen.label_asym_id 
_struct_site_gen.label_seq_id 
_struct_site_gen.pdbx_auth_ins_code 
_struct_site_gen.auth_comp_id 
_struct_site_gen.auth_asym_id 
_struct_site_gen.auth_seq_id 
_struct_site_gen.label_atom_id 
_struct_site_gen.label_alt_id 
_struct_site_gen.symmetry 
_struct_site_gen.details 
1  AC1 11 PRO A 32 ? PRO A 1110 . ? 1_555 ? 
2  AC1 11 GLN A 35 ? GLN A 1113 . ? 1_555 ? 
3  AC1 11 VAL A 37 ? VAL A 1115 . ? 1_555 ? 
4  AC1 11 ASN A 90 ? ASN A 1168 . ? 1_555 ? 
5  AC1 11 VAL A 96 ? VAL A 1174 . ? 1_555 ? 
6  AC1 11 HOH C .  ? HOH A 1317 . ? 1_555 ? 
7  AC1 11 HOH C .  ? HOH A 1370 . ? 1_555 ? 
8  AC1 11 HOH C .  ? HOH A 1380 . ? 1_555 ? 
9  AC1 11 HOH C .  ? HOH A 1410 . ? 1_555 ? 
10 AC1 11 HOH C .  ? HOH A 1429 . ? 1_555 ? 
11 AC1 11 HOH C .  ? HOH A 1446 . ? 1_555 ? 
# 
loop_
_pdbx_validate_close_contact.id 
_pdbx_validate_close_contact.PDB_model_num 
_pdbx_validate_close_contact.auth_atom_id_1 
_pdbx_validate_close_contact.auth_asym_id_1 
_pdbx_validate_close_contact.auth_comp_id_1 
_pdbx_validate_close_contact.auth_seq_id_1 
_pdbx_validate_close_contact.PDB_ins_code_1 
_pdbx_validate_close_contact.label_alt_id_1 
_pdbx_validate_close_contact.auth_atom_id_2 
_pdbx_validate_close_contact.auth_asym_id_2 
_pdbx_validate_close_contact.auth_comp_id_2 
_pdbx_validate_close_contact.auth_seq_id_2 
_pdbx_validate_close_contact.PDB_ins_code_2 
_pdbx_validate_close_contact.label_alt_id_2 
_pdbx_validate_close_contact.dist 
1 1 NH2 A ARG 1081 ? ? O A HOH 1301 ? ? 1.88 
2 1 O   A HOH 1450 ? ? O A HOH 1478 ? ? 1.94 
3 1 OD2 A ASP 1155 ? ? O A HOH 1302 ? ? 2.03 
4 1 O   A HOH 1316 ? ? O A HOH 1379 ? ? 2.08 
5 1 O   A HOH 1312 ? ? O A HOH 1466 ? ? 2.13 
6 1 O   A HOH 1422 ? ? O A HOH 1465 ? ? 2.14 
# 
_pdbx_validate_symm_contact.id                1 
_pdbx_validate_symm_contact.PDB_model_num     1 
_pdbx_validate_symm_contact.auth_atom_id_1    O 
_pdbx_validate_symm_contact.auth_asym_id_1    A 
_pdbx_validate_symm_contact.auth_comp_id_1    HOH 
_pdbx_validate_symm_contact.auth_seq_id_1     1448 
_pdbx_validate_symm_contact.PDB_ins_code_1    ? 
_pdbx_validate_symm_contact.label_alt_id_1    ? 
_pdbx_validate_symm_contact.site_symmetry_1   1_555 
_pdbx_validate_symm_contact.auth_atom_id_2    O 
_pdbx_validate_symm_contact.auth_asym_id_2    A 
_pdbx_validate_symm_contact.auth_comp_id_2    HOH 
_pdbx_validate_symm_contact.auth_seq_id_2     1478 
_pdbx_validate_symm_contact.PDB_ins_code_2    ? 
_pdbx_validate_symm_contact.label_alt_id_2    ? 
_pdbx_validate_symm_contact.site_symmetry_2   3_445 
_pdbx_validate_symm_contact.dist              2.08 
# 
_pdbx_phasing_MR.entry_id                     5H85 
_pdbx_phasing_MR.method_rotation              ? 
_pdbx_phasing_MR.method_translation           ? 
_pdbx_phasing_MR.model_details                'Phaser MODE: MR_AUTO' 
_pdbx_phasing_MR.R_factor                     ? 
_pdbx_phasing_MR.R_rigid_body                 ? 
_pdbx_phasing_MR.correlation_coeff_Fo_to_Fc   ? 
_pdbx_phasing_MR.correlation_coeff_Io_to_Ic   ? 
_pdbx_phasing_MR.d_res_high_rotation          1.700 
_pdbx_phasing_MR.d_res_low_rotation           41.580 
_pdbx_phasing_MR.d_res_high_translation       1.700 
_pdbx_phasing_MR.d_res_low_translation        41.580 
_pdbx_phasing_MR.packing                      ? 
_pdbx_phasing_MR.reflns_percent_rotation      ? 
_pdbx_phasing_MR.reflns_percent_translation   ? 
_pdbx_phasing_MR.sigma_F_rotation             ? 
_pdbx_phasing_MR.sigma_F_translation          ? 
_pdbx_phasing_MR.sigma_I_rotation             ? 
_pdbx_phasing_MR.sigma_I_translation          ? 
# 
_phasing.method   MR 
# 
_pdbx_unobs_or_zero_occ_residues.id               1 
_pdbx_unobs_or_zero_occ_residues.PDB_model_num    1 
_pdbx_unobs_or_zero_occ_residues.polymer_flag     Y 
_pdbx_unobs_or_zero_occ_residues.occupancy_flag   1 
_pdbx_unobs_or_zero_occ_residues.auth_asym_id     A 
_pdbx_unobs_or_zero_occ_residues.auth_comp_id     SER 
_pdbx_unobs_or_zero_occ_residues.auth_seq_id      1079 
_pdbx_unobs_or_zero_occ_residues.PDB_ins_code     ? 
_pdbx_unobs_or_zero_occ_residues.label_asym_id    A 
_pdbx_unobs_or_zero_occ_residues.label_comp_id    SER 
_pdbx_unobs_or_zero_occ_residues.label_seq_id     1 
# 
loop_
_chem_comp_atom.comp_id 
_chem_comp_atom.atom_id 
_chem_comp_atom.type_symbol 
_chem_comp_atom.pdbx_aromatic_flag 
_chem_comp_atom.pdbx_stereo_config 
_chem_comp_atom.pdbx_ordinal 
5XS C10  C N N 1   
5XS N12  N N N 2   
5XS C13  C Y N 3   
5XS C15  C Y N 4   
5XS C17  C Y N 5   
5XS C21  C Y N 6   
5XS C22  C Y N 7   
5XS C01  C N N 8   
5XS O02  O N N 9   
5XS C03  C N N 10  
5XS O04  O N N 11  
5XS C05  C Y N 12  
5XS C06  C Y N 13  
5XS C07  C Y N 14  
5XS C08  C Y N 15  
5XS C09  C Y N 16  
5XS O11  O N N 17  
5XS N14  N Y N 18  
5XS N16  N Y N 19  
5XS N18  N Y N 20  
5XS C19  C Y N 21  
5XS N20  N Y N 22  
5XS H1   H N N 23  
5XS H2   H N N 24  
5XS H3   H N N 25  
5XS H4   H N N 26  
5XS H5   H N N 27  
5XS H6   H N N 28  
5XS H7   H N N 29  
5XS H8   H N N 30  
5XS H9   H N N 31  
5XS H11  H N N 32  
5XS H12  H N N 33  
ALA N    N N N 34  
ALA CA   C N S 35  
ALA C    C N N 36  
ALA O    O N N 37  
ALA CB   C N N 38  
ALA OXT  O N N 39  
ALA H    H N N 40  
ALA H2   H N N 41  
ALA HA   H N N 42  
ALA HB1  H N N 43  
ALA HB2  H N N 44  
ALA HB3  H N N 45  
ALA HXT  H N N 46  
ARG N    N N N 47  
ARG CA   C N S 48  
ARG C    C N N 49  
ARG O    O N N 50  
ARG CB   C N N 51  
ARG CG   C N N 52  
ARG CD   C N N 53  
ARG NE   N N N 54  
ARG CZ   C N N 55  
ARG NH1  N N N 56  
ARG NH2  N N N 57  
ARG OXT  O N N 58  
ARG H    H N N 59  
ARG H2   H N N 60  
ARG HA   H N N 61  
ARG HB2  H N N 62  
ARG HB3  H N N 63  
ARG HG2  H N N 64  
ARG HG3  H N N 65  
ARG HD2  H N N 66  
ARG HD3  H N N 67  
ARG HE   H N N 68  
ARG HH11 H N N 69  
ARG HH12 H N N 70  
ARG HH21 H N N 71  
ARG HH22 H N N 72  
ARG HXT  H N N 73  
ASN N    N N N 74  
ASN CA   C N S 75  
ASN C    C N N 76  
ASN O    O N N 77  
ASN CB   C N N 78  
ASN CG   C N N 79  
ASN OD1  O N N 80  
ASN ND2  N N N 81  
ASN OXT  O N N 82  
ASN H    H N N 83  
ASN H2   H N N 84  
ASN HA   H N N 85  
ASN HB2  H N N 86  
ASN HB3  H N N 87  
ASN HD21 H N N 88  
ASN HD22 H N N 89  
ASN HXT  H N N 90  
ASP N    N N N 91  
ASP CA   C N S 92  
ASP C    C N N 93  
ASP O    O N N 94  
ASP CB   C N N 95  
ASP CG   C N N 96  
ASP OD1  O N N 97  
ASP OD2  O N N 98  
ASP OXT  O N N 99  
ASP H    H N N 100 
ASP H2   H N N 101 
ASP HA   H N N 102 
ASP HB2  H N N 103 
ASP HB3  H N N 104 
ASP HD2  H N N 105 
ASP HXT  H N N 106 
CYS N    N N N 107 
CYS CA   C N R 108 
CYS C    C N N 109 
CYS O    O N N 110 
CYS CB   C N N 111 
CYS SG   S N N 112 
CYS OXT  O N N 113 
CYS H    H N N 114 
CYS H2   H N N 115 
CYS HA   H N N 116 
CYS HB2  H N N 117 
CYS HB3  H N N 118 
CYS HG   H N N 119 
CYS HXT  H N N 120 
GLN N    N N N 121 
GLN CA   C N S 122 
GLN C    C N N 123 
GLN O    O N N 124 
GLN CB   C N N 125 
GLN CG   C N N 126 
GLN CD   C N N 127 
GLN OE1  O N N 128 
GLN NE2  N N N 129 
GLN OXT  O N N 130 
GLN H    H N N 131 
GLN H2   H N N 132 
GLN HA   H N N 133 
GLN HB2  H N N 134 
GLN HB3  H N N 135 
GLN HG2  H N N 136 
GLN HG3  H N N 137 
GLN HE21 H N N 138 
GLN HE22 H N N 139 
GLN HXT  H N N 140 
GLU N    N N N 141 
GLU CA   C N S 142 
GLU C    C N N 143 
GLU O    O N N 144 
GLU CB   C N N 145 
GLU CG   C N N 146 
GLU CD   C N N 147 
GLU OE1  O N N 148 
GLU OE2  O N N 149 
GLU OXT  O N N 150 
GLU H    H N N 151 
GLU H2   H N N 152 
GLU HA   H N N 153 
GLU HB2  H N N 154 
GLU HB3  H N N 155 
GLU HG2  H N N 156 
GLU HG3  H N N 157 
GLU HE2  H N N 158 
GLU HXT  H N N 159 
GLY N    N N N 160 
GLY CA   C N N 161 
GLY C    C N N 162 
GLY O    O N N 163 
GLY OXT  O N N 164 
GLY H    H N N 165 
GLY H2   H N N 166 
GLY HA2  H N N 167 
GLY HA3  H N N 168 
GLY HXT  H N N 169 
HOH O    O N N 170 
HOH H1   H N N 171 
HOH H2   H N N 172 
ILE N    N N N 173 
ILE CA   C N S 174 
ILE C    C N N 175 
ILE O    O N N 176 
ILE CB   C N S 177 
ILE CG1  C N N 178 
ILE CG2  C N N 179 
ILE CD1  C N N 180 
ILE OXT  O N N 181 
ILE H    H N N 182 
ILE H2   H N N 183 
ILE HA   H N N 184 
ILE HB   H N N 185 
ILE HG12 H N N 186 
ILE HG13 H N N 187 
ILE HG21 H N N 188 
ILE HG22 H N N 189 
ILE HG23 H N N 190 
ILE HD11 H N N 191 
ILE HD12 H N N 192 
ILE HD13 H N N 193 
ILE HXT  H N N 194 
LEU N    N N N 195 
LEU CA   C N S 196 
LEU C    C N N 197 
LEU O    O N N 198 
LEU CB   C N N 199 
LEU CG   C N N 200 
LEU CD1  C N N 201 
LEU CD2  C N N 202 
LEU OXT  O N N 203 
LEU H    H N N 204 
LEU H2   H N N 205 
LEU HA   H N N 206 
LEU HB2  H N N 207 
LEU HB3  H N N 208 
LEU HG   H N N 209 
LEU HD11 H N N 210 
LEU HD12 H N N 211 
LEU HD13 H N N 212 
LEU HD21 H N N 213 
LEU HD22 H N N 214 
LEU HD23 H N N 215 
LEU HXT  H N N 216 
LYS N    N N N 217 
LYS CA   C N S 218 
LYS C    C N N 219 
LYS O    O N N 220 
LYS CB   C N N 221 
LYS CG   C N N 222 
LYS CD   C N N 223 
LYS CE   C N N 224 
LYS NZ   N N N 225 
LYS OXT  O N N 226 
LYS H    H N N 227 
LYS H2   H N N 228 
LYS HA   H N N 229 
LYS HB2  H N N 230 
LYS HB3  H N N 231 
LYS HG2  H N N 232 
LYS HG3  H N N 233 
LYS HD2  H N N 234 
LYS HD3  H N N 235 
LYS HE2  H N N 236 
LYS HE3  H N N 237 
LYS HZ1  H N N 238 
LYS HZ2  H N N 239 
LYS HZ3  H N N 240 
LYS HXT  H N N 241 
MET N    N N N 242 
MET CA   C N S 243 
MET C    C N N 244 
MET O    O N N 245 
MET CB   C N N 246 
MET CG   C N N 247 
MET SD   S N N 248 
MET CE   C N N 249 
MET OXT  O N N 250 
MET H    H N N 251 
MET H2   H N N 252 
MET HA   H N N 253 
MET HB2  H N N 254 
MET HB3  H N N 255 
MET HG2  H N N 256 
MET HG3  H N N 257 
MET HE1  H N N 258 
MET HE2  H N N 259 
MET HE3  H N N 260 
MET HXT  H N N 261 
PHE N    N N N 262 
PHE CA   C N S 263 
PHE C    C N N 264 
PHE O    O N N 265 
PHE CB   C N N 266 
PHE CG   C Y N 267 
PHE CD1  C Y N 268 
PHE CD2  C Y N 269 
PHE CE1  C Y N 270 
PHE CE2  C Y N 271 
PHE CZ   C Y N 272 
PHE OXT  O N N 273 
PHE H    H N N 274 
PHE H2   H N N 275 
PHE HA   H N N 276 
PHE HB2  H N N 277 
PHE HB3  H N N 278 
PHE HD1  H N N 279 
PHE HD2  H N N 280 
PHE HE1  H N N 281 
PHE HE2  H N N 282 
PHE HZ   H N N 283 
PHE HXT  H N N 284 
PRO N    N N N 285 
PRO CA   C N S 286 
PRO C    C N N 287 
PRO O    O N N 288 
PRO CB   C N N 289 
PRO CG   C N N 290 
PRO CD   C N N 291 
PRO OXT  O N N 292 
PRO H    H N N 293 
PRO HA   H N N 294 
PRO HB2  H N N 295 
PRO HB3  H N N 296 
PRO HG2  H N N 297 
PRO HG3  H N N 298 
PRO HD2  H N N 299 
PRO HD3  H N N 300 
PRO HXT  H N N 301 
SER N    N N N 302 
SER CA   C N S 303 
SER C    C N N 304 
SER O    O N N 305 
SER CB   C N N 306 
SER OG   O N N 307 
SER OXT  O N N 308 
SER H    H N N 309 
SER H2   H N N 310 
SER HA   H N N 311 
SER HB2  H N N 312 
SER HB3  H N N 313 
SER HG   H N N 314 
SER HXT  H N N 315 
THR N    N N N 316 
THR CA   C N S 317 
THR C    C N N 318 
THR O    O N N 319 
THR CB   C N R 320 
THR OG1  O N N 321 
THR CG2  C N N 322 
THR OXT  O N N 323 
THR H    H N N 324 
THR H2   H N N 325 
THR HA   H N N 326 
THR HB   H N N 327 
THR HG1  H N N 328 
THR HG21 H N N 329 
THR HG22 H N N 330 
THR HG23 H N N 331 
THR HXT  H N N 332 
TRP N    N N N 333 
TRP CA   C N S 334 
TRP C    C N N 335 
TRP O    O N N 336 
TRP CB   C N N 337 
TRP CG   C Y N 338 
TRP CD1  C Y N 339 
TRP CD2  C Y N 340 
TRP NE1  N Y N 341 
TRP CE2  C Y N 342 
TRP CE3  C Y N 343 
TRP CZ2  C Y N 344 
TRP CZ3  C Y N 345 
TRP CH2  C Y N 346 
TRP OXT  O N N 347 
TRP H    H N N 348 
TRP H2   H N N 349 
TRP HA   H N N 350 
TRP HB2  H N N 351 
TRP HB3  H N N 352 
TRP HD1  H N N 353 
TRP HE1  H N N 354 
TRP HE3  H N N 355 
TRP HZ2  H N N 356 
TRP HZ3  H N N 357 
TRP HH2  H N N 358 
TRP HXT  H N N 359 
TYR N    N N N 360 
TYR CA   C N S 361 
TYR C    C N N 362 
TYR O    O N N 363 
TYR CB   C N N 364 
TYR CG   C Y N 365 
TYR CD1  C Y N 366 
TYR CD2  C Y N 367 
TYR CE1  C Y N 368 
TYR CE2  C Y N 369 
TYR CZ   C Y N 370 
TYR OH   O N N 371 
TYR OXT  O N N 372 
TYR H    H N N 373 
TYR H2   H N N 374 
TYR HA   H N N 375 
TYR HB2  H N N 376 
TYR HB3  H N N 377 
TYR HD1  H N N 378 
TYR HD2  H N N 379 
TYR HE1  H N N 380 
TYR HE2  H N N 381 
TYR HH   H N N 382 
TYR HXT  H N N 383 
VAL N    N N N 384 
VAL CA   C N S 385 
VAL C    C N N 386 
VAL O    O N N 387 
VAL CB   C N N 388 
VAL CG1  C N N 389 
VAL CG2  C N N 390 
VAL OXT  O N N 391 
VAL H    H N N 392 
VAL H2   H N N 393 
VAL HA   H N N 394 
VAL HB   H N N 395 
VAL HG11 H N N 396 
VAL HG12 H N N 397 
VAL HG13 H N N 398 
VAL HG21 H N N 399 
VAL HG22 H N N 400 
VAL HG23 H N N 401 
VAL HXT  H N N 402 
# 
loop_
_chem_comp_bond.comp_id 
_chem_comp_bond.atom_id_1 
_chem_comp_bond.atom_id_2 
_chem_comp_bond.value_order 
_chem_comp_bond.pdbx_aromatic_flag 
_chem_comp_bond.pdbx_stereo_config 
_chem_comp_bond.pdbx_ordinal 
5XS C01 O02  sing N N 1   
5XS O04 C03  doub N N 2   
5XS O02 C03  sing N N 3   
5XS C03 C05  sing N N 4   
5XS C05 C06  doub Y N 5   
5XS C05 C22  sing Y N 6   
5XS C06 C07  sing Y N 7   
5XS C22 C09  doub Y N 8   
5XS C07 C08  doub Y N 9   
5XS C09 C08  sing Y N 10  
5XS C09 C10  sing N N 11  
5XS C19 N20  sing Y N 12  
5XS C19 N18  doub Y N 13  
5XS N20 C21  sing Y N 14  
5XS O11 C10  doub N N 15  
5XS C10 N12  sing N N 16  
5XS N18 C17  sing Y N 17  
5XS N12 C13  sing N N 18  
5XS C21 C17  doub Y N 19  
5XS C21 C13  sing Y N 20  
5XS C17 N16  sing Y N 21  
5XS C13 N14  doub Y N 22  
5XS N16 C15  doub Y N 23  
5XS N14 C15  sing Y N 24  
5XS N12 H1   sing N N 25  
5XS C15 H2   sing N N 26  
5XS C22 H3   sing N N 27  
5XS C01 H4   sing N N 28  
5XS C01 H5   sing N N 29  
5XS C01 H6   sing N N 30  
5XS C06 H7   sing N N 31  
5XS C07 H8   sing N N 32  
5XS C08 H9   sing N N 33  
5XS C19 H11  sing N N 34  
5XS N20 H12  sing N N 35  
ALA N   CA   sing N N 36  
ALA N   H    sing N N 37  
ALA N   H2   sing N N 38  
ALA CA  C    sing N N 39  
ALA CA  CB   sing N N 40  
ALA CA  HA   sing N N 41  
ALA C   O    doub N N 42  
ALA C   OXT  sing N N 43  
ALA CB  HB1  sing N N 44  
ALA CB  HB2  sing N N 45  
ALA CB  HB3  sing N N 46  
ALA OXT HXT  sing N N 47  
ARG N   CA   sing N N 48  
ARG N   H    sing N N 49  
ARG N   H2   sing N N 50  
ARG CA  C    sing N N 51  
ARG CA  CB   sing N N 52  
ARG CA  HA   sing N N 53  
ARG C   O    doub N N 54  
ARG C   OXT  sing N N 55  
ARG CB  CG   sing N N 56  
ARG CB  HB2  sing N N 57  
ARG CB  HB3  sing N N 58  
ARG CG  CD   sing N N 59  
ARG CG  HG2  sing N N 60  
ARG CG  HG3  sing N N 61  
ARG CD  NE   sing N N 62  
ARG CD  HD2  sing N N 63  
ARG CD  HD3  sing N N 64  
ARG NE  CZ   sing N N 65  
ARG NE  HE   sing N N 66  
ARG CZ  NH1  sing N N 67  
ARG CZ  NH2  doub N N 68  
ARG NH1 HH11 sing N N 69  
ARG NH1 HH12 sing N N 70  
ARG NH2 HH21 sing N N 71  
ARG NH2 HH22 sing N N 72  
ARG OXT HXT  sing N N 73  
ASN N   CA   sing N N 74  
ASN N   H    sing N N 75  
ASN N   H2   sing N N 76  
ASN CA  C    sing N N 77  
ASN CA  CB   sing N N 78  
ASN CA  HA   sing N N 79  
ASN C   O    doub N N 80  
ASN C   OXT  sing N N 81  
ASN CB  CG   sing N N 82  
ASN CB  HB2  sing N N 83  
ASN CB  HB3  sing N N 84  
ASN CG  OD1  doub N N 85  
ASN CG  ND2  sing N N 86  
ASN ND2 HD21 sing N N 87  
ASN ND2 HD22 sing N N 88  
ASN OXT HXT  sing N N 89  
ASP N   CA   sing N N 90  
ASP N   H    sing N N 91  
ASP N   H2   sing N N 92  
ASP CA  C    sing N N 93  
ASP CA  CB   sing N N 94  
ASP CA  HA   sing N N 95  
ASP C   O    doub N N 96  
ASP C   OXT  sing N N 97  
ASP CB  CG   sing N N 98  
ASP CB  HB2  sing N N 99  
ASP CB  HB3  sing N N 100 
ASP CG  OD1  doub N N 101 
ASP CG  OD2  sing N N 102 
ASP OD2 HD2  sing N N 103 
ASP OXT HXT  sing N N 104 
CYS N   CA   sing N N 105 
CYS N   H    sing N N 106 
CYS N   H2   sing N N 107 
CYS CA  C    sing N N 108 
CYS CA  CB   sing N N 109 
CYS CA  HA   sing N N 110 
CYS C   O    doub N N 111 
CYS C   OXT  sing N N 112 
CYS CB  SG   sing N N 113 
CYS CB  HB2  sing N N 114 
CYS CB  HB3  sing N N 115 
CYS SG  HG   sing N N 116 
CYS OXT HXT  sing N N 117 
GLN N   CA   sing N N 118 
GLN N   H    sing N N 119 
GLN N   H2   sing N N 120 
GLN CA  C    sing N N 121 
GLN CA  CB   sing N N 122 
GLN CA  HA   sing N N 123 
GLN C   O    doub N N 124 
GLN C   OXT  sing N N 125 
GLN CB  CG   sing N N 126 
GLN CB  HB2  sing N N 127 
GLN CB  HB3  sing N N 128 
GLN CG  CD   sing N N 129 
GLN CG  HG2  sing N N 130 
GLN CG  HG3  sing N N 131 
GLN CD  OE1  doub N N 132 
GLN CD  NE2  sing N N 133 
GLN NE2 HE21 sing N N 134 
GLN NE2 HE22 sing N N 135 
GLN OXT HXT  sing N N 136 
GLU N   CA   sing N N 137 
GLU N   H    sing N N 138 
GLU N   H2   sing N N 139 
GLU CA  C    sing N N 140 
GLU CA  CB   sing N N 141 
GLU CA  HA   sing N N 142 
GLU C   O    doub N N 143 
GLU C   OXT  sing N N 144 
GLU CB  CG   sing N N 145 
GLU CB  HB2  sing N N 146 
GLU CB  HB3  sing N N 147 
GLU CG  CD   sing N N 148 
GLU CG  HG2  sing N N 149 
GLU CG  HG3  sing N N 150 
GLU CD  OE1  doub N N 151 
GLU CD  OE2  sing N N 152 
GLU OE2 HE2  sing N N 153 
GLU OXT HXT  sing N N 154 
GLY N   CA   sing N N 155 
GLY N   H    sing N N 156 
GLY N   H2   sing N N 157 
GLY CA  C    sing N N 158 
GLY CA  HA2  sing N N 159 
GLY CA  HA3  sing N N 160 
GLY C   O    doub N N 161 
GLY C   OXT  sing N N 162 
GLY OXT HXT  sing N N 163 
HOH O   H1   sing N N 164 
HOH O   H2   sing N N 165 
ILE N   CA   sing N N 166 
ILE N   H    sing N N 167 
ILE N   H2   sing N N 168 
ILE CA  C    sing N N 169 
ILE CA  CB   sing N N 170 
ILE CA  HA   sing N N 171 
ILE C   O    doub N N 172 
ILE C   OXT  sing N N 173 
ILE CB  CG1  sing N N 174 
ILE CB  CG2  sing N N 175 
ILE CB  HB   sing N N 176 
ILE CG1 CD1  sing N N 177 
ILE CG1 HG12 sing N N 178 
ILE CG1 HG13 sing N N 179 
ILE CG2 HG21 sing N N 180 
ILE CG2 HG22 sing N N 181 
ILE CG2 HG23 sing N N 182 
ILE CD1 HD11 sing N N 183 
ILE CD1 HD12 sing N N 184 
ILE CD1 HD13 sing N N 185 
ILE OXT HXT  sing N N 186 
LEU N   CA   sing N N 187 
LEU N   H    sing N N 188 
LEU N   H2   sing N N 189 
LEU CA  C    sing N N 190 
LEU CA  CB   sing N N 191 
LEU CA  HA   sing N N 192 
LEU C   O    doub N N 193 
LEU C   OXT  sing N N 194 
LEU CB  CG   sing N N 195 
LEU CB  HB2  sing N N 196 
LEU CB  HB3  sing N N 197 
LEU CG  CD1  sing N N 198 
LEU CG  CD2  sing N N 199 
LEU CG  HG   sing N N 200 
LEU CD1 HD11 sing N N 201 
LEU CD1 HD12 sing N N 202 
LEU CD1 HD13 sing N N 203 
LEU CD2 HD21 sing N N 204 
LEU CD2 HD22 sing N N 205 
LEU CD2 HD23 sing N N 206 
LEU OXT HXT  sing N N 207 
LYS N   CA   sing N N 208 
LYS N   H    sing N N 209 
LYS N   H2   sing N N 210 
LYS CA  C    sing N N 211 
LYS CA  CB   sing N N 212 
LYS CA  HA   sing N N 213 
LYS C   O    doub N N 214 
LYS C   OXT  sing N N 215 
LYS CB  CG   sing N N 216 
LYS CB  HB2  sing N N 217 
LYS CB  HB3  sing N N 218 
LYS CG  CD   sing N N 219 
LYS CG  HG2  sing N N 220 
LYS CG  HG3  sing N N 221 
LYS CD  CE   sing N N 222 
LYS CD  HD2  sing N N 223 
LYS CD  HD3  sing N N 224 
LYS CE  NZ   sing N N 225 
LYS CE  HE2  sing N N 226 
LYS CE  HE3  sing N N 227 
LYS NZ  HZ1  sing N N 228 
LYS NZ  HZ2  sing N N 229 
LYS NZ  HZ3  sing N N 230 
LYS OXT HXT  sing N N 231 
MET N   CA   sing N N 232 
MET N   H    sing N N 233 
MET N   H2   sing N N 234 
MET CA  C    sing N N 235 
MET CA  CB   sing N N 236 
MET CA  HA   sing N N 237 
MET C   O    doub N N 238 
MET C   OXT  sing N N 239 
MET CB  CG   sing N N 240 
MET CB  HB2  sing N N 241 
MET CB  HB3  sing N N 242 
MET CG  SD   sing N N 243 
MET CG  HG2  sing N N 244 
MET CG  HG3  sing N N 245 
MET SD  CE   sing N N 246 
MET CE  HE1  sing N N 247 
MET CE  HE2  sing N N 248 
MET CE  HE3  sing N N 249 
MET OXT HXT  sing N N 250 
PHE N   CA   sing N N 251 
PHE N   H    sing N N 252 
PHE N   H2   sing N N 253 
PHE CA  C    sing N N 254 
PHE CA  CB   sing N N 255 
PHE CA  HA   sing N N 256 
PHE C   O    doub N N 257 
PHE C   OXT  sing N N 258 
PHE CB  CG   sing N N 259 
PHE CB  HB2  sing N N 260 
PHE CB  HB3  sing N N 261 
PHE CG  CD1  doub Y N 262 
PHE CG  CD2  sing Y N 263 
PHE CD1 CE1  sing Y N 264 
PHE CD1 HD1  sing N N 265 
PHE CD2 CE2  doub Y N 266 
PHE CD2 HD2  sing N N 267 
PHE CE1 CZ   doub Y N 268 
PHE CE1 HE1  sing N N 269 
PHE CE2 CZ   sing Y N 270 
PHE CE2 HE2  sing N N 271 
PHE CZ  HZ   sing N N 272 
PHE OXT HXT  sing N N 273 
PRO N   CA   sing N N 274 
PRO N   CD   sing N N 275 
PRO N   H    sing N N 276 
PRO CA  C    sing N N 277 
PRO CA  CB   sing N N 278 
PRO CA  HA   sing N N 279 
PRO C   O    doub N N 280 
PRO C   OXT  sing N N 281 
PRO CB  CG   sing N N 282 
PRO CB  HB2  sing N N 283 
PRO CB  HB3  sing N N 284 
PRO CG  CD   sing N N 285 
PRO CG  HG2  sing N N 286 
PRO CG  HG3  sing N N 287 
PRO CD  HD2  sing N N 288 
PRO CD  HD3  sing N N 289 
PRO OXT HXT  sing N N 290 
SER N   CA   sing N N 291 
SER N   H    sing N N 292 
SER N   H2   sing N N 293 
SER CA  C    sing N N 294 
SER CA  CB   sing N N 295 
SER CA  HA   sing N N 296 
SER C   O    doub N N 297 
SER C   OXT  sing N N 298 
SER CB  OG   sing N N 299 
SER CB  HB2  sing N N 300 
SER CB  HB3  sing N N 301 
SER OG  HG   sing N N 302 
SER OXT HXT  sing N N 303 
THR N   CA   sing N N 304 
THR N   H    sing N N 305 
THR N   H2   sing N N 306 
THR CA  C    sing N N 307 
THR CA  CB   sing N N 308 
THR CA  HA   sing N N 309 
THR C   O    doub N N 310 
THR C   OXT  sing N N 311 
THR CB  OG1  sing N N 312 
THR CB  CG2  sing N N 313 
THR CB  HB   sing N N 314 
THR OG1 HG1  sing N N 315 
THR CG2 HG21 sing N N 316 
THR CG2 HG22 sing N N 317 
THR CG2 HG23 sing N N 318 
THR OXT HXT  sing N N 319 
TRP N   CA   sing N N 320 
TRP N   H    sing N N 321 
TRP N   H2   sing N N 322 
TRP CA  C    sing N N 323 
TRP CA  CB   sing N N 324 
TRP CA  HA   sing N N 325 
TRP C   O    doub N N 326 
TRP C   OXT  sing N N 327 
TRP CB  CG   sing N N 328 
TRP CB  HB2  sing N N 329 
TRP CB  HB3  sing N N 330 
TRP CG  CD1  doub Y N 331 
TRP CG  CD2  sing Y N 332 
TRP CD1 NE1  sing Y N 333 
TRP CD1 HD1  sing N N 334 
TRP CD2 CE2  doub Y N 335 
TRP CD2 CE3  sing Y N 336 
TRP NE1 CE2  sing Y N 337 
TRP NE1 HE1  sing N N 338 
TRP CE2 CZ2  sing Y N 339 
TRP CE3 CZ3  doub Y N 340 
TRP CE3 HE3  sing N N 341 
TRP CZ2 CH2  doub Y N 342 
TRP CZ2 HZ2  sing N N 343 
TRP CZ3 CH2  sing Y N 344 
TRP CZ3 HZ3  sing N N 345 
TRP CH2 HH2  sing N N 346 
TRP OXT HXT  sing N N 347 
TYR N   CA   sing N N 348 
TYR N   H    sing N N 349 
TYR N   H2   sing N N 350 
TYR CA  C    sing N N 351 
TYR CA  CB   sing N N 352 
TYR CA  HA   sing N N 353 
TYR C   O    doub N N 354 
TYR C   OXT  sing N N 355 
TYR CB  CG   sing N N 356 
TYR CB  HB2  sing N N 357 
TYR CB  HB3  sing N N 358 
TYR CG  CD1  doub Y N 359 
TYR CG  CD2  sing Y N 360 
TYR CD1 CE1  sing Y N 361 
TYR CD1 HD1  sing N N 362 
TYR CD2 CE2  doub Y N 363 
TYR CD2 HD2  sing N N 364 
TYR CE1 CZ   doub Y N 365 
TYR CE1 HE1  sing N N 366 
TYR CE2 CZ   sing Y N 367 
TYR CE2 HE2  sing N N 368 
TYR CZ  OH   sing N N 369 
TYR OH  HH   sing N N 370 
TYR OXT HXT  sing N N 371 
VAL N   CA   sing N N 372 
VAL N   H    sing N N 373 
VAL N   H2   sing N N 374 
VAL CA  C    sing N N 375 
VAL CA  CB   sing N N 376 
VAL CA  HA   sing N N 377 
VAL C   O    doub N N 378 
VAL C   OXT  sing N N 379 
VAL CB  CG1  sing N N 380 
VAL CB  CG2  sing N N 381 
VAL CB  HB   sing N N 382 
VAL CG1 HG11 sing N N 383 
VAL CG1 HG12 sing N N 384 
VAL CG1 HG13 sing N N 385 
VAL CG2 HG21 sing N N 386 
VAL CG2 HG22 sing N N 387 
VAL CG2 HG23 sing N N 388 
VAL OXT HXT  sing N N 389 
# 
_pdbx_initial_refinement_model.id               1 
_pdbx_initial_refinement_model.entity_id_list   ? 
_pdbx_initial_refinement_model.type             'experimental model' 
_pdbx_initial_refinement_model.source_name      PDB 
_pdbx_initial_refinement_model.accession_code   4NR5 
_pdbx_initial_refinement_model.details          ? 
# 
_atom_sites.entry_id                    5H85 
_atom_sites.fract_transf_matrix[1][1]   0.03684980 
_atom_sites.fract_transf_matrix[1][2]   -0.01671801 
_atom_sites.fract_transf_matrix[1][3]   0.00636282 
_atom_sites.fract_transf_matrix[2][1]   -0.00786360 
_atom_sites.fract_transf_matrix[2][2]   -0.01060210 
_atom_sites.fract_transf_matrix[2][3]   0.01768490 
_atom_sites.fract_transf_matrix[3][1]   -0.00241211 
_atom_sites.fract_transf_matrix[3][2]   -0.00741738 
_atom_sites.fract_transf_matrix[3][3]   -0.00551926 
_atom_sites.fract_transf_vector[1]      -0.263181 
_atom_sites.fract_transf_vector[2]      -0.056075 
_atom_sites.fract_transf_vector[3]      0.146952 
# 
loop_
_atom_type.symbol 
C 
N 
O 
S 
# 
loop_
_atom_site.group_PDB 
_atom_site.id 
_atom_site.type_symbol 
_atom_site.label_atom_id 
_atom_site.label_alt_id 
_atom_site.label_comp_id 
_atom_site.label_asym_id 
_atom_site.label_entity_id 
_atom_site.label_seq_id 
_atom_site.pdbx_PDB_ins_code 
_atom_site.Cartn_x 
_atom_site.Cartn_y 
_atom_site.Cartn_z 
_atom_site.occupancy 
_atom_site.B_iso_or_equiv 
_atom_site.pdbx_formal_charge 
_atom_site.auth_seq_id 
_atom_site.auth_comp_id 
_atom_site.auth_asym_id 
_atom_site.auth_atom_id 
_atom_site.pdbx_PDB_model_num 
ATOM   1    N N   . MET A 1 2   ? 11.899  -13.202 22.433  1.00 35.06 ? 1080 MET A N   1 
ATOM   2    C CA  . MET A 1 2   ? 11.996  -11.961 21.668  1.00 35.79 ? 1080 MET A CA  1 
ATOM   3    C C   . MET A 1 2   ? 10.808  -11.056 21.975  1.00 31.02 ? 1080 MET A C   1 
ATOM   4    O O   . MET A 1 2   ? 9.690   -11.532 22.197  1.00 32.25 ? 1080 MET A O   1 
ATOM   5    C CB  . MET A 1 2   ? 12.062  -12.249 20.166  1.00 32.00 ? 1080 MET A CB  1 
ATOM   6    C CG  . MET A 1 2   ? 10.836  -12.982 19.632  1.00 36.86 ? 1080 MET A CG  1 
ATOM   7    S SD  . MET A 1 2   ? 10.898  -13.351 17.865  1.00 50.47 ? 1080 MET A SD  1 
ATOM   8    C CE  . MET A 1 2   ? 10.771  -11.715 17.160  1.00 18.68 ? 1080 MET A CE  1 
ATOM   9    N N   . ARG A 1 3   ? 11.052  -9.749  21.989  1.00 29.80 ? 1081 ARG A N   1 
ATOM   10   C CA  . ARG A 1 3   ? 10.000  -8.792  22.303  1.00 32.11 ? 1081 ARG A CA  1 
ATOM   11   C C   . ARG A 1 3   ? 9.123   -8.540  21.085  1.00 28.09 ? 1081 ARG A C   1 
ATOM   12   O O   . ARG A 1 3   ? 9.613   -8.409  19.959  1.00 25.29 ? 1081 ARG A O   1 
ATOM   13   C CB  . ARG A 1 3   ? 10.597  -7.483  22.816  1.00 28.69 ? 1081 ARG A CB  1 
ATOM   14   C CG  . ARG A 1 3   ? 11.182  -7.627  24.206  1.00 29.90 ? 1081 ARG A CG  1 
ATOM   15   C CD  . ARG A 1 3   ? 11.601  -6.310  24.835  1.00 27.91 ? 1081 ARG A CD  1 
ATOM   16   N NE  . ARG A 1 3   ? 11.917  -6.541  26.241  1.00 30.73 ? 1081 ARG A NE  1 
ATOM   17   C CZ  . ARG A 1 3   ? 13.123  -6.866  26.698  1.00 25.71 ? 1081 ARG A CZ  1 
ATOM   18   N NH1 . ARG A 1 3   ? 14.157  -6.982  25.865  1.00 28.42 ? 1081 ARG A NH1 1 
ATOM   19   N NH2 . ARG A 1 3   ? 13.292  -7.076  27.993  1.00 33.46 ? 1081 ARG A NH2 1 
ATOM   20   N N   . LYS A 1 4   ? 7.821   -8.497  21.313  1.00 23.19 ? 1082 LYS A N   1 
ATOM   21   C CA  . LYS A 1 4   ? 6.858   -8.277  20.251  1.00 25.22 ? 1082 LYS A CA  1 
ATOM   22   C C   . LYS A 1 4   ? 5.998   -7.085  20.630  1.00 19.79 ? 1082 LYS A C   1 
ATOM   23   O O   . LYS A 1 4   ? 5.825   -6.790  21.814  1.00 19.79 ? 1082 LYS A O   1 
ATOM   24   C CB  . LYS A 1 4   ? 5.970   -9.511  20.030  1.00 23.66 ? 1082 LYS A CB  1 
ATOM   25   C CG  . LYS A 1 4   ? 6.664   -10.722 19.402  1.00 30.93 ? 1082 LYS A CG  1 
ATOM   26   C CD  . LYS A 1 4   ? 5.629   -11.822 19.143  1.00 33.08 ? 1082 LYS A CD  1 
ATOM   27   C CE  . LYS A 1 4   ? 6.077   -12.829 18.086  1.00 34.02 ? 1082 LYS A CE  1 
ATOM   28   N NZ  . LYS A 1 4   ? 6.903   -13.905 18.673  1.00 28.33 ? 1082 LYS A NZ  1 
ATOM   29   N N   . LYS A 1 5   ? 5.475   -6.398  19.613  1.00 16.40 ? 1083 LYS A N   1 
ATOM   30   C CA  . LYS A 1 5   ? 4.423   -5.405  19.809  1.00 18.25 ? 1083 LYS A CA  1 
ATOM   31   C C   . LYS A 1 5   ? 4.823   -4.362  20.851  1.00 15.80 ? 1083 LYS A C   1 
ATOM   32   O O   . LYS A 1 5   ? 4.076   -4.057  21.790  1.00 15.30 ? 1083 LYS A O   1 
ATOM   33   C CB  . LYS A 1 5   ? 3.115   -6.088  20.197  1.00 19.16 ? 1083 LYS A CB  1 
ATOM   34   C CG  . LYS A 1 5   ? 2.567   -7.045  19.142  1.00 21.68 ? 1083 LYS A CG  1 
ATOM   35   C CD  . LYS A 1 5   ? 1.235   -7.617  19.623  1.00 23.38 ? 1083 LYS A CD  1 
ATOM   36   C CE  . LYS A 1 5   ? 0.851   -8.879  18.878  1.00 28.85 ? 1083 LYS A CE  1 
ATOM   37   N NZ  . LYS A 1 5   ? 0.197   -8.543  17.595  1.00 33.24 ? 1083 LYS A NZ  1 
ATOM   38   N N   . ILE A 1 6   ? 6.023   -3.806  20.683  1.00 12.98 ? 1084 ILE A N   1 
ATOM   39   C CA  . ILE A 1 6   ? 6.488   -2.793  21.626  1.00 11.73 ? 1084 ILE A CA  1 
ATOM   40   C C   . ILE A 1 6   ? 5.865   -1.427  21.368  1.00 13.29 ? 1084 ILE A C   1 
ATOM   41   O O   . ILE A 1 6   ? 5.829   -0.591  22.278  1.00 14.80 ? 1084 ILE A O   1 
ATOM   42   C CB  . ILE A 1 6   ? 8.022   -2.659  21.607  1.00 14.53 ? 1084 ILE A CB  1 
ATOM   43   C CG1 . ILE A 1 6   ? 8.516   -2.060  20.290  1.00 12.96 ? 1084 ILE A CG1 1 
ATOM   44   C CG2 . ILE A 1 6   ? 8.685   -4.008  21.900  1.00 13.40 ? 1084 ILE A CG2 1 
ATOM   45   C CD1 . ILE A 1 6   ? 10.052  -1.752  20.260  1.00 11.92 ? 1084 ILE A CD1 1 
ATOM   46   N N   . PHE A 1 7   ? 5.382   -1.171  20.154  1.00 11.56 ? 1085 PHE A N   1 
ATOM   47   C CA  . PHE A 1 7   ? 4.760   0.105   19.828  1.00 9.87  ? 1085 PHE A CA  1 
ATOM   48   C C   . PHE A 1 7   ? 3.251   0.013   20.010  1.00 11.72 ? 1085 PHE A C   1 
ATOM   49   O O   . PHE A 1 7   ? 2.650   -1.030  19.749  1.00 12.34 ? 1085 PHE A O   1 
ATOM   50   C CB  . PHE A 1 7   ? 5.080   0.525   18.390  1.00 11.32 ? 1085 PHE A CB  1 
ATOM   51   C CG  . PHE A 1 7   ? 6.529   0.843   18.159  1.00 9.73  ? 1085 PHE A CG  1 
ATOM   52   C CD1 . PHE A 1 7   ? 7.051   2.066   18.567  1.00 12.08 ? 1085 PHE A CD1 1 
ATOM   53   C CD2 . PHE A 1 7   ? 7.354   -0.051  17.506  1.00 12.92 ? 1085 PHE A CD2 1 
ATOM   54   C CE1 . PHE A 1 7   ? 8.391   2.375   18.342  1.00 15.10 ? 1085 PHE A CE1 1 
ATOM   55   C CE2 . PHE A 1 7   ? 8.693   0.253   17.278  1.00 15.81 ? 1085 PHE A CE2 1 
ATOM   56   C CZ  . PHE A 1 7   ? 9.208   1.467   17.699  1.00 13.74 ? 1085 PHE A CZ  1 
ATOM   57   N N   . LYS A 1 8   ? 2.643   1.105   20.460  1.00 10.55 ? 1086 LYS A N   1 
ATOM   58   C CA  . LYS A 1 8   ? 1.187   1.159   20.452  1.00 9.21  ? 1086 LYS A CA  1 
ATOM   59   C C   . LYS A 1 8   ? 0.698   1.334   19.019  1.00 8.25  ? 1086 LYS A C   1 
ATOM   60   O O   . LYS A 1 8   ? 1.347   2.028   18.224  1.00 10.81 ? 1086 LYS A O   1 
ATOM   61   C CB  . LYS A 1 8   ? 0.682   2.315   21.308  1.00 11.75 ? 1086 LYS A CB  1 
ATOM   62   C CG  . LYS A 1 8   ? 1.049   2.163   22.762  1.00 10.78 ? 1086 LYS A CG  1 
ATOM   63   C CD  . LYS A 1 8   ? 0.665   3.388   23.552  1.00 14.01 ? 1086 LYS A CD  1 
ATOM   64   C CE  . LYS A 1 8   ? 1.161   3.238   24.981  1.00 17.07 ? 1086 LYS A CE  1 
ATOM   65   N NZ  . LYS A 1 8   ? 0.586   4.285   25.875  1.00 21.20 ? 1086 LYS A NZ  1 
ATOM   66   N N   . PRO A 1 9   ? -0.439  0.736   18.658  1.00 9.35  ? 1087 PRO A N   1 
ATOM   67   C CA  . PRO A 1 9   ? -0.968  0.967   17.301  1.00 10.46 ? 1087 PRO A CA  1 
ATOM   68   C C   . PRO A 1 9   ? -1.122  2.438   16.979  1.00 9.79  ? 1087 PRO A C   1 
ATOM   69   O O   . PRO A 1 9   ? -0.942  2.849   15.826  1.00 10.54 ? 1087 PRO A O   1 
ATOM   70   C CB  . PRO A 1 9   ? -2.316  0.242   17.325  1.00 11.93 ? 1087 PRO A CB  1 
ATOM   71   C CG  . PRO A 1 9   ? -2.138  -0.831  18.355  1.00 13.60 ? 1087 PRO A CG  1 
ATOM   72   C CD  . PRO A 1 9   ? -1.259  -0.225  19.416  1.00 12.22 ? 1087 PRO A CD  1 
ATOM   73   N N   . GLU A 1 10  ? -1.434  3.255   17.985  1.00 9.52  ? 1088 GLU A N   1 
ATOM   74   C CA  . GLU A 1 10  ? -1.569  4.687   17.757  1.00 9.62  ? 1088 GLU A CA  1 
ATOM   75   C C   . GLU A 1 10  ? -0.222  5.365   17.532  1.00 8.43  ? 1088 GLU A C   1 
ATOM   76   O O   . GLU A 1 10  ? -0.168  6.425   16.893  1.00 9.58  ? 1088 GLU A O   1 
ATOM   77   C CB  . GLU A 1 10  ? -2.302  5.331   18.937  1.00 9.41  ? 1088 GLU A CB  1 
ATOM   78   C CG  . GLU A 1 10  ? -3.721  4.823   19.141  1.00 12.01 ? 1088 GLU A CG  1 
ATOM   79   C CD  . GLU A 1 10  ? -3.813  3.489   19.853  1.00 16.82 ? 1088 GLU A CD  1 
ATOM   80   O OE1 . GLU A 1 10  ? -2.762  2.950   20.277  1.00 13.66 ? 1088 GLU A OE1 1 
ATOM   81   O OE2 . GLU A 1 10  ? -4.952  2.974   19.993  1.00 18.49 ? 1088 GLU A OE2 1 
ATOM   82   N N   . GLU A 1 11  ? 0.871   4.786   18.053  1.00 10.43 ? 1089 GLU A N   1 
ATOM   83   C CA  . GLU A 1 11  ? 2.203   5.301   17.737  1.00 10.49 ? 1089 GLU A CA  1 
ATOM   84   C C   . GLU A 1 11  ? 2.572   4.967   16.302  1.00 9.43  ? 1089 GLU A C   1 
ATOM   85   O O   . GLU A 1 11  ? 3.154   5.796   15.588  1.00 11.43 ? 1089 GLU A O   1 
ATOM   86   C CB  . GLU A 1 11  ? 3.239   4.722   18.701  1.00 10.60 ? 1089 GLU A CB  1 
ATOM   87   C CG  . GLU A 1 11  ? 3.169   5.347   20.090  1.00 11.18 ? 1089 GLU A CG  1 
ATOM   88   C CD  . GLU A 1 11  ? 4.023   4.628   21.111  1.00 12.55 ? 1089 GLU A CD  1 
ATOM   89   O OE1 . GLU A 1 11  ? 4.252   3.407   20.962  1.00 11.60 ? 1089 GLU A OE1 1 
ATOM   90   O OE2 . GLU A 1 11  ? 4.461   5.288   22.080  1.00 14.22 ? 1089 GLU A OE2 1 
ATOM   91   N N   . LEU A 1 12  ? 2.218   3.765   15.859  1.00 8.10  ? 1090 LEU A N   1 
ATOM   92   C CA  . LEU A 1 12  ? 2.478   3.408   14.472  1.00 9.03  ? 1090 LEU A CA  1 
ATOM   93   C C   . LEU A 1 12  ? 1.643   4.260   13.528  1.00 11.84 ? 1090 LEU A C   1 
ATOM   94   O O   . LEU A 1 12  ? 2.125   4.665   12.458  1.00 10.35 ? 1090 LEU A O   1 
ATOM   95   C CB  . LEU A 1 12  ? 2.202   1.924   14.253  1.00 11.23 ? 1090 LEU A CB  1 
ATOM   96   C CG  . LEU A 1 12  ? 3.093   0.999   15.085  1.00 12.81 ? 1090 LEU A CG  1 
ATOM   97   C CD1 . LEU A 1 12  ? 2.705   -0.450  14.837  1.00 12.01 ? 1090 LEU A CD1 1 
ATOM   98   C CD2 . LEU A 1 12  ? 4.576   1.252   14.778  1.00 11.32 ? 1090 LEU A CD2 1 
ATOM   99   N N   . ARG A 1 13  ? 0.391   4.544   13.906  1.00 10.16 ? 1091 ARG A N   1 
ATOM   100  C CA  . ARG A 1 13  ? -0.459  5.394   13.081  1.00 9.95  ? 1091 ARG A CA  1 
ATOM   101  C C   . ARG A 1 13  ? 0.195   6.748   12.881  1.00 10.45 ? 1091 ARG A C   1 
ATOM   102  O O   . ARG A 1 13  ? 0.289   7.248   11.756  1.00 12.44 ? 1091 ARG A O   1 
ATOM   103  C CB  . ARG A 1 13  ? -1.844  5.551   13.725  1.00 8.98  ? 1091 ARG A CB  1 
ATOM   104  C CG  . ARG A 1 13  ? -2.774  6.508   12.975  1.00 12.18 ? 1091 ARG A CG  1 
ATOM   105  C CD  . ARG A 1 13  ? -4.146  6.523   13.629  1.00 12.29 ? 1091 ARG A CD  1 
ATOM   106  N NE  . ARG A 1 13  ? -4.078  7.075   14.984  1.00 11.16 ? 1091 ARG A NE  1 
ATOM   107  C CZ  . ARG A 1 13  ? -5.023  6.916   15.905  1.00 13.75 ? 1091 ARG A CZ  1 
ATOM   108  N NH1 . ARG A 1 13  ? -4.874  7.461   17.114  1.00 11.41 ? 1091 ARG A NH1 1 
ATOM   109  N NH2 . ARG A 1 13  ? -6.102  6.192   15.631  1.00 12.51 ? 1091 ARG A NH2 1 
ATOM   110  N N   . GLN A 1 14  ? 0.689   7.340   13.969  1.00 8.99  ? 1092 GLN A N   1 
ATOM   111  C CA  . GLN A 1 14  ? 1.285   8.662   13.878  1.00 10.66 ? 1092 GLN A CA  1 
ATOM   112  C C   . GLN A 1 14  ? 2.572   8.634   13.067  1.00 11.83 ? 1092 GLN A C   1 
ATOM   113  O O   . GLN A 1 14  ? 2.817   9.527   12.246  1.00 11.96 ? 1092 GLN A O   1 
ATOM   114  C CB  . GLN A 1 14  ? 1.540   9.197   15.283  1.00 11.12 ? 1092 GLN A CB  1 
ATOM   115  C CG  . GLN A 1 14  ? 2.140   10.590  15.299  1.00 12.00 ? 1092 GLN A CG  1 
ATOM   116  C CD  . GLN A 1 14  ? 2.396   11.054  16.714  1.00 19.26 ? 1092 GLN A CD  1 
ATOM   117  O OE1 . GLN A 1 14  ? 3.362   10.636  17.351  1.00 21.51 ? 1092 GLN A OE1 1 
ATOM   118  N NE2 . GLN A 1 14  ? 1.502   11.889  17.231  1.00 16.89 ? 1092 GLN A NE2 1 
ATOM   119  N N   . ALA A 1 15  ? 3.399   7.603   13.263  1.00 11.69 ? 1093 ALA A N   1 
ATOM   120  C CA  . ALA A 1 15  ? 4.698   7.585   12.599  1.00 10.24 ? 1093 ALA A CA  1 
ATOM   121  C C   . ALA A 1 15  ? 4.563   7.297   11.114  1.00 11.00 ? 1093 ALA A C   1 
ATOM   122  O O   . ALA A 1 15  ? 5.320   7.837   10.299  1.00 10.17 ? 1093 ALA A O   1 
ATOM   123  C CB  . ALA A 1 15  ? 5.612   6.544   13.249  1.00 10.29 ? 1093 ALA A CB  1 
ATOM   124  N N   . LEU A 1 16  ? 3.638   6.414   10.747  1.00 10.37 ? 1094 LEU A N   1 
ATOM   125  C CA  . LEU A 1 16  ? 3.581   5.914   9.379   1.00 9.94  ? 1094 LEU A CA  1 
ATOM   126  C C   . LEU A 1 16  ? 2.641   6.703   8.485   1.00 13.29 ? 1094 LEU A C   1 
ATOM   127  O O   . LEU A 1 16  ? 2.806   6.671   7.257   1.00 11.19 ? 1094 LEU A O   1 
ATOM   128  C CB  . LEU A 1 16  ? 3.171   4.439   9.383   1.00 10.67 ? 1094 LEU A CB  1 
ATOM   129  C CG  . LEU A 1 16  ? 4.137   3.524   10.132  1.00 10.22 ? 1094 LEU A CG  1 
ATOM   130  C CD1 . LEU A 1 16  ? 3.499   2.173   10.399  1.00 11.21 ? 1094 LEU A CD1 1 
ATOM   131  C CD2 . LEU A 1 16  ? 5.440   3.373   9.376   1.00 9.70  ? 1094 LEU A CD2 1 
ATOM   132  N N   . MET A 1 17  ? 1.676   7.417   9.060   1.00 12.17 ? 1095 MET A N   1 
ATOM   133  C CA  . MET A 1 17  ? 0.716   8.162   8.250   1.00 13.56 ? 1095 MET A CA  1 
ATOM   134  C C   . MET A 1 17  ? 1.354   9.056   7.196   1.00 14.59 ? 1095 MET A C   1 
ATOM   135  O O   . MET A 1 17  ? 0.827   9.099   6.071   1.00 13.47 ? 1095 MET A O   1 
ATOM   136  C CB  . MET A 1 17  ? -0.196  9.007   9.153   1.00 14.67 ? 1095 MET A CB  1 
ATOM   137  C CG  . MET A 1 17  ? -1.390  9.588   8.399   1.00 16.48 ? 1095 MET A CG  1 
ATOM   138  S SD  . MET A 1 17  ? -2.451  8.297   7.761   1.00 21.00 ? 1095 MET A SD  1 
ATOM   139  C CE  . MET A 1 17  ? -3.019  7.553   9.300   1.00 23.26 ? 1095 MET A CE  1 
ATOM   140  N N   . PRO A 1 18  ? 2.440   9.790   7.468   1.00 14.57 ? 1096 PRO A N   1 
ATOM   141  C CA  . PRO A 1 18  ? 3.012   10.621  6.394   1.00 15.04 ? 1096 PRO A CA  1 
ATOM   142  C C   . PRO A 1 18  ? 3.491   9.824   5.189   1.00 15.69 ? 1096 PRO A C   1 
ATOM   143  O O   . PRO A 1 18  ? 3.508   10.373  4.081   1.00 14.41 ? 1096 PRO A O   1 
ATOM   144  C CB  . PRO A 1 18  ? 4.162   11.380  7.086   1.00 19.60 ? 1096 PRO A CB  1 
ATOM   145  C CG  . PRO A 1 18  ? 4.298   10.808  8.451   1.00 21.43 ? 1096 PRO A CG  1 
ATOM   146  C CD  . PRO A 1 18  ? 3.036   10.096  8.785   1.00 15.39 ? 1096 PRO A CD  1 
ATOM   147  N N   . THR A 1 19  ? 3.874   8.553   5.353   1.00 11.87 ? 1097 THR A N   1 
ATOM   148  C CA  . THR A 1 19  ? 4.287   7.791   4.176   1.00 12.17 ? 1097 THR A CA  1 
ATOM   149  C C   . THR A 1 19  ? 3.084   7.457   3.310   1.00 13.85 ? 1097 THR A C   1 
ATOM   150  O O   . THR A 1 19  ? 3.189   7.419   2.075   1.00 12.48 ? 1097 THR A O   1 
ATOM   151  C CB  . THR A 1 19  ? 5.032   6.518   4.580   1.00 12.41 ? 1097 THR A CB  1 
ATOM   152  O OG1 . THR A 1 19  ? 4.135   5.617   5.249   1.00 10.31 ? 1097 THR A OG1 1 
ATOM   153  C CG2 . THR A 1 19  ? 6.203   6.852   5.497   1.00 12.40 ? 1097 THR A CG2 1 
ATOM   154  N N   . LEU A 1 20  ? 1.927   7.242   3.946   1.00 11.18 ? 1098 LEU A N   1 
ATOM   155  C CA  . LEU A 1 20  ? 0.701   6.976   3.203   1.00 11.27 ? 1098 LEU A CA  1 
ATOM   156  C C   . LEU A 1 20  ? 0.199   8.241   2.526   1.00 13.18 ? 1098 LEU A C   1 
ATOM   157  O O   . LEU A 1 20  ? -0.265  8.203   1.379   1.00 11.44 ? 1098 LEU A O   1 
ATOM   158  C CB  . LEU A 1 20  ? -0.361  6.408   4.149   1.00 11.44 ? 1098 LEU A CB  1 
ATOM   159  C CG  . LEU A 1 20  ? -1.688  5.956   3.531   1.00 14.30 ? 1098 LEU A CG  1 
ATOM   160  C CD1 . LEU A 1 20  ? -1.467  4.777   2.611   1.00 12.09 ? 1098 LEU A CD1 1 
ATOM   161  C CD2 . LEU A 1 20  ? -2.689  5.595   4.618   1.00 14.16 ? 1098 LEU A CD2 1 
ATOM   162  N N   . GLU A 1 21  ? 0.281   9.375   3.221   1.00 13.72 ? 1099 GLU A N   1 
ATOM   163  C CA  . GLU A 1 21  ? -0.123  10.637  2.610   1.00 16.34 ? 1099 GLU A CA  1 
ATOM   164  C C   . GLU A 1 21  ? 0.715   10.960  1.377   1.00 15.21 ? 1099 GLU A C   1 
ATOM   165  O O   . GLU A 1 21  ? 0.201   11.543  0.414   1.00 15.14 ? 1099 GLU A O   1 
ATOM   166  C CB  . GLU A 1 21  ? -0.036  11.758  3.646   1.00 17.79 ? 1099 GLU A CB  1 
ATOM   167  C CG  . GLU A 1 21  ? -1.033  11.581  4.799   1.00 21.52 ? 1099 GLU A CG  1 
ATOM   168  C CD  . GLU A 1 21  ? -0.833  12.577  5.940   1.00 30.61 ? 1099 GLU A CD  1 
ATOM   169  O OE1 . GLU A 1 21  ? 0.263   13.174  6.039   1.00 33.38 ? 1099 GLU A OE1 1 
ATOM   170  O OE2 . GLU A 1 21  ? -1.780  12.756  6.744   1.00 29.27 ? 1099 GLU A OE2 1 
ATOM   171  N N   . ALA A 1 22  ? 1.997   10.577  1.386   1.00 11.63 ? 1100 ALA A N   1 
ATOM   172  C CA  . ALA A 1 22  ? 2.856   10.794  0.224   1.00 16.32 ? 1100 ALA A CA  1 
ATOM   173  C C   . ALA A 1 22  ? 2.351   10.020  -0.990  1.00 15.84 ? 1100 ALA A C   1 
ATOM   174  O O   . ALA A 1 22  ? 2.448   10.496  -2.129  1.00 14.21 ? 1100 ALA A O   1 
ATOM   175  C CB  . ALA A 1 22  ? 4.296   10.399  0.558   1.00 12.71 ? 1100 ALA A CB  1 
ATOM   176  N N   . LEU A 1 23  ? 1.811   8.820   -0.771  1.00 11.40 ? 1101 LEU A N   1 
ATOM   177  C CA  . LEU A 1 23  ? 1.246   8.074   -1.890  1.00 12.18 ? 1101 LEU A CA  1 
ATOM   178  C C   . LEU A 1 23  ? -0.012  8.753   -2.405  1.00 13.20 ? 1101 LEU A C   1 
ATOM   179  O O   . LEU A 1 23  ? -0.195  8.899   -3.622  1.00 12.34 ? 1101 LEU A O   1 
ATOM   180  C CB  . LEU A 1 23  ? 0.946   6.637   -1.468  1.00 9.25  ? 1101 LEU A CB  1 
ATOM   181  C CG  . LEU A 1 23  ? 2.161   5.907   -0.909  1.00 11.76 ? 1101 LEU A CG  1 
ATOM   182  C CD1 . LEU A 1 23  ? 1.809   4.447   -0.641  1.00 12.34 ? 1101 LEU A CD1 1 
ATOM   183  C CD2 . LEU A 1 23  ? 3.327   6.013   -1.891  1.00 13.49 ? 1101 LEU A CD2 1 
ATOM   184  N N   . TYR A 1 24  ? -0.887  9.186   -1.492  1.00 10.93 ? 1102 TYR A N   1 
ATOM   185  C CA  . TYR A 1 24  ? -2.112  9.864   -1.901  1.00 11.97 ? 1102 TYR A CA  1 
ATOM   186  C C   . TYR A 1 24  ? -1.816  11.138  -2.683  1.00 15.04 ? 1102 TYR A C   1 
ATOM   187  O O   . TYR A 1 24  ? -2.616  11.536  -3.536  1.00 13.55 ? 1102 TYR A O   1 
ATOM   188  C CB  . TYR A 1 24  ? -2.973  10.190  -0.680  1.00 12.10 ? 1102 TYR A CB  1 
ATOM   189  C CG  . TYR A 1 24  ? -3.921  9.089   -0.259  1.00 13.12 ? 1102 TYR A CG  1 
ATOM   190  C CD1 . TYR A 1 24  ? -5.200  8.995   -0.805  1.00 15.70 ? 1102 TYR A CD1 1 
ATOM   191  C CD2 . TYR A 1 24  ? -3.548  8.152   0.698   1.00 11.41 ? 1102 TYR A CD2 1 
ATOM   192  C CE1 . TYR A 1 24  ? -6.072  7.988   -0.414  1.00 13.40 ? 1102 TYR A CE1 1 
ATOM   193  C CE2 . TYR A 1 24  ? -4.418  7.137   1.095   1.00 10.56 ? 1102 TYR A CE2 1 
ATOM   194  C CZ  . TYR A 1 24  ? -5.680  7.070   0.544   1.00 12.41 ? 1102 TYR A CZ  1 
ATOM   195  O OH  . TYR A 1 24  ? -6.544  6.064   0.942   1.00 11.08 ? 1102 TYR A OH  1 
ATOM   196  N N   . ARG A 1 25  ? -0.686  11.791  -2.403  1.00 10.94 ? 1103 ARG A N   1 
ATOM   197  C CA  . ARG A 1 25  ? -0.350  13.033  -3.092  1.00 15.52 ? 1103 ARG A CA  1 
ATOM   198  C C   . ARG A 1 25  ? 0.110   12.823  -4.528  1.00 16.65 ? 1103 ARG A C   1 
ATOM   199  O O   . ARG A 1 25  ? 0.217   13.810  -5.266  1.00 15.42 ? 1103 ARG A O   1 
ATOM   200  C CB  . ARG A 1 25  ? 0.743   13.789  -2.336  1.00 16.79 ? 1103 ARG A CB  1 
ATOM   201  C CG  . ARG A 1 25  ? 0.221   14.599  -1.167  1.00 21.55 ? 1103 ARG A CG  1 
ATOM   202  C CD  . ARG A 1 25  ? 1.247   15.624  -0.724  1.00 21.78 ? 1103 ARG A CD  1 
ATOM   203  N NE  . ARG A 1 25  ? 2.527   15.015  -0.363  1.00 24.08 ? 1103 ARG A NE  1 
ATOM   204  C CZ  . ARG A 1 25  ? 2.837   14.594  0.863   1.00 24.62 ? 1103 ARG A CZ  1 
ATOM   205  N NH1 . ARG A 1 25  ? 1.958   14.700  1.852   1.00 25.36 ? 1103 ARG A NH1 1 
ATOM   206  N NH2 . ARG A 1 25  ? 4.026   14.062  1.100   1.00 20.71 ? 1103 ARG A NH2 1 
ATOM   207  N N   . GLN A 1 26  ? 0.403   11.591  -4.943  1.00 12.65 ? 1104 GLN A N   1 
ATOM   208  C CA  . GLN A 1 26  ? 0.879   11.367  -6.304  1.00 12.89 ? 1104 GLN A CA  1 
ATOM   209  C C   . GLN A 1 26  ? -0.296  11.422  -7.266  1.00 16.23 ? 1104 GLN A C   1 
ATOM   210  O O   . GLN A 1 26  ? -1.198  10.580  -7.209  1.00 14.63 ? 1104 GLN A O   1 
ATOM   211  C CB  . GLN A 1 26  ? 1.602   10.031  -6.422  1.00 14.61 ? 1104 GLN A CB  1 
ATOM   212  C CG  . GLN A 1 26  ? 2.711   9.860   -5.417  1.00 15.87 ? 1104 GLN A CG  1 
ATOM   213  C CD  . GLN A 1 26  ? 3.707   10.998  -5.470  1.00 21.77 ? 1104 GLN A CD  1 
ATOM   214  O OE1 . GLN A 1 26  ? 4.176   11.376  -6.546  1.00 16.21 ? 1104 GLN A OE1 1 
ATOM   215  N NE2 . GLN A 1 26  ? 4.027   11.563  -4.304  1.00 21.73 ? 1104 GLN A NE2 1 
ATOM   216  N N   . ASP A 1 27  ? -0.275  12.402  -8.157  1.00 16.29 ? 1105 ASP A N   1 
ATOM   217  C CA  . ASP A 1 27  ? -1.342  12.614  -9.120  1.00 16.51 ? 1105 ASP A CA  1 
ATOM   218  C C   . ASP A 1 27  ? -0.653  12.646  -10.476 1.00 15.27 ? 1105 ASP A C   1 
ATOM   219  O O   . ASP A 1 27  ? 0.269   13.426  -10.670 1.00 18.26 ? 1105 ASP A O   1 
ATOM   220  C CB  . ASP A 1 27  ? -2.084  13.926  -8.798  1.00 19.42 ? 1105 ASP A CB  1 
ATOM   221  C CG  . ASP A 1 27  ? -3.191  14.261  -9.794  1.00 27.52 ? 1105 ASP A CG  1 
ATOM   222  O OD1 . ASP A 1 27  ? -3.887  13.347  -10.272 1.00 25.89 ? 1105 ASP A OD1 1 
ATOM   223  O OD2 . ASP A 1 27  ? -3.379  15.464  -10.079 1.00 34.78 ? 1105 ASP A OD2 1 
ATOM   224  N N   . PRO A 1 28  ? -1.084  11.798  -11.419 1.00 15.04 ? 1106 PRO A N   1 
ATOM   225  C CA  . PRO A 1 28  ? -2.247  10.906  -11.353 1.00 13.79 ? 1106 PRO A CA  1 
ATOM   226  C C   . PRO A 1 28  ? -1.951  9.485   -10.879 1.00 11.64 ? 1106 PRO A C   1 
ATOM   227  O O   . PRO A 1 28  ? -2.854  8.650   -10.960 1.00 13.10 ? 1106 PRO A O   1 
ATOM   228  C CB  . PRO A 1 28  ? -2.713  10.872  -12.802 1.00 20.92 ? 1106 PRO A CB  1 
ATOM   229  C CG  . PRO A 1 28  ? -1.425  10.917  -13.570 1.00 16.55 ? 1106 PRO A CG  1 
ATOM   230  C CD  . PRO A 1 28  ? -0.499  11.818  -12.773 1.00 16.87 ? 1106 PRO A CD  1 
ATOM   231  N N   . GLU A 1 29  ? -0.741  9.204   -10.400 1.00 11.41 ? 1107 GLU A N   1 
ATOM   232  C CA  . GLU A 1 29  ? -0.352  7.811   -10.203 1.00 12.50 ? 1107 GLU A CA  1 
ATOM   233  C C   . GLU A 1 29  ? -1.114  7.120   -9.076  1.00 13.49 ? 1107 GLU A C   1 
ATOM   234  O O   . GLU A 1 29  ? -1.248  5.888   -9.110  1.00 10.99 ? 1107 GLU A O   1 
ATOM   235  C CB  . GLU A 1 29  ? 1.161   7.718   -9.975  1.00 11.56 ? 1107 GLU A CB  1 
ATOM   236  C CG  . GLU A 1 29  ? 1.971   8.106   -11.219 1.00 14.09 ? 1107 GLU A CG  1 
ATOM   237  C CD  . GLU A 1 29  ? 2.366   9.587   -11.275 1.00 18.85 ? 1107 GLU A CD  1 
ATOM   238  O OE1 . GLU A 1 29  ? 1.834   10.406  -10.496 1.00 14.04 ? 1107 GLU A OE1 1 
ATOM   239  O OE2 . GLU A 1 29  ? 3.223   9.928   -12.116 1.00 19.79 ? 1107 GLU A OE2 1 
ATOM   240  N N   . SER A 1 30  ? -1.634  7.863   -8.092  1.00 10.40 ? 1108 SER A N   1 
ATOM   241  C CA  . SER A 1 30  ? -2.389  7.211   -7.025  1.00 14.14 ? 1108 SER A CA  1 
ATOM   242  C C   . SER A 1 30  ? -3.802  6.822   -7.444  1.00 11.32 ? 1108 SER A C   1 
ATOM   243  O O   . SER A 1 30  ? -4.418  5.985   -6.772  1.00 10.16 ? 1108 SER A O   1 
ATOM   244  C CB  . SER A 1 30  ? -2.466  8.111   -5.783  1.00 12.84 ? 1108 SER A CB  1 
ATOM   245  O OG  . SER A 1 30  ? -3.288  9.246   -6.029  1.00 13.53 ? 1108 SER A OG  1 
ATOM   246  N N   . LEU A 1 31  ? -4.329  7.404   -8.522  1.00 11.33 ? 1109 LEU A N   1 
ATOM   247  C CA  . LEU A 1 31  ? -5.749  7.222   -8.832  1.00 10.84 ? 1109 LEU A CA  1 
ATOM   248  C C   . LEU A 1 31  ? -6.157  5.765   -9.031  1.00 10.22 ? 1109 LEU A C   1 
ATOM   249  O O   . LEU A 1 31  ? -7.213  5.383   -8.496  1.00 11.49 ? 1109 LEU A O   1 
ATOM   250  C CB  . LEU A 1 31  ? -6.134  8.072   -10.051 1.00 12.73 ? 1109 LEU A CB  1 
ATOM   251  C CG  . LEU A 1 31  ? -5.973  9.579   -9.832  1.00 16.23 ? 1109 LEU A CG  1 
ATOM   252  C CD1 . LEU A 1 31  ? -6.320  10.352  -11.107 1.00 21.15 ? 1109 LEU A CD1 1 
ATOM   253  C CD2 . LEU A 1 31  ? -6.827  10.039  -8.666  1.00 20.02 ? 1109 LEU A CD2 1 
ATOM   254  N N   . PRO A 1 32  ? -5.397  4.910   -9.731  1.00 10.51 ? 1110 PRO A N   1 
ATOM   255  C CA  . PRO A 1 32  ? -5.793  3.493   -9.841  1.00 9.16  ? 1110 PRO A CA  1 
ATOM   256  C C   . PRO A 1 32  ? -5.690  2.709   -8.545  1.00 9.55  ? 1110 PRO A C   1 
ATOM   257  O O   . PRO A 1 32  ? -6.046  1.526   -8.534  1.00 10.63 ? 1110 PRO A O   1 
ATOM   258  C CB  . PRO A 1 32  ? -4.804  2.925   -10.883 1.00 12.11 ? 1110 PRO A CB  1 
ATOM   259  C CG  . PRO A 1 32  ? -4.284  4.118   -11.629 1.00 13.03 ? 1110 PRO A CG  1 
ATOM   260  C CD  . PRO A 1 32  ? -4.247  5.220   -10.608 1.00 12.71 ? 1110 PRO A CD  1 
ATOM   261  N N   . PHE A 1 33  ? -5.189  3.308   -7.464  1.00 7.82  ? 1111 PHE A N   1 
ATOM   262  C CA  . PHE A 1 33  ? -4.951  2.592   -6.220  1.00 7.98  ? 1111 PHE A CA  1 
ATOM   263  C C   . PHE A 1 33  ? -5.789  3.107   -5.064  1.00 8.06  ? 1111 PHE A C   1 
ATOM   264  O O   . PHE A 1 33  ? -5.697  2.556   -3.962  1.00 8.51  ? 1111 PHE A O   1 
ATOM   265  C CB  . PHE A 1 33  ? -3.458  2.662   -5.862  1.00 8.63  ? 1111 PHE A CB  1 
ATOM   266  C CG  . PHE A 1 33  ? -2.591  2.011   -6.893  1.00 9.50  ? 1111 PHE A CG  1 
ATOM   267  C CD1 . PHE A 1 33  ? -2.309  0.654   -6.823  1.00 10.78 ? 1111 PHE A CD1 1 
ATOM   268  C CD2 . PHE A 1 33  ? -2.113  2.742   -7.970  1.00 9.63  ? 1111 PHE A CD2 1 
ATOM   269  C CE1 . PHE A 1 33  ? -1.548  0.048   -7.795  1.00 12.66 ? 1111 PHE A CE1 1 
ATOM   270  C CE2 . PHE A 1 33  ? -1.347  2.130   -8.962  1.00 11.80 ? 1111 PHE A CE2 1 
ATOM   271  C CZ  . PHE A 1 33  ? -1.063  0.786   -8.864  1.00 11.14 ? 1111 PHE A CZ  1 
ATOM   272  N N   . ARG A 1 34  ? -6.606  4.140   -5.281  1.00 9.42  ? 1112 ARG A N   1 
ATOM   273  C CA  . ARG A 1 34  ? -7.359  4.729   -4.178  1.00 9.86  ? 1112 ARG A CA  1 
ATOM   274  C C   . ARG A 1 34  ? -8.487  3.830   -3.693  1.00 11.73 ? 1112 ARG A C   1 
ATOM   275  O O   . ARG A 1 34  ? -8.851  3.884   -2.508  1.00 10.89 ? 1112 ARG A O   1 
ATOM   276  C CB  . ARG A 1 34  ? -7.931  6.079   -4.603  1.00 11.92 ? 1112 ARG A CB  1 
ATOM   277  C CG  . ARG A 1 34  ? -6.875  7.131   -4.682  1.00 15.04 ? 1112 ARG A CG  1 
ATOM   278  C CD  . ARG A 1 34  ? -7.400  8.468   -5.179  1.00 19.27 ? 1112 ARG A CD  1 
ATOM   279  N NE  . ARG A 1 34  ? -6.412  9.492   -4.858  1.00 24.78 ? 1112 ARG A NE  1 
ATOM   280  C CZ  . ARG A 1 34  ? -6.538  10.379  -3.875  1.00 25.61 ? 1112 ARG A CZ  1 
ATOM   281  N NH1 . ARG A 1 34  ? -7.635  10.403  -3.127  1.00 17.25 ? 1112 ARG A NH1 1 
ATOM   282  N NH2 . ARG A 1 34  ? -5.559  11.252  -3.653  1.00 26.33 ? 1112 ARG A NH2 1 
ATOM   283  N N   . GLN A 1 35  ? -9.072  3.035   -4.580  1.00 9.63  ? 1113 GLN A N   1 
ATOM   284  C CA  . GLN A 1 35  ? -10.212 2.180   -4.278  1.00 10.04 ? 1113 GLN A CA  1 
ATOM   285  C C   . GLN A 1 35  ? -9.894  0.748   -4.663  1.00 9.12  ? 1113 GLN A C   1 
ATOM   286  O O   . GLN A 1 35  ? -9.048  0.504   -5.532  1.00 9.50  ? 1113 GLN A O   1 
ATOM   287  C CB  . GLN A 1 35  ? -11.469 2.632   -5.037  1.00 11.55 ? 1113 GLN A CB  1 
ATOM   288  C CG  . GLN A 1 35  ? -11.925 4.008   -4.649  1.00 13.07 ? 1113 GLN A CG  1 
ATOM   289  C CD  . GLN A 1 35  ? -13.130 4.427   -5.449  1.00 19.55 ? 1113 GLN A CD  1 
ATOM   290  O OE1 . GLN A 1 35  ? -14.069 3.641   -5.641  1.00 20.00 ? 1113 GLN A OE1 1 
ATOM   291  N NE2 . GLN A 1 35  ? -13.112 5.660   -5.936  1.00 21.99 ? 1113 GLN A NE2 1 
ATOM   292  N N   . PRO A 1 36  ? -10.572 -0.221  -4.056  1.00 9.21  ? 1114 PRO A N   1 
ATOM   293  C CA  . PRO A 1 36  ? -10.321 -1.620  -4.422  1.00 9.65  ? 1114 PRO A CA  1 
ATOM   294  C C   . PRO A 1 36  ? -10.591 -1.848  -5.903  1.00 9.86  ? 1114 PRO A C   1 
ATOM   295  O O   . PRO A 1 36  ? -11.530 -1.286  -6.476  1.00 10.13 ? 1114 PRO A O   1 
ATOM   296  C CB  . PRO A 1 36  ? -11.307 -2.400  -3.546  1.00 9.41  ? 1114 PRO A CB  1 
ATOM   297  C CG  . PRO A 1 36  ? -11.565 -1.482  -2.366  1.00 10.81 ? 1114 PRO A CG  1 
ATOM   298  C CD  . PRO A 1 36  ? -11.534 -0.097  -2.945  1.00 9.74  ? 1114 PRO A CD  1 
ATOM   299  N N   . VAL A 1 37  ? -9.734  -2.661  -6.530  1.00 8.46  ? 1115 VAL A N   1 
ATOM   300  C CA  . VAL A 1 37  ? -9.977  -3.067  -7.911  1.00 9.44  ? 1115 VAL A CA  1 
ATOM   301  C C   . VAL A 1 37  ? -11.352 -3.705  -8.005  1.00 10.45 ? 1115 VAL A C   1 
ATOM   302  O O   . VAL A 1 37  ? -11.678 -4.634  -7.257  1.00 10.64 ? 1115 VAL A O   1 
ATOM   303  C CB  . VAL A 1 37  ? -8.890  -4.040  -8.388  1.00 10.44 ? 1115 VAL A CB  1 
ATOM   304  C CG1 . VAL A 1 37  ? -9.258  -4.643  -9.762  1.00 8.97  ? 1115 VAL A CG1 1 
ATOM   305  C CG2 . VAL A 1 37  ? -7.549  -3.315  -8.461  1.00 9.96  ? 1115 VAL A CG2 1 
ATOM   306  N N   . ASP A 1 38  ? -12.177 -3.193  -8.915  1.00 9.14  ? 1116 ASP A N   1 
ATOM   307  C CA  . ASP A 1 38  ? -13.492 -3.767  -9.166  1.00 9.66  ? 1116 ASP A CA  1 
ATOM   308  C C   . ASP A 1 38  ? -13.434 -4.525  -10.488 1.00 10.34 ? 1116 ASP A C   1 
ATOM   309  O O   . ASP A 1 38  ? -13.521 -3.907  -11.564 1.00 9.59  ? 1116 ASP A O   1 
ATOM   310  C CB  . ASP A 1 38  ? -14.557 -2.669  -9.213  1.00 10.81 ? 1116 ASP A CB  1 
ATOM   311  C CG  . ASP A 1 38  ? -15.959 -3.210  -9.457  1.00 15.01 ? 1116 ASP A CG  1 
ATOM   312  O OD1 . ASP A 1 38  ? -16.099 -4.371  -9.893  1.00 16.17 ? 1116 ASP A OD1 1 
ATOM   313  O OD2 . ASP A 1 38  ? -16.929 -2.455  -9.229  1.00 20.64 ? 1116 ASP A OD2 1 
ATOM   314  N N   . PRO A 1 39  ? -13.299 -5.855  -10.464 1.00 10.38 ? 1117 PRO A N   1 
ATOM   315  C CA  . PRO A 1 39  ? -13.133 -6.591  -11.724 1.00 12.05 ? 1117 PRO A CA  1 
ATOM   316  C C   . PRO A 1 39  ? -14.313 -6.441  -12.663 1.00 12.42 ? 1117 PRO A C   1 
ATOM   317  O O   . PRO A 1 39  ? -14.111 -6.421  -13.880 1.00 13.84 ? 1117 PRO A O   1 
ATOM   318  C CB  . PRO A 1 39  ? -12.952 -8.042  -11.259 1.00 11.32 ? 1117 PRO A CB  1 
ATOM   319  C CG  . PRO A 1 39  ? -12.369 -7.907  -9.875  1.00 10.46 ? 1117 PRO A CG  1 
ATOM   320  C CD  . PRO A 1 39  ? -13.082 -6.715  -9.287  1.00 10.44 ? 1117 PRO A CD  1 
ATOM   321  N N   . GLN A 1 40  ? -15.534 -6.304  -12.143 1.00 11.74 ? 1118 GLN A N   1 
ATOM   322  C CA  . GLN A 1 40  ? -16.677 -6.153  -13.039 1.00 15.54 ? 1118 GLN A CA  1 
ATOM   323  C C   . GLN A 1 40  ? -16.634 -4.807  -13.749 1.00 14.65 ? 1118 GLN A C   1 
ATOM   324  O O   . GLN A 1 40  ? -16.760 -4.734  -14.979 1.00 12.56 ? 1118 GLN A O   1 
ATOM   325  C CB  . GLN A 1 40  ? -17.994 -6.317  -12.273 1.00 15.55 ? 1118 GLN A CB  1 
ATOM   326  C CG  . GLN A 1 40  ? -19.199 -6.239  -13.199 1.00 15.30 ? 1118 GLN A CG  1 
ATOM   327  C CD  . GLN A 1 40  ? -20.532 -6.322  -12.488 1.00 24.44 ? 1118 GLN A CD  1 
ATOM   328  O OE1 . GLN A 1 40  ? -20.602 -6.409  -11.260 1.00 24.43 ? 1118 GLN A OE1 1 
ATOM   329  N NE2 . GLN A 1 40  ? -21.605 -6.266  -13.266 1.00 23.15 ? 1118 GLN A NE2 1 
ATOM   330  N N   . LEU A 1 41  ? -16.446 -3.730  -12.987 1.00 11.27 ? 1119 LEU A N   1 
ATOM   331  C CA  . LEU A 1 41  ? -16.338 -2.403  -13.579 1.00 13.12 ? 1119 LEU A CA  1 
ATOM   332  C C   . LEU A 1 41  ? -15.214 -2.347  -14.603 1.00 14.65 ? 1119 LEU A C   1 
ATOM   333  O O   . LEU A 1 41  ? -15.380 -1.794  -15.698 1.00 14.36 ? 1119 LEU A O   1 
ATOM   334  C CB  . LEU A 1 41  ? -16.114 -1.374  -12.475 1.00 13.00 ? 1119 LEU A CB  1 
ATOM   335  C CG  . LEU A 1 41  ? -15.836 0.073   -12.881 1.00 14.30 ? 1119 LEU A CG  1 
ATOM   336  C CD1 . LEU A 1 41  ? -16.996 0.653   -13.667 1.00 16.56 ? 1119 LEU A CD1 1 
ATOM   337  C CD2 . LEU A 1 41  ? -15.555 0.887   -11.631 1.00 17.43 ? 1119 LEU A CD2 1 
ATOM   338  N N   . LEU A 1 42  ? -14.067 -2.937  -14.273 1.00 11.77 ? 1120 LEU A N   1 
ATOM   339  C CA  . LEU A 1 42  ? -12.903 -2.870  -15.141 1.00 12.47 ? 1120 LEU A CA  1 
ATOM   340  C C   . LEU A 1 42  ? -12.915 -3.919  -16.245 1.00 14.70 ? 1120 LEU A C   1 
ATOM   341  O O   . LEU A 1 42  ? -12.022 -3.893  -17.105 1.00 16.93 ? 1120 LEU A O   1 
ATOM   342  C CB  . LEU A 1 42  ? -11.631 -2.995  -14.298 1.00 11.55 ? 1120 LEU A CB  1 
ATOM   343  C CG  . LEU A 1 42  ? -11.421 -1.825  -13.326 1.00 13.22 ? 1120 LEU A CG  1 
ATOM   344  C CD1 . LEU A 1 42  ? -10.285 -2.147  -12.354 1.00 14.35 ? 1120 LEU A CD1 1 
ATOM   345  C CD2 . LEU A 1 42  ? -11.137 -0.525  -14.072 1.00 16.48 ? 1120 LEU A CD2 1 
ATOM   346  N N   . GLY A 1 43  ? -13.905 -4.811  -16.264 1.00 12.50 ? 1121 GLY A N   1 
ATOM   347  C CA  . GLY A 1 43  ? -13.971 -5.831  -17.301 1.00 13.71 ? 1121 GLY A CA  1 
ATOM   348  C C   . GLY A 1 43  ? -12.833 -6.827  -17.267 1.00 15.62 ? 1121 GLY A C   1 
ATOM   349  O O   . GLY A 1 43  ? -12.349 -7.253  -18.324 1.00 17.87 ? 1121 GLY A O   1 
ATOM   350  N N   . ILE A 1 44  ? -12.401 -7.221  -16.075 1.00 11.99 ? 1122 ILE A N   1 
ATOM   351  C CA  . ILE A 1 44  ? -11.271 -8.139  -15.951 1.00 13.01 ? 1122 ILE A CA  1 
ATOM   352  C C   . ILE A 1 44  ? -11.696 -9.301  -15.057 1.00 16.45 ? 1122 ILE A C   1 
ATOM   353  O O   . ILE A 1 44  ? -11.235 -9.424  -13.908 1.00 10.77 ? 1122 ILE A O   1 
ATOM   354  C CB  . ILE A 1 44  ? -10.015 -7.408  -15.444 1.00 13.35 ? 1122 ILE A CB  1 
ATOM   355  C CG1 . ILE A 1 44  ? -10.324 -6.491  -14.251 1.00 10.92 ? 1122 ILE A CG1 1 
ATOM   356  C CG2 . ILE A 1 44  ? -9.392  -6.578  -16.590 1.00 12.17 ? 1122 ILE A CG2 1 
ATOM   357  C CD1 . ILE A 1 44  ? -9.080  -5.806  -13.685 1.00 13.00 ? 1122 ILE A CD1 1 
ATOM   358  N N   . PRO A 1 45  ? -12.570 -10.184 -15.556 1.00 14.65 ? 1123 PRO A N   1 
ATOM   359  C CA  . PRO A 1 45  ? -13.161 -11.220 -14.694 1.00 16.17 ? 1123 PRO A CA  1 
ATOM   360  C C   . PRO A 1 45  ? -12.157 -12.173 -14.066 1.00 12.72 ? 1123 PRO A C   1 
ATOM   361  O O   . PRO A 1 45  ? -12.507 -12.833 -13.078 1.00 17.16 ? 1123 PRO A O   1 
ATOM   362  C CB  . PRO A 1 45  ? -14.117 -11.965 -15.644 1.00 19.42 ? 1123 PRO A CB  1 
ATOM   363  C CG  . PRO A 1 45  ? -13.668 -11.594 -17.031 1.00 19.93 ? 1123 PRO A CG  1 
ATOM   364  C CD  . PRO A 1 45  ? -13.109 -10.216 -16.926 1.00 16.43 ? 1123 PRO A CD  1 
ATOM   365  N N   . ASP A 1 46  ? -10.928 -12.258 -14.579 1.00 12.98 ? 1124 ASP A N   1 
ATOM   366  C CA  . ASP A 1 46  ? -9.937  -13.165 -14.011 1.00 12.07 ? 1124 ASP A CA  1 
ATOM   367  C C   . ASP A 1 46  ? -9.143  -12.543 -12.873 1.00 12.15 ? 1124 ASP A C   1 
ATOM   368  O O   . ASP A 1 46  ? -8.241  -13.202 -12.345 1.00 13.86 ? 1124 ASP A O   1 
ATOM   369  C CB  . ASP A 1 46  ? -8.977  -13.683 -15.107 1.00 16.56 ? 1124 ASP A CB  1 
ATOM   370  C CG  . ASP A 1 46  ? -8.058  -12.608 -15.679 1.00 16.47 ? 1124 ASP A CG  1 
ATOM   371  O OD1 . ASP A 1 46  ? -8.405  -11.406 -15.661 1.00 15.70 ? 1124 ASP A OD1 1 
ATOM   372  O OD2 . ASP A 1 46  ? -6.968  -12.978 -16.181 1.00 17.43 ? 1124 ASP A OD2 1 
ATOM   373  N N   . TYR A 1 47  ? -9.481  -11.318 -12.451 1.00 12.29 ? 1125 TYR A N   1 
ATOM   374  C CA  . TYR A 1 47  ? -8.640  -10.609 -11.482 1.00 10.87 ? 1125 TYR A CA  1 
ATOM   375  C C   . TYR A 1 47  ? -8.544  -11.365 -10.162 1.00 10.83 ? 1125 TYR A C   1 
ATOM   376  O O   . TYR A 1 47  ? -7.447  -11.565 -9.627  1.00 10.86 ? 1125 TYR A O   1 
ATOM   377  C CB  . TYR A 1 47  ? -9.161  -9.191  -11.233 1.00 10.30 ? 1125 TYR A CB  1 
ATOM   378  C CG  . TYR A 1 47  ? -8.231  -8.405  -10.311 1.00 9.94  ? 1125 TYR A CG  1 
ATOM   379  C CD1 . TYR A 1 47  ? -7.095  -7.771  -10.809 1.00 8.01  ? 1125 TYR A CD1 1 
ATOM   380  C CD2 . TYR A 1 47  ? -8.488  -8.318  -8.944  1.00 11.61 ? 1125 TYR A CD2 1 
ATOM   381  C CE1 . TYR A 1 47  ? -6.238  -7.059  -9.955  1.00 10.22 ? 1125 TYR A CE1 1 
ATOM   382  C CE2 . TYR A 1 47  ? -7.646  -7.624  -8.090  1.00 10.30 ? 1125 TYR A CE2 1 
ATOM   383  C CZ  . TYR A 1 47  ? -6.527  -6.994  -8.594  1.00 9.25  ? 1125 TYR A CZ  1 
ATOM   384  O OH  . TYR A 1 47  ? -5.689  -6.296  -7.743  1.00 9.43  ? 1125 TYR A OH  1 
ATOM   385  N N   . PHE A 1 48  ? -9.684  -11.790 -9.613  1.00 9.49  ? 1126 PHE A N   1 
ATOM   386  C CA  . PHE A 1 48  ? -9.652  -12.453 -8.312  1.00 10.56 ? 1126 PHE A CA  1 
ATOM   387  C C   . PHE A 1 48  ? -9.109  -13.874 -8.403  1.00 11.39 ? 1126 PHE A C   1 
ATOM   388  O O   . PHE A 1 48  ? -8.781  -14.457 -7.363  1.00 11.09 ? 1126 PHE A O   1 
ATOM   389  C CB  . PHE A 1 48  ? -11.047 -12.484 -7.687  1.00 11.46 ? 1126 PHE A CB  1 
ATOM   390  C CG  . PHE A 1 48  ? -11.514 -11.155 -7.145  1.00 10.49 ? 1126 PHE A CG  1 
ATOM   391  C CD1 . PHE A 1 48  ? -10.621 -10.265 -6.554  1.00 11.32 ? 1126 PHE A CD1 1 
ATOM   392  C CD2 . PHE A 1 48  ? -12.853 -10.808 -7.212  1.00 10.47 ? 1126 PHE A CD2 1 
ATOM   393  C CE1 . PHE A 1 48  ? -11.069 -9.040  -6.045  1.00 12.75 ? 1126 PHE A CE1 1 
ATOM   394  C CE2 . PHE A 1 48  ? -13.306 -9.588  -6.720  1.00 11.16 ? 1126 PHE A CE2 1 
ATOM   395  C CZ  . PHE A 1 48  ? -12.418 -8.706  -6.129  1.00 10.65 ? 1126 PHE A CZ  1 
ATOM   396  N N   . ASP A 1 49  ? -9.030  -14.452 -9.610  1.00 11.44 ? 1127 ASP A N   1 
ATOM   397  C CA  . ASP A 1 49  ? -8.364  -15.745 -9.769  1.00 14.98 ? 1127 ASP A CA  1 
ATOM   398  C C   . ASP A 1 49  ? -6.861  -15.607 -9.583  1.00 15.34 ? 1127 ASP A C   1 
ATOM   399  O O   . ASP A 1 49  ? -6.214  -16.477 -8.976  1.00 14.11 ? 1127 ASP A O   1 
ATOM   400  C CB  . ASP A 1 49  ? -8.653  -16.334 -11.153 1.00 15.88 ? 1127 ASP A CB  1 
ATOM   401  C CG  . ASP A 1 49  ? -10.124 -16.629 -11.366 1.00 22.50 ? 1127 ASP A CG  1 
ATOM   402  O OD1 . ASP A 1 49  ? -10.775 -17.117 -10.421 1.00 25.09 ? 1127 ASP A OD1 1 
ATOM   403  O OD2 . ASP A 1 49  ? -10.631 -16.365 -12.477 1.00 26.76 ? 1127 ASP A OD2 1 
ATOM   404  N N   . ILE A 1 50  ? -6.295  -14.518 -10.105 1.00 11.21 ? 1128 ILE A N   1 
ATOM   405  C CA  . ILE A 1 50  ? -4.854  -14.292 -10.083 1.00 9.37  ? 1128 ILE A CA  1 
ATOM   406  C C   . ILE A 1 50  ? -4.420  -13.593 -8.803  1.00 11.86 ? 1128 ILE A C   1 
ATOM   407  O O   . ILE A 1 50  ? -3.392  -13.950 -8.218  1.00 13.26 ? 1128 ILE A O   1 
ATOM   408  C CB  . ILE A 1 50  ? -4.435  -13.488 -11.330 1.00 13.32 ? 1128 ILE A CB  1 
ATOM   409  C CG1 . ILE A 1 50  ? -4.582  -14.352 -12.585 1.00 14.71 ? 1128 ILE A CG1 1 
ATOM   410  C CG2 . ILE A 1 50  ? -3.015  -12.995 -11.195 1.00 11.64 ? 1128 ILE A CG2 1 
ATOM   411  C CD1 . ILE A 1 50  ? -4.470  -13.567 -13.867 1.00 20.35 ? 1128 ILE A CD1 1 
ATOM   412  N N   . VAL A 1 51  ? -5.177  -12.588 -8.359  1.00 9.46  ? 1129 VAL A N   1 
ATOM   413  C CA  . VAL A 1 51  ? -4.844  -11.805 -7.174  1.00 9.50  ? 1129 VAL A CA  1 
ATOM   414  C C   . VAL A 1 51  ? -5.640  -12.377 -6.010  1.00 11.14 ? 1129 VAL A C   1 
ATOM   415  O O   . VAL A 1 51  ? -6.839  -12.112 -5.863  1.00 11.11 ? 1129 VAL A O   1 
ATOM   416  C CB  . VAL A 1 51  ? -5.133  -10.317 -7.385  1.00 9.28  ? 1129 VAL A CB  1 
ATOM   417  C CG1 . VAL A 1 51  ? -4.837  -9.537  -6.092  1.00 12.02 ? 1129 VAL A CG1 1 
ATOM   418  C CG2 . VAL A 1 51  ? -4.289  -9.813  -8.540  1.00 12.37 ? 1129 VAL A CG2 1 
ATOM   419  N N   . LYS A 1 52  ? -4.972  -13.173 -5.170  1.00 10.39 ? 1130 LYS A N   1 
ATOM   420  C CA  . LYS A 1 52  ? -5.672  -13.891 -4.117  1.00 13.45 ? 1130 LYS A CA  1 
ATOM   421  C C   . LYS A 1 52  ? -5.891  -13.040 -2.873  1.00 12.59 ? 1130 LYS A C   1 
ATOM   422  O O   . LYS A 1 52  ? -6.815  -13.319 -2.101  1.00 12.50 ? 1130 LYS A O   1 
ATOM   423  C CB  . LYS A 1 52  ? -4.903  -15.169 -3.785  1.00 13.47 ? 1130 LYS A CB  1 
ATOM   424  C CG  . LYS A 1 52  ? -4.907  -16.164 -4.945  1.00 14.73 ? 1130 LYS A CG  1 
ATOM   425  C CD  . LYS A 1 52  ? -4.244  -17.475 -4.574  1.00 21.84 ? 1130 LYS A CD  1 
ATOM   426  C CE  . LYS A 1 52  ? -4.337  -18.486 -5.715  1.00 26.36 ? 1130 LYS A CE  1 
ATOM   427  N NZ  . LYS A 1 52  ? -3.720  -19.795 -5.340  1.00 31.69 ? 1130 LYS A NZ  1 
ATOM   428  N N   . ASN A 1 53  ? -5.093  -11.991 -2.684  1.00 10.76 ? 1131 ASN A N   1 
ATOM   429  C CA  . ASN A 1 53  ? -5.191  -11.119 -1.508  1.00 12.02 ? 1131 ASN A CA  1 
ATOM   430  C C   . ASN A 1 53  ? -5.139  -9.670  -1.972  1.00 9.35  ? 1131 ASN A C   1 
ATOM   431  O O   . ASN A 1 53  ? -4.098  -9.009  -1.854  1.00 10.18 ? 1131 ASN A O   1 
ATOM   432  C CB  . ASN A 1 53  ? -4.071  -11.408 -0.506  1.00 12.65 ? 1131 ASN A CB  1 
ATOM   433  C CG  . ASN A 1 53  ? -4.151  -12.802 0.079   1.00 15.28 ? 1131 ASN A CG  1 
ATOM   434  O OD1 . ASN A 1 53  ? -3.291  -13.652 -0.195  1.00 29.02 ? 1131 ASN A OD1 1 
ATOM   435  N ND2 . ASN A 1 53  ? -5.175  -13.054 0.884   1.00 15.64 ? 1131 ASN A ND2 1 
ATOM   436  N N   . PRO A 1 54  ? -6.255  -9.132  -2.471  1.00 9.16  ? 1132 PRO A N   1 
ATOM   437  C CA  . PRO A 1 54  ? -6.252  -7.745  -2.972  1.00 8.63  ? 1132 PRO A CA  1 
ATOM   438  C C   . PRO A 1 54  ? -5.952  -6.748  -1.862  1.00 9.43  ? 1132 PRO A C   1 
ATOM   439  O O   . PRO A 1 54  ? -6.245  -6.983  -0.685  1.00 8.89  ? 1132 PRO A O   1 
ATOM   440  C CB  . PRO A 1 54  ? -7.677  -7.552  -3.511  1.00 9.46  ? 1132 PRO A CB  1 
ATOM   441  C CG  . PRO A 1 54  ? -8.208  -8.947  -3.726  1.00 9.38  ? 1132 PRO A CG  1 
ATOM   442  C CD  . PRO A 1 54  ? -7.565  -9.783  -2.653  1.00 9.55  ? 1132 PRO A CD  1 
ATOM   443  N N   . MET A 1 55  ? -5.366  -5.618  -2.251  1.00 7.73  ? 1133 MET A N   1 
ATOM   444  C CA  . MET A 1 55  ? -5.063  -4.538  -1.322  1.00 7.66  ? 1133 MET A CA  1 
ATOM   445  C C   . MET A 1 55  ? -5.074  -3.227  -2.096  1.00 7.91  ? 1133 MET A C   1 
ATOM   446  O O   . MET A 1 55  ? -4.717  -3.195  -3.277  1.00 8.89  ? 1133 MET A O   1 
ATOM   447  C CB  . MET A 1 55  ? -3.705  -4.773  -0.642  1.00 8.18  ? 1133 MET A CB  1 
ATOM   448  C CG  . MET A 1 55  ? -3.362  -3.790  0.480   1.00 8.59  ? 1133 MET A CG  1 
ATOM   449  S SD  . MET A 1 55  ? -4.605  -3.715  1.802   1.00 10.18 ? 1133 MET A SD  1 
ATOM   450  C CE  . MET A 1 55  ? -4.713  -5.428  2.340   1.00 11.49 ? 1133 MET A CE  1 
ATOM   451  N N   . ASP A 1 56  ? -5.468  -2.148  -1.421  1.00 7.42  ? 1134 ASP A N   1 
ATOM   452  C CA  . ASP A 1 56  ? -5.522  -0.820  -2.024  1.00 7.91  ? 1134 ASP A CA  1 
ATOM   453  C C   . ASP A 1 56  ? -5.351  0.229   -0.934  1.00 9.57  ? 1134 ASP A C   1 
ATOM   454  O O   . ASP A 1 56  ? -5.350  -0.080  0.261   1.00 9.63  ? 1134 ASP A O   1 
ATOM   455  C CB  . ASP A 1 56  ? -6.847  -0.595  -2.752  1.00 7.99  ? 1134 ASP A CB  1 
ATOM   456  C CG  . ASP A 1 56  ? -8.008  -0.468  -1.786  1.00 10.40 ? 1134 ASP A CG  1 
ATOM   457  O OD1 . ASP A 1 56  ? -8.313  -1.469  -1.095  1.00 11.73 ? 1134 ASP A OD1 1 
ATOM   458  O OD2 . ASP A 1 56  ? -8.602  0.628   -1.707  1.00 11.08 ? 1134 ASP A OD2 1 
ATOM   459  N N   . LEU A 1 57  ? -5.233  1.491   -1.362  1.00 8.59  ? 1135 LEU A N   1 
ATOM   460  C CA  . LEU A 1 57  ? -4.960  2.570   -0.418  1.00 7.19  ? 1135 LEU A CA  1 
ATOM   461  C C   . LEU A 1 57  ? -6.082  2.737   0.602   1.00 9.03  ? 1135 LEU A C   1 
ATOM   462  O O   . LEU A 1 57  ? -5.816  2.995   1.780   1.00 8.51  ? 1135 LEU A O   1 
ATOM   463  C CB  . LEU A 1 57  ? -4.726  3.881   -1.170  1.00 10.26 ? 1135 LEU A CB  1 
ATOM   464  C CG  . LEU A 1 57  ? -3.399  4.026   -1.911  1.00 8.57  ? 1135 LEU A CG  1 
ATOM   465  C CD1 . LEU A 1 57  ? -3.382  5.306   -2.747  1.00 9.13  ? 1135 LEU A CD1 1 
ATOM   466  C CD2 . LEU A 1 57  ? -2.242  4.035   -0.917  1.00 8.39  ? 1135 LEU A CD2 1 
ATOM   467  N N   . SER A 1 58  ? -7.346  2.612   0.172   1.00 8.81  ? 1136 SER A N   1 
ATOM   468  C CA  . SER A 1 58  ? -8.443  2.839   1.113   1.00 9.97  ? 1136 SER A CA  1 
ATOM   469  C C   . SER A 1 58  ? -8.422  1.800   2.232   1.00 9.78  ? 1136 SER A C   1 
ATOM   470  O O   . SER A 1 58  ? -8.735  2.109   3.392   1.00 10.18 ? 1136 SER A O   1 
ATOM   471  C CB  . SER A 1 58  ? -9.792  2.826   0.381   1.00 11.69 ? 1136 SER A CB  1 
ATOM   472  O OG  . SER A 1 58  ? -10.243 1.504   0.131   1.00 12.91 ? 1136 SER A OG  1 
ATOM   473  N N   . THR A 1 59  ? -8.043  0.560   1.908   1.00 9.47  ? 1137 THR A N   1 
ATOM   474  C CA  . THR A 1 59  ? -7.984  -0.482  2.929   1.00 8.18  ? 1137 THR A CA  1 
ATOM   475  C C   . THR A 1 59  ? -6.824  -0.241  3.887   1.00 9.76  ? 1137 THR A C   1 
ATOM   476  O O   . THR A 1 59  ? -6.977  -0.387  5.106   1.00 9.11  ? 1137 THR A O   1 
ATOM   477  C CB  . THR A 1 59  ? -7.866  -1.852  2.255   1.00 10.36 ? 1137 THR A CB  1 
ATOM   478  O OG1 . THR A 1 59  ? -9.001  -2.046  1.396   1.00 10.23 ? 1137 THR A OG1 1 
ATOM   479  C CG2 . THR A 1 59  ? -7.812  -2.977  3.294   1.00 11.56 ? 1137 THR A CG2 1 
ATOM   480  N N   . ILE A 1 60  ? -5.655  0.112   3.349   1.00 7.69  ? 1138 ILE A N   1 
ATOM   481  C CA  . ILE A 1 60  ? -4.504  0.446   4.187   1.00 7.10  ? 1138 ILE A CA  1 
ATOM   482  C C   . ILE A 1 60  ? -4.828  1.633   5.089   1.00 10.31 ? 1138 ILE A C   1 
ATOM   483  O O   . ILE A 1 60  ? -4.523  1.627   6.292   1.00 11.60 ? 1138 ILE A O   1 
ATOM   484  C CB  . ILE A 1 60  ? -3.280  0.740   3.305   1.00 9.43  ? 1138 ILE A CB  1 
ATOM   485  C CG1 . ILE A 1 60  ? -2.922  -0.497  2.473   1.00 8.77  ? 1138 ILE A CG1 1 
ATOM   486  C CG2 . ILE A 1 60  ? -2.112  1.229   4.165   1.00 9.32  ? 1138 ILE A CG2 1 
ATOM   487  C CD1 . ILE A 1 60  ? -1.819  -0.245  1.445   1.00 10.23 ? 1138 ILE A CD1 1 
ATOM   488  N N   . LYS A 1 61  ? -5.456  2.665   4.520   1.00 9.02  ? 1139 LYS A N   1 
ATOM   489  C CA  . LYS A 1 61  ? -5.792  3.859   5.291   1.00 9.49  ? 1139 LYS A CA  1 
ATOM   490  C C   . LYS A 1 61  ? -6.715  3.521   6.451   1.00 11.63 ? 1139 LYS A C   1 
ATOM   491  O O   . LYS A 1 61  ? -6.474  3.934   7.592   1.00 11.76 ? 1139 LYS A O   1 
ATOM   492  C CB  . LYS A 1 61  ? -6.437  4.909   4.385   1.00 10.77 ? 1139 LYS A CB  1 
ATOM   493  C CG  . LYS A 1 61  ? -6.919  6.161   5.144   1.00 13.09 ? 1139 LYS A CG  1 
ATOM   494  C CD  . LYS A 1 61  ? -7.459  7.193   4.179   1.00 17.89 ? 1139 LYS A CD  1 
ATOM   495  C CE  . LYS A 1 61  ? -8.023  8.387   4.917   1.00 28.78 ? 1139 LYS A CE  1 
ATOM   496  N NZ  . LYS A 1 61  ? -9.238  7.986   5.679   1.00 32.86 ? 1139 LYS A NZ  1 
ATOM   497  N N   . ARG A 1 62  ? -7.767  2.747   6.187   1.00 10.60 ? 1140 ARG A N   1 
ATOM   498  C CA  . ARG A 1 62  ? -8.705  2.422   7.257   1.00 11.38 ? 1140 ARG A CA  1 
ATOM   499  C C   . ARG A 1 62  ? -8.042  1.564   8.329   1.00 12.20 ? 1140 ARG A C   1 
ATOM   500  O O   . ARG A 1 62  ? -8.295  1.753   9.526   1.00 13.73 ? 1140 ARG A O   1 
ATOM   501  C CB  . ARG A 1 62  ? -9.946  1.743   6.671   1.00 12.75 ? 1140 ARG A CB  1 
ATOM   502  C CG  . ARG A 1 62  ? -10.702 2.689   5.743   1.00 14.21 ? 1140 ARG A CG  1 
ATOM   503  C CD  . ARG A 1 62  ? -11.773 1.987   4.903   1.00 16.96 ? 1140 ARG A CD  1 
ATOM   504  N NE  . ARG A 1 62  ? -12.240 2.861   3.828   1.00 17.25 ? 1140 ARG A NE  1 
ATOM   505  C CZ  . ARG A 1 62  ? -13.357 2.660   3.129   1.00 17.02 ? 1140 ARG A CZ  1 
ATOM   506  N NH1 . ARG A 1 62  ? -14.135 1.623   3.404   1.00 17.91 ? 1140 ARG A NH1 1 
ATOM   507  N NH2 . ARG A 1 62  ? -13.699 3.508   2.162   1.00 16.64 ? 1140 ARG A NH2 1 
ATOM   508  N N   . LYS A 1 63  ? -7.151  0.644   7.930   1.00 10.10 ? 1141 LYS A N   1 
ATOM   509  C CA  . LYS A 1 63  ? -6.476  -0.172  8.934   1.00 11.87 ? 1141 LYS A CA  1 
ATOM   510  C C   . LYS A 1 63  ? -5.534  0.679   9.781   1.00 11.08 ? 1141 LYS A C   1 
ATOM   511  O O   . LYS A 1 63  ? -5.475  0.518   11.006  1.00 11.08 ? 1141 LYS A O   1 
ATOM   512  C CB  . LYS A 1 63  ? -5.725  -1.339  8.270   1.00 11.28 ? 1141 LYS A CB  1 
ATOM   513  C CG  . LYS A 1 63  ? -6.653  -2.440  7.744   1.00 12.02 ? 1141 LYS A CG  1 
ATOM   514  C CD  . LYS A 1 63  ? -5.910  -3.524  6.962   1.00 12.36 ? 1141 LYS A CD  1 
ATOM   515  C CE  . LYS A 1 63  ? -5.024  -4.387  7.853   1.00 16.19 ? 1141 LYS A CE  1 
ATOM   516  N NZ  . LYS A 1 63  ? -4.450  -5.567  7.095   1.00 14.35 ? 1141 LYS A NZ  1 
ATOM   517  N N   . LEU A 1 64  ? -4.818  1.611   9.153   1.00 9.49  ? 1142 LEU A N   1 
ATOM   518  C CA  . LEU A 1 64  ? -3.900  2.457   9.909   1.00 11.14 ? 1142 LEU A CA  1 
ATOM   519  C C   . LEU A 1 64  ? -4.660  3.454   10.769  1.00 12.85 ? 1142 LEU A C   1 
ATOM   520  O O   . LEU A 1 64  ? -4.265  3.720   11.912  1.00 11.80 ? 1142 LEU A O   1 
ATOM   521  C CB  . LEU A 1 64  ? -2.944  3.179   8.956   1.00 9.70  ? 1142 LEU A CB  1 
ATOM   522  C CG  . LEU A 1 64  ? -1.736  3.907   9.573   1.00 13.98 ? 1142 LEU A CG  1 
ATOM   523  C CD1 . LEU A 1 64  ? -0.788  2.939   10.261  1.00 9.72  ? 1142 LEU A CD1 1 
ATOM   524  C CD2 . LEU A 1 64  ? -0.984  4.725   8.523   1.00 11.34 ? 1142 LEU A CD2 1 
ATOM   525  N N   . ASP A 1 65  ? -5.757  4.007   10.242  1.00 11.17 ? 1143 ASP A N   1 
ATOM   526  C CA  . ASP A 1 65  ? -6.544  4.983   10.999  1.00 14.20 ? 1143 ASP A CA  1 
ATOM   527  C C   . ASP A 1 65  ? -7.135  4.375   12.257  1.00 14.76 ? 1143 ASP A C   1 
ATOM   528  O O   . ASP A 1 65  ? -7.273  5.066   13.272  1.00 16.11 ? 1143 ASP A O   1 
ATOM   529  C CB  . ASP A 1 65  ? -7.693  5.532   10.150  1.00 15.19 ? 1143 ASP A CB  1 
ATOM   530  C CG  . ASP A 1 65  ? -7.246  6.549   9.136   1.00 18.79 ? 1143 ASP A CG  1 
ATOM   531  O OD1 . ASP A 1 65  ? -6.111  7.056   9.243   1.00 21.86 ? 1143 ASP A OD1 1 
ATOM   532  O OD2 . ASP A 1 65  ? -8.045  6.840   8.221   1.00 24.88 ? 1143 ASP A OD2 1 
ATOM   533  N N   . THR A 1 66  ? -7.516  3.099   12.201  1.00 15.65 ? 1144 THR A N   1 
ATOM   534  C CA  . THR A 1 66  ? -8.191  2.442   13.309  1.00 14.18 ? 1144 THR A CA  1 
ATOM   535  C C   . THR A 1 66  ? -7.243  1.609   14.160  1.00 16.57 ? 1144 THR A C   1 
ATOM   536  O O   . THR A 1 66  ? -7.702  0.848   15.020  1.00 19.25 ? 1144 THR A O   1 
ATOM   537  C CB  . THR A 1 66  ? -9.343  1.574   12.793  1.00 14.94 ? 1144 THR A CB  1 
ATOM   538  O OG1 . THR A 1 66  ? -8.835  0.568   11.908  1.00 12.20 ? 1144 THR A OG1 1 
ATOM   539  C CG2 . THR A 1 66  ? -10.366 2.425   12.055  1.00 20.58 ? 1144 THR A CG2 1 
ATOM   540  N N   . GLY A 1 67  ? -5.939  1.749   13.960  1.00 12.68 ? 1145 GLY A N   1 
ATOM   541  C CA  . GLY A 1 67  ? -4.978  1.055   14.794  1.00 12.43 ? 1145 GLY A CA  1 
ATOM   542  C C   . GLY A 1 67  ? -4.956  -0.446  14.641  1.00 14.55 ? 1145 GLY A C   1 
ATOM   543  O O   . GLY A 1 67  ? -4.683  -1.151  15.617  1.00 15.70 ? 1145 GLY A O   1 
ATOM   544  N N   . GLN A 1 68  ? -5.228  -0.965  13.436  1.00 13.22 ? 1146 GLN A N   1 
ATOM   545  C CA  . GLN A 1 68  ? -5.190  -2.407  13.232  1.00 12.14 ? 1146 GLN A CA  1 
ATOM   546  C C   . GLN A 1 68  ? -3.777  -2.951  13.044  1.00 10.88 ? 1146 GLN A C   1 
ATOM   547  O O   . GLN A 1 68  ? -3.563  -4.161  13.213  1.00 16.72 ? 1146 GLN A O   1 
ATOM   548  C CB  . GLN A 1 68  ? -6.058  -2.792  12.032  1.00 11.44 ? 1146 GLN A CB  1 
ATOM   549  C CG  . GLN A 1 68  ? -7.543  -2.554  12.293  1.00 16.74 ? 1146 GLN A CG  1 
ATOM   550  C CD  . GLN A 1 68  ? -8.420  -2.953  11.122  1.00 15.50 ? 1146 GLN A CD  1 
ATOM   551  O OE1 . GLN A 1 68  ? -8.306  -4.063  10.591  1.00 18.64 ? 1146 GLN A OE1 1 
ATOM   552  N NE2 . GLN A 1 68  ? -9.305  -2.048  10.714  1.00 15.20 ? 1146 GLN A NE2 1 
ATOM   553  N N   . TYR A 1 69  ? -2.809  -2.099  12.720  1.00 12.30 ? 1147 TYR A N   1 
ATOM   554  C CA  . TYR A 1 69  ? -1.434  -2.555  12.556  1.00 9.95  ? 1147 TYR A CA  1 
ATOM   555  C C   . TYR A 1 69  ? -0.770  -2.633  13.923  1.00 12.14 ? 1147 TYR A C   1 
ATOM   556  O O   . TYR A 1 69  ? -0.686  -1.627  14.632  1.00 14.34 ? 1147 TYR A O   1 
ATOM   557  C CB  . TYR A 1 69  ? -0.666  -1.615  11.633  1.00 10.87 ? 1147 TYR A CB  1 
ATOM   558  C CG  . TYR A 1 69  ? -1.163  -1.668  10.210  1.00 8.51  ? 1147 TYR A CG  1 
ATOM   559  C CD1 . TYR A 1 69  ? -1.118  -2.856  9.494   1.00 12.12 ? 1147 TYR A CD1 1 
ATOM   560  C CD2 . TYR A 1 69  ? -1.680  -0.541  9.583   1.00 9.25  ? 1147 TYR A CD2 1 
ATOM   561  C CE1 . TYR A 1 69  ? -1.571  -2.928  8.182   1.00 10.17 ? 1147 TYR A CE1 1 
ATOM   562  C CE2 . TYR A 1 69  ? -2.129  -0.603  8.270   1.00 8.91  ? 1147 TYR A CE2 1 
ATOM   563  C CZ  . TYR A 1 69  ? -2.072  -1.798  7.579   1.00 9.78  ? 1147 TYR A CZ  1 
ATOM   564  O OH  . TYR A 1 69  ? -2.525  -1.848  6.285   1.00 12.21 ? 1147 TYR A OH  1 
ATOM   565  N N   . GLN A 1 70  ? -0.292  -3.816  14.294  1.00 12.70 ? 1148 GLN A N   1 
ATOM   566  C CA  . GLN A 1 70  ? 0.333   -3.981  15.599  1.00 13.90 ? 1148 GLN A CA  1 
ATOM   567  C C   . GLN A 1 70  ? 1.852   -3.955  15.545  1.00 14.55 ? 1148 GLN A C   1 
ATOM   568  O O   . GLN A 1 70  ? 2.490   -3.839  16.597  1.00 12.68 ? 1148 GLN A O   1 
ATOM   569  C CB  . GLN A 1 70  ? -0.142  -5.284  16.253  1.00 14.11 ? 1148 GLN A CB  1 
ATOM   570  C CG  . GLN A 1 70  ? -1.604  -5.229  16.659  1.00 19.92 ? 1148 GLN A CG  1 
ATOM   571  C CD  . GLN A 1 70  ? -2.025  -6.457  17.428  1.00 29.88 ? 1148 GLN A CD  1 
ATOM   572  O OE1 . GLN A 1 70  ? -2.220  -7.525  16.851  1.00 30.94 ? 1148 GLN A OE1 1 
ATOM   573  N NE2 . GLN A 1 70  ? -2.157  -6.318  18.744  1.00 31.25 ? 1148 GLN A NE2 1 
ATOM   574  N N   . GLU A 1 71  ? 2.440   -4.065  14.359  1.00 10.43 ? 1149 GLU A N   1 
ATOM   575  C CA  . GLU A 1 71  ? 3.876   -3.996  14.144  1.00 12.29 ? 1149 GLU A CA  1 
ATOM   576  C C   . GLU A 1 71  ? 4.106   -3.142  12.913  1.00 13.49 ? 1149 GLU A C   1 
ATOM   577  O O   . GLU A 1 71  ? 3.269   -3.139  12.000  1.00 11.27 ? 1149 GLU A O   1 
ATOM   578  C CB  . GLU A 1 71  ? 4.493   -5.388  13.934  1.00 12.70 ? 1149 GLU A CB  1 
ATOM   579  C CG  . GLU A 1 71  ? 4.254   -6.351  15.073  1.00 13.42 ? 1149 GLU A CG  1 
ATOM   580  C CD  . GLU A 1 71  ? 5.284   -6.197  16.177  1.00 16.73 ? 1149 GLU A CD  1 
ATOM   581  O OE1 . GLU A 1 71  ? 5.957   -5.143  16.225  1.00 16.45 ? 1149 GLU A OE1 1 
ATOM   582  O OE2 . GLU A 1 71  ? 5.423   -7.138  16.986  1.00 18.20 ? 1149 GLU A OE2 1 
ATOM   583  N N   . PRO A 1 72  ? 5.202   -2.379  12.863  1.00 10.71 ? 1150 PRO A N   1 
ATOM   584  C CA  . PRO A 1 72  ? 5.418   -1.502  11.701  1.00 12.27 ? 1150 PRO A CA  1 
ATOM   585  C C   . PRO A 1 72  ? 5.498   -2.263  10.398  1.00 10.76 ? 1150 PRO A C   1 
ATOM   586  O O   . PRO A 1 72  ? 5.007   -1.761  9.379   1.00 10.99 ? 1150 PRO A O   1 
ATOM   587  C CB  . PRO A 1 72  ? 6.740   -0.781  12.019  1.00 13.90 ? 1150 PRO A CB  1 
ATOM   588  C CG  . PRO A 1 72  ? 7.339   -1.509  13.161  1.00 16.76 ? 1150 PRO A CG  1 
ATOM   589  C CD  . PRO A 1 72  ? 6.246   -2.219  13.895  1.00 13.54 ? 1150 PRO A CD  1 
ATOM   590  N N   . TRP A 1 73  ? 6.073   -3.471  10.406  1.00 12.50 ? 1151 TRP A N   1 
ATOM   591  C CA  . TRP A 1 73  ? 6.217   -4.243  9.177   1.00 11.17 ? 1151 TRP A CA  1 
ATOM   592  C C   . TRP A 1 73  ? 4.879   -4.714  8.629   1.00 12.46 ? 1151 TRP A C   1 
ATOM   593  O O   . TRP A 1 73  ? 4.791   -5.035  7.439   1.00 11.88 ? 1151 TRP A O   1 
ATOM   594  C CB  . TRP A 1 73  ? 7.148   -5.447  9.409   1.00 14.39 ? 1151 TRP A CB  1 
ATOM   595  C CG  . TRP A 1 73  ? 6.621   -6.519  10.328  1.00 17.57 ? 1151 TRP A CG  1 
ATOM   596  C CD1 . TRP A 1 73  ? 5.653   -7.443  10.049  1.00 20.26 ? 1151 TRP A CD1 1 
ATOM   597  C CD2 . TRP A 1 73  ? 7.064   -6.794  11.660  1.00 18.94 ? 1151 TRP A CD2 1 
ATOM   598  N NE1 . TRP A 1 73  ? 5.456   -8.263  11.130  1.00 26.22 ? 1151 TRP A NE1 1 
ATOM   599  C CE2 . TRP A 1 73  ? 6.310   -7.887  12.132  1.00 23.77 ? 1151 TRP A CE2 1 
ATOM   600  C CE3 . TRP A 1 73  ? 8.016   -6.217  12.499  1.00 24.83 ? 1151 TRP A CE3 1 
ATOM   601  C CZ2 . TRP A 1 73  ? 6.483   -8.421  13.410  1.00 32.30 ? 1151 TRP A CZ2 1 
ATOM   602  C CZ3 . TRP A 1 73  ? 8.190   -6.749  13.779  1.00 30.75 ? 1151 TRP A CZ3 1 
ATOM   603  C CH2 . TRP A 1 73  ? 7.422   -7.837  14.218  1.00 29.70 ? 1151 TRP A CH2 1 
ATOM   604  N N   . GLN A 1 74  ? 3.836   -4.766  9.459   1.00 9.46  ? 1152 GLN A N   1 
ATOM   605  C CA  . GLN A 1 74  ? 2.538   -5.186  8.936   1.00 11.67 ? 1152 GLN A CA  1 
ATOM   606  C C   . GLN A 1 74  ? 1.979   -4.151  7.974   1.00 10.32 ? 1152 GLN A C   1 
ATOM   607  O O   . GLN A 1 74  ? 1.326   -4.501  6.980   1.00 9.66  ? 1152 GLN A O   1 
ATOM   608  C CB  . GLN A 1 74  ? 1.570   -5.440  10.089  1.00 12.90 ? 1152 GLN A CB  1 
ATOM   609  C CG  . GLN A 1 74  ? 1.946   -6.630  10.952  1.00 13.21 ? 1152 GLN A CG  1 
ATOM   610  C CD  . GLN A 1 74  ? 1.038   -6.761  12.159  1.00 15.77 ? 1152 GLN A CD  1 
ATOM   611  O OE1 . GLN A 1 74  ? 0.481   -5.772  12.634  1.00 16.12 ? 1152 GLN A OE1 1 
ATOM   612  N NE2 . GLN A 1 74  ? 0.876   -7.984  12.654  1.00 20.72 ? 1152 GLN A NE2 1 
ATOM   613  N N   . TYR A 1 75  ? 2.226   -2.870  8.259   1.00 7.91  ? 1153 TYR A N   1 
ATOM   614  C CA  . TYR A 1 75  ? 1.856   -1.808  7.336   1.00 8.37  ? 1153 TYR A CA  1 
ATOM   615  C C   . TYR A 1 75  ? 2.678   -1.898  6.055   1.00 9.73  ? 1153 TYR A C   1 
ATOM   616  O O   . TYR A 1 75  ? 2.131   -1.855  4.949   1.00 9.89  ? 1153 TYR A O   1 
ATOM   617  C CB  . TYR A 1 75  ? 2.046   -0.450  8.023   1.00 9.65  ? 1153 TYR A CB  1 
ATOM   618  C CG  . TYR A 1 75  ? 2.043   0.740   7.087   1.00 8.68  ? 1153 TYR A CG  1 
ATOM   619  C CD1 . TYR A 1 75  ? 0.845   1.288   6.630   1.00 8.89  ? 1153 TYR A CD1 1 
ATOM   620  C CD2 . TYR A 1 75  ? 3.237   1.324   6.677   1.00 8.38  ? 1153 TYR A CD2 1 
ATOM   621  C CE1 . TYR A 1 75  ? 0.847   2.380   5.765   1.00 8.50  ? 1153 TYR A CE1 1 
ATOM   622  C CE2 . TYR A 1 75  ? 3.243   2.411   5.823   1.00 8.61  ? 1153 TYR A CE2 1 
ATOM   623  C CZ  . TYR A 1 75  ? 2.043   2.931   5.376   1.00 7.68  ? 1153 TYR A CZ  1 
ATOM   624  O OH  . TYR A 1 75  ? 2.039   4.012   4.537   1.00 10.05 ? 1153 TYR A OH  1 
ATOM   625  N N   . VAL A 1 76  ? 3.996   -2.056  6.197   1.00 8.57  ? 1154 VAL A N   1 
ATOM   626  C CA  . VAL A 1 76  ? 4.882   -2.149  5.045   1.00 8.51  ? 1154 VAL A CA  1 
ATOM   627  C C   . VAL A 1 76  ? 4.466   -3.312  4.158   1.00 10.19 ? 1154 VAL A C   1 
ATOM   628  O O   . VAL A 1 76  ? 4.418   -3.192  2.925   1.00 11.87 ? 1154 VAL A O   1 
ATOM   629  C CB  . VAL A 1 76  ? 6.343   -2.263  5.518   1.00 10.70 ? 1154 VAL A CB  1 
ATOM   630  C CG1 . VAL A 1 76  ? 7.266   -2.508  4.332   1.00 11.81 ? 1154 VAL A CG1 1 
ATOM   631  C CG2 . VAL A 1 76  ? 6.767   -0.980  6.246   1.00 11.51 ? 1154 VAL A CG2 1 
ATOM   632  N N   . ASP A 1 77  ? 4.091   -4.434  4.770   1.00 10.32 ? 1155 ASP A N   1 
ATOM   633  C CA  . ASP A 1 77  ? 3.707   -5.603  3.988   1.00 10.78 ? 1155 ASP A CA  1 
ATOM   634  C C   . ASP A 1 77  ? 2.418   -5.362  3.207   1.00 10.17 ? 1155 ASP A C   1 
ATOM   635  O O   . ASP A 1 77  ? 2.283   -5.862  2.088   1.00 10.89 ? 1155 ASP A O   1 
ATOM   636  C CB  . ASP A 1 77  ? 3.582   -6.829  4.892   1.00 10.66 ? 1155 ASP A CB  1 
ATOM   637  C CG  . ASP A 1 77  ? 4.947   -7.392  5.310   1.00 14.14 ? 1155 ASP A CG  1 
ATOM   638  O OD1 . ASP A 1 77  ? 5.967   -7.038  4.683   1.00 18.30 ? 1155 ASP A OD1 1 
ATOM   639  O OD2 . ASP A 1 77  ? 4.995   -8.208  6.249   1.00 20.10 ? 1155 ASP A OD2 1 
ATOM   640  N N   . ASP A 1 78  ? 1.475   -4.587  3.757   1.00 11.23 ? 1156 ASP A N   1 
ATOM   641  C CA  . ASP A 1 78  ? 0.263   -4.289  2.996   1.00 8.57  ? 1156 ASP A CA  1 
ATOM   642  C C   . ASP A 1 78  ? 0.564   -3.362  1.829   1.00 7.66  ? 1156 ASP A C   1 
ATOM   643  O O   . ASP A 1 78  ? -0.002  -3.521  0.743   1.00 8.51  ? 1156 ASP A O   1 
ATOM   644  C CB  . ASP A 1 78  ? -0.812  -3.672  3.897   1.00 8.48  ? 1156 ASP A CB  1 
ATOM   645  C CG  . ASP A 1 78  ? -1.742  -4.706  4.508   1.00 12.59 ? 1156 ASP A CG  1 
ATOM   646  O OD1 . ASP A 1 78  ? -1.621  -5.913  4.176   1.00 11.85 ? 1156 ASP A OD1 1 
ATOM   647  O OD2 . ASP A 1 78  ? -2.611  -4.302  5.322   1.00 13.10 ? 1156 ASP A OD2 1 
ATOM   648  N N   . VAL A 1 79  ? 1.443   -2.376  2.026   1.00 8.65  ? 1157 VAL A N   1 
ATOM   649  C CA  . VAL A 1 79  ? 1.776   -1.490  0.914   1.00 8.23  ? 1157 VAL A CA  1 
ATOM   650  C C   . VAL A 1 79  ? 2.466   -2.284  -0.187  1.00 10.69 ? 1157 VAL A C   1 
ATOM   651  O O   . VAL A 1 79  ? 2.131   -2.157  -1.369  1.00 9.38  ? 1157 VAL A O   1 
ATOM   652  C CB  . VAL A 1 79  ? 2.642   -0.306  1.392   1.00 10.79 ? 1157 VAL A CB  1 
ATOM   653  C CG1 . VAL A 1 79  ? 3.091   0.531   0.200   1.00 10.80 ? 1157 VAL A CG1 1 
ATOM   654  C CG2 . VAL A 1 79  ? 1.860   0.568   2.399   1.00 8.07  ? 1157 VAL A CG2 1 
ATOM   655  N N   . TRP A 1 80  ? 3.417   -3.141  0.188   1.00 9.97  ? 1158 TRP A N   1 
ATOM   656  C CA  . TRP A 1 80  ? 4.075   -3.974  -0.810  1.00 10.76 ? 1158 TRP A CA  1 
ATOM   657  C C   . TRP A 1 80  ? 3.093   -4.940  -1.464  1.00 10.03 ? 1158 TRP A C   1 
ATOM   658  O O   . TRP A 1 80  ? 3.209   -5.238  -2.660  1.00 11.63 ? 1158 TRP A O   1 
ATOM   659  C CB  . TRP A 1 80  ? 5.220   -4.749  -0.160  1.00 11.95 ? 1158 TRP A CB  1 
ATOM   660  C CG  . TRP A 1 80  ? 6.416   -3.949  0.224   1.00 11.70 ? 1158 TRP A CG  1 
ATOM   661  C CD1 . TRP A 1 80  ? 6.718   -2.674  -0.137  1.00 18.42 ? 1158 TRP A CD1 1 
ATOM   662  C CD2 . TRP A 1 80  ? 7.484   -4.396  1.063   1.00 15.27 ? 1158 TRP A CD2 1 
ATOM   663  N NE1 . TRP A 1 80  ? 7.932   -2.298  0.417   1.00 16.39 ? 1158 TRP A NE1 1 
ATOM   664  C CE2 . TRP A 1 80  ? 8.418   -3.344  1.154   1.00 16.62 ? 1158 TRP A CE2 1 
ATOM   665  C CE3 . TRP A 1 80  ? 7.747   -5.597  1.735   1.00 17.54 ? 1158 TRP A CE3 1 
ATOM   666  C CZ2 . TRP A 1 80  ? 9.595   -3.455  1.900   1.00 19.50 ? 1158 TRP A CZ2 1 
ATOM   667  C CZ3 . TRP A 1 80  ? 8.927   -5.712  2.462   1.00 16.06 ? 1158 TRP A CZ3 1 
ATOM   668  C CH2 . TRP A 1 80  ? 9.830   -4.646  2.541   1.00 17.59 ? 1158 TRP A CH2 1 
ATOM   669  N N   . LEU A 1 81  ? 2.142   -5.474  -0.694  1.00 8.23  ? 1159 LEU A N   1 
ATOM   670  C CA  . LEU A 1 81  ? 1.124   -6.353  -1.275  1.00 9.71  ? 1159 LEU A CA  1 
ATOM   671  C C   . LEU A 1 81  ? 0.341   -5.633  -2.368  1.00 9.32  ? 1159 LEU A C   1 
ATOM   672  O O   . LEU A 1 81  ? 0.117   -6.183  -3.453  1.00 9.85  ? 1159 LEU A O   1 
ATOM   673  C CB  . LEU A 1 81  ? 0.187   -6.867  -0.177  1.00 8.63  ? 1159 LEU A CB  1 
ATOM   674  C CG  . LEU A 1 81  ? -1.008  -7.738  -0.590  1.00 8.86  ? 1159 LEU A CG  1 
ATOM   675  C CD1 . LEU A 1 81  ? -0.539  -8.985  -1.321  1.00 9.86  ? 1159 LEU A CD1 1 
ATOM   676  C CD2 . LEU A 1 81  ? -1.816  -8.108  0.642   1.00 12.12 ? 1159 LEU A CD2 1 
ATOM   677  N N   . MET A 1 82  ? -0.065  -4.394  -2.104  1.00 7.23  ? 1160 MET A N   1 
ATOM   678  C CA  . MET A 1 82  ? -0.767  -3.599  -3.108  1.00 7.78  ? 1160 MET A CA  1 
ATOM   679  C C   . MET A 1 82  ? 0.080   -3.445  -4.373  1.00 8.37  ? 1160 MET A C   1 
ATOM   680  O O   . MET A 1 82  ? -0.405  -3.642  -5.493  1.00 7.36  ? 1160 MET A O   1 
ATOM   681  C CB  . MET A 1 82  ? -1.122  -2.236  -2.507  1.00 6.90  ? 1160 MET A CB  1 
ATOM   682  C CG  . MET A 1 82  ? -1.600  -1.206  -3.523  1.00 6.97  ? 1160 MET A CG  1 
ATOM   683  S SD  . MET A 1 82  ? -2.047  0.383   -2.767  1.00 9.77  ? 1160 MET A SD  1 
ATOM   684  C CE  . MET A 1 82  ? -0.464  0.954   -2.144  1.00 14.53 ? 1160 MET A CE  1 
ATOM   685  N N   . PHE A 1 83  ? 1.363   -3.111  -4.211  1.00 9.38  ? 1161 PHE A N   1 
ATOM   686  C CA  . PHE A 1 83  ? 2.214   -2.942  -5.385  1.00 9.63  ? 1161 PHE A CA  1 
ATOM   687  C C   . PHE A 1 83  ? 2.408   -4.268  -6.101  1.00 10.48 ? 1161 PHE A C   1 
ATOM   688  O O   . PHE A 1 83  ? 2.323   -4.342  -7.334  1.00 9.95  ? 1161 PHE A O   1 
ATOM   689  C CB  . PHE A 1 83  ? 3.573   -2.376  -4.988  1.00 8.92  ? 1161 PHE A CB  1 
ATOM   690  C CG  . PHE A 1 83  ? 3.517   -1.002  -4.399  1.00 7.81  ? 1161 PHE A CG  1 
ATOM   691  C CD1 . PHE A 1 83  ? 2.506   -0.105  -4.748  1.00 11.73 ? 1161 PHE A CD1 1 
ATOM   692  C CD2 . PHE A 1 83  ? 4.491   -0.601  -3.493  1.00 10.13 ? 1161 PHE A CD2 1 
ATOM   693  C CE1 . PHE A 1 83  ? 2.472   1.171   -4.202  1.00 10.53 ? 1161 PHE A CE1 1 
ATOM   694  C CE2 . PHE A 1 83  ? 4.466   0.663   -2.946  1.00 10.54 ? 1161 PHE A CE2 1 
ATOM   695  C CZ  . PHE A 1 83  ? 3.460   1.551   -3.289  1.00 11.01 ? 1161 PHE A CZ  1 
ATOM   696  N N   . ASN A 1 84  ? 2.707   -5.323  -5.344  1.00 8.81  ? 1162 ASN A N   1 
ATOM   697  C CA  . ASN A 1 84  ? 3.035   -6.587  -5.990  1.00 8.58  ? 1162 ASN A CA  1 
ATOM   698  C C   . ASN A 1 84  ? 1.836   -7.178  -6.722  1.00 10.33 ? 1162 ASN A C   1 
ATOM   699  O O   . ASN A 1 84  ? 2.016   -7.790  -7.782  1.00 9.01  ? 1162 ASN A O   1 
ATOM   700  C CB  . ASN A 1 84  ? 3.589   -7.569  -4.952  1.00 10.20 ? 1162 ASN A CB  1 
ATOM   701  C CG  . ASN A 1 84  ? 4.995   -7.206  -4.510  1.00 16.83 ? 1162 ASN A CG  1 
ATOM   702  O OD1 . ASN A 1 84  ? 5.791   -6.717  -5.303  1.00 17.13 ? 1162 ASN A OD1 1 
ATOM   703  N ND2 . ASN A 1 84  ? 5.311   -7.453  -3.238  1.00 20.41 ? 1162 ASN A ND2 1 
ATOM   704  N N   . ASN A 1 85  ? 0.615   -6.997  -6.186  1.00 8.96  ? 1163 ASN A N   1 
ATOM   705  C CA  . ASN A 1 85  ? -0.583  -7.431  -6.897  1.00 7.59  ? 1163 ASN A CA  1 
ATOM   706  C C   . ASN A 1 85  ? -0.695  -6.744  -8.247  1.00 8.33  ? 1163 ASN A C   1 
ATOM   707  O O   . ASN A 1 85  ? -1.042  -7.380  -9.247  1.00 9.22  ? 1163 ASN A O   1 
ATOM   708  C CB  . ASN A 1 85  ? -1.848  -7.118  -6.095  1.00 9.52  ? 1163 ASN A CB  1 
ATOM   709  C CG  . ASN A 1 85  ? -2.019  -8.006  -4.876  1.00 9.28  ? 1163 ASN A CG  1 
ATOM   710  O OD1 . ASN A 1 85  ? -1.390  -9.059  -4.755  1.00 9.12  ? 1163 ASN A OD1 1 
ATOM   711  N ND2 . ASN A 1 85  ? -2.904  -7.594  -3.984  1.00 9.13  ? 1163 ASN A ND2 1 
ATOM   712  N N   . ALA A 1 86  ? -0.459  -5.428  -8.279  1.00 8.48  ? 1164 ALA A N   1 
ATOM   713  C CA  . ALA A 1 86  ? -0.606  -4.691  -9.529  1.00 8.97  ? 1164 ALA A CA  1 
ATOM   714  C C   . ALA A 1 86  ? 0.457   -5.098  -10.545 1.00 11.21 ? 1164 ALA A C   1 
ATOM   715  O O   . ALA A 1 86  ? 0.164   -5.230  -11.737 1.00 10.02 ? 1164 ALA A O   1 
ATOM   716  C CB  . ALA A 1 86  ? -0.557  -3.183  -9.253  1.00 9.35  ? 1164 ALA A CB  1 
ATOM   717  N N   . TRP A 1 87  ? 1.698   -5.288  -10.098 1.00 8.63  ? 1165 TRP A N   1 
ATOM   718  C CA  . TRP A 1 87  ? 2.742   -5.752  -11.010 1.00 10.20 ? 1165 TRP A CA  1 
ATOM   719  C C   . TRP A 1 87  ? 2.476   -7.181  -11.473 1.00 12.12 ? 1165 TRP A C   1 
ATOM   720  O O   . TRP A 1 87  ? 2.826   -7.550  -12.603 1.00 12.79 ? 1165 TRP A O   1 
ATOM   721  C CB  . TRP A 1 87  ? 4.104   -5.683  -10.327 1.00 10.27 ? 1165 TRP A CB  1 
ATOM   722  C CG  . TRP A 1 87  ? 4.702   -4.317  -10.147 1.00 9.72  ? 1165 TRP A CG  1 
ATOM   723  C CD1 . TRP A 1 87  ? 4.624   -3.251  -10.996 1.00 10.93 ? 1165 TRP A CD1 1 
ATOM   724  C CD2 . TRP A 1 87  ? 5.519   -3.894  -9.047  1.00 10.58 ? 1165 TRP A CD2 1 
ATOM   725  N NE1 . TRP A 1 87  ? 5.339   -2.188  -10.488 1.00 8.35  ? 1165 TRP A NE1 1 
ATOM   726  C CE2 . TRP A 1 87  ? 5.890   -2.557  -9.288  1.00 10.49 ? 1165 TRP A CE2 1 
ATOM   727  C CE3 . TRP A 1 87  ? 5.968   -4.522  -7.876  1.00 11.59 ? 1165 TRP A CE3 1 
ATOM   728  C CZ2 . TRP A 1 87  ? 6.698   -1.831  -8.405  1.00 14.67 ? 1165 TRP A CZ2 1 
ATOM   729  C CZ3 . TRP A 1 87  ? 6.761   -3.800  -6.997  1.00 15.06 ? 1165 TRP A CZ3 1 
ATOM   730  C CH2 . TRP A 1 87  ? 7.114   -2.465  -7.264  1.00 14.37 ? 1165 TRP A CH2 1 
ATOM   731  N N   . LEU A 1 88  ? 1.867   -8.002  -10.616 1.00 9.02  ? 1166 LEU A N   1 
ATOM   732  C CA  . LEU A 1 88  ? 1.560   -9.378  -11.006 1.00 9.38  ? 1166 LEU A CA  1 
ATOM   733  C C   . LEU A 1 88  ? 0.477   -9.410  -12.076 1.00 12.07 ? 1166 LEU A C   1 
ATOM   734  O O   . LEU A 1 88  ? 0.617   -10.095 -13.096 1.00 12.85 ? 1166 LEU A O   1 
ATOM   735  C CB  . LEU A 1 88  ? 1.129   -10.196 -9.782  1.00 10.98 ? 1166 LEU A CB  1 
ATOM   736  C CG  . LEU A 1 88  ? 0.601   -11.609 -10.087 1.00 10.92 ? 1166 LEU A CG  1 
ATOM   737  C CD1 . LEU A 1 88  ? 1.732   -12.524 -10.511 1.00 12.40 ? 1166 LEU A CD1 1 
ATOM   738  C CD2 . LEU A 1 88  ? -0.161  -12.190 -8.887  1.00 11.61 ? 1166 LEU A CD2 1 
ATOM   739  N N   . TYR A 1 89  ? -0.608  -8.662  -11.866 1.00 8.74  ? 1167 TYR A N   1 
ATOM   740  C CA  . TYR A 1 89  ? -1.756  -8.810  -12.743 1.00 9.51  ? 1167 TYR A CA  1 
ATOM   741  C C   . TYR A 1 89  ? -1.539  -8.105  -14.070 1.00 12.02 ? 1167 TYR A C   1 
ATOM   742  O O   . TYR A 1 89  ? -1.976  -8.600  -15.116 1.00 12.92 ? 1167 TYR A O   1 
ATOM   743  C CB  . TYR A 1 89  ? -3.024  -8.284  -12.072 1.00 9.05  ? 1167 TYR A CB  1 
ATOM   744  C CG  . TYR A 1 89  ? -4.185  -8.510  -12.986 1.00 11.13 ? 1167 TYR A CG  1 
ATOM   745  C CD1 . TYR A 1 89  ? -4.714  -9.789  -13.143 1.00 12.52 ? 1167 TYR A CD1 1 
ATOM   746  C CD2 . TYR A 1 89  ? -4.690  -7.483  -13.771 1.00 12.09 ? 1167 TYR A CD2 1 
ATOM   747  C CE1 . TYR A 1 89  ? -5.748  -10.032 -14.028 1.00 11.22 ? 1167 TYR A CE1 1 
ATOM   748  C CE2 . TYR A 1 89  ? -5.720  -7.716  -14.660 1.00 13.89 ? 1167 TYR A CE2 1 
ATOM   749  C CZ  . TYR A 1 89  ? -6.246  -8.992  -14.778 1.00 14.20 ? 1167 TYR A CZ  1 
ATOM   750  O OH  . TYR A 1 89  ? -7.263  -9.237  -15.658 1.00 11.74 ? 1167 TYR A OH  1 
ATOM   751  N N   . ASN A 1 90  ? -0.871  -6.953  -14.048 1.00 10.72 ? 1168 ASN A N   1 
ATOM   752  C CA  . ASN A 1 90  ? -0.864  -6.067  -15.201 1.00 11.88 ? 1168 ASN A CA  1 
ATOM   753  C C   . ASN A 1 90  ? 0.369   -6.275  -16.065 1.00 10.82 ? 1168 ASN A C   1 
ATOM   754  O O   . ASN A 1 90  ? 1.435   -6.666  -15.588 1.00 13.00 ? 1168 ASN A O   1 
ATOM   755  C CB  . ASN A 1 90  ? -0.949  -4.612  -14.756 1.00 11.35 ? 1168 ASN A CB  1 
ATOM   756  C CG  . ASN A 1 90  ? -2.282  -4.291  -14.144 1.00 13.02 ? 1168 ASN A CG  1 
ATOM   757  O OD1 . ASN A 1 90  ? -3.266  -4.043  -14.857 1.00 13.79 ? 1168 ASN A OD1 1 
ATOM   758  N ND2 . ASN A 1 90  ? -2.350  -4.346  -12.816 1.00 10.40 ? 1168 ASN A ND2 1 
ATOM   759  N N   . ARG A 1 91  ? 0.204   -5.983  -17.352 1.00 11.52 ? 1169 ARG A N   1 
ATOM   760  C CA  . ARG A 1 91  ? 1.301   -6.069  -18.302 1.00 11.80 ? 1169 ARG A CA  1 
ATOM   761  C C   . ARG A 1 91  ? 2.366   -5.031  -17.970 1.00 11.67 ? 1169 ARG A C   1 
ATOM   762  O O   . ARG A 1 91  ? 2.047   -3.894  -17.609 1.00 12.85 ? 1169 ARG A O   1 
ATOM   763  C CB  . ARG A 1 91  ? 0.746   -5.851  -19.714 1.00 15.75 ? 1169 ARG A CB  1 
ATOM   764  C CG  . ARG A 1 91  ? 1.568   -6.410  -20.850 1.00 17.27 ? 1169 ARG A CG  1 
ATOM   765  C CD  . ARG A 1 91  ? 0.803   -6.264  -22.169 1.00 17.29 ? 1169 ARG A CD  1 
ATOM   766  N NE  . ARG A 1 91  ? 1.696   -6.174  -23.319 1.00 17.96 ? 1169 ARG A NE  1 
ATOM   767  C CZ  . ARG A 1 91  ? 1.287   -6.045  -24.577 1.00 16.35 ? 1169 ARG A CZ  1 
ATOM   768  N NH1 . ARG A 1 91  ? -0.014  -5.992  -24.867 1.00 15.42 ? 1169 ARG A NH1 1 
ATOM   769  N NH2 . ARG A 1 91  ? 2.182   -5.957  -25.544 1.00 21.00 ? 1169 ARG A NH2 1 
ATOM   770  N N   . LYS A 1 92  ? 3.644   -5.419  -18.105 1.00 10.38 ? 1170 LYS A N   1 
ATOM   771  C CA  . LYS A 1 92  ? 4.732   -4.499  -17.771 1.00 12.68 ? 1170 LYS A CA  1 
ATOM   772  C C   . LYS A 1 92  ? 4.656   -3.211  -18.577 1.00 12.02 ? 1170 LYS A C   1 
ATOM   773  O O   . LYS A 1 92  ? 5.156   -2.174  -18.137 1.00 12.49 ? 1170 LYS A O   1 
ATOM   774  C CB  . LYS A 1 92  ? 6.094   -5.151  -17.997 1.00 12.89 ? 1170 LYS A CB  1 
ATOM   775  C CG  . LYS A 1 92  ? 6.408   -6.315  -17.059 1.00 16.75 ? 1170 LYS A CG  1 
ATOM   776  C CD  . LYS A 1 92  ? 7.906   -6.470  -16.946 1.00 22.76 ? 1170 LYS A CD  1 
ATOM   777  C CE  . LYS A 1 92  ? 8.273   -7.566  -15.969 1.00 25.28 ? 1170 LYS A CE  1 
ATOM   778  N NZ  . LYS A 1 92  ? 9.674   -7.372  -15.491 1.00 24.07 ? 1170 LYS A NZ  1 
ATOM   779  N N   . THR A 1 93  ? 4.054   -3.261  -19.757 1.00 12.12 ? 1171 THR A N   1 
ATOM   780  C CA  . THR A 1 93  ? 3.920   -2.089  -20.608 1.00 13.03 ? 1171 THR A CA  1 
ATOM   781  C C   . THR A 1 93  ? 2.728   -1.209  -20.244 1.00 12.61 ? 1171 THR A C   1 
ATOM   782  O O   . THR A 1 93  ? 2.541   -0.163  -20.878 1.00 10.91 ? 1171 THR A O   1 
ATOM   783  C CB  . THR A 1 93  ? 3.785   -2.554  -22.055 1.00 12.93 ? 1171 THR A CB  1 
ATOM   784  O OG1 . THR A 1 93  ? 2.714   -3.500  -22.119 1.00 11.87 ? 1171 THR A OG1 1 
ATOM   785  C CG2 . THR A 1 93  ? 5.060   -3.231  -22.511 1.00 13.89 ? 1171 THR A CG2 1 
ATOM   786  N N   . SER A 1 94  ? 1.908   -1.603  -19.273 1.00 11.54 ? 1172 SER A N   1 
ATOM   787  C CA  . SER A 1 94  ? 0.631   -0.934  -19.082 1.00 10.22 ? 1172 SER A CA  1 
ATOM   788  C C   . SER A 1 94  ? 0.772   0.328   -18.233 1.00 10.71 ? 1172 SER A C   1 
ATOM   789  O O   . SER A 1 94  ? 1.762   0.535   -17.522 1.00 10.75 ? 1172 SER A O   1 
ATOM   790  C CB  . SER A 1 94  ? -0.384  -1.872  -18.433 1.00 11.67 ? 1172 SER A CB  1 
ATOM   791  O OG  . SER A 1 94  ? 0.048   -2.225  -17.129 1.00 9.78  ? 1172 SER A OG  1 
ATOM   792  N N   . ARG A 1 95  ? -0.252  1.180   -18.331 1.00 10.68 ? 1173 ARG A N   1 
ATOM   793  C CA  . ARG A 1 95  ? -0.292  2.412   -17.553 1.00 9.40  ? 1173 ARG A CA  1 
ATOM   794  C C   . ARG A 1 95  ? -0.331  2.119   -16.058 1.00 10.99 ? 1173 ARG A C   1 
ATOM   795  O O   . ARG A 1 95  ? 0.390   2.749   -15.276 1.00 11.53 ? 1173 ARG A O   1 
ATOM   796  C CB  . ARG A 1 95  ? -1.501  3.229   -17.996 1.00 8.13  ? 1173 ARG A CB  1 
ATOM   797  C CG  . ARG A 1 95  ? -1.637  4.614   -17.383 1.00 9.91  ? 1173 ARG A CG  1 
ATOM   798  C CD  . ARG A 1 95  ? -2.799  5.325   -18.053 1.00 10.66 ? 1173 ARG A CD  1 
ATOM   799  N NE  . ARG A 1 95  ? -2.965  6.707   -17.604 1.00 11.92 ? 1173 ARG A NE  1 
ATOM   800  C CZ  . ARG A 1 95  ? -3.720  7.080   -16.574 1.00 13.17 ? 1173 ARG A CZ  1 
ATOM   801  N NH1 . ARG A 1 95  ? -4.368  6.171   -15.846 1.00 15.46 ? 1173 ARG A NH1 1 
ATOM   802  N NH2 . ARG A 1 95  ? -3.807  8.370   -16.256 1.00 13.63 ? 1173 ARG A NH2 1 
ATOM   803  N N   . VAL A 1 96  ? -1.150  1.145   -15.645 1.00 9.87  ? 1174 VAL A N   1 
ATOM   804  C CA  . VAL A 1 96  ? -1.264  0.824   -14.222 1.00 10.80 ? 1174 VAL A CA  1 
ATOM   805  C C   . VAL A 1 96  ? 0.067   0.310   -13.690 1.00 11.32 ? 1174 VAL A C   1 
ATOM   806  O O   . VAL A 1 96  ? 0.481   0.632   -12.566 1.00 10.10 ? 1174 VAL A O   1 
ATOM   807  C CB  . VAL A 1 96  ? -2.405  -0.188  -13.991 1.00 11.95 ? 1174 VAL A CB  1 
ATOM   808  C CG1 . VAL A 1 96  ? -2.431  -0.626  -12.526 1.00 11.78 ? 1174 VAL A CG1 1 
ATOM   809  C CG2 . VAL A 1 96  ? -3.749  0.433   -14.352 1.00 15.28 ? 1174 VAL A CG2 1 
ATOM   810  N N   . TYR A 1 97  ? 0.768   -0.489  -14.494 1.00 11.13 ? 1175 TYR A N   1 
ATOM   811  C CA  . TYR A 1 97  ? 2.058   -1.011  -14.065 1.00 9.54  ? 1175 TYR A CA  1 
ATOM   812  C C   . TYR A 1 97  ? 3.061   0.120   -13.861 1.00 11.30 ? 1175 TYR A C   1 
ATOM   813  O O   . TYR A 1 97  ? 3.759   0.171   -12.843 1.00 9.43  ? 1175 TYR A O   1 
ATOM   814  C CB  . TYR A 1 97  ? 2.571   -2.021  -15.097 1.00 8.39  ? 1175 TYR A CB  1 
ATOM   815  C CG  . TYR A 1 97  ? 3.759   -2.845  -14.645 1.00 10.87 ? 1175 TYR A CG  1 
ATOM   816  C CD1 . TYR A 1 97  ? 5.039   -2.287  -14.564 1.00 10.86 ? 1175 TYR A CD1 1 
ATOM   817  C CD2 . TYR A 1 97  ? 3.604   -4.195  -14.329 1.00 9.24  ? 1175 TYR A CD2 1 
ATOM   818  C CE1 . TYR A 1 97  ? 6.129   -3.064  -14.157 1.00 11.63 ? 1175 TYR A CE1 1 
ATOM   819  C CE2 . TYR A 1 97  ? 4.679   -4.972  -13.933 1.00 12.28 ? 1175 TYR A CE2 1 
ATOM   820  C CZ  . TYR A 1 97  ? 5.930   -4.403  -13.844 1.00 14.74 ? 1175 TYR A CZ  1 
ATOM   821  O OH  . TYR A 1 97  ? 6.988   -5.184  -13.438 1.00 16.09 ? 1175 TYR A OH  1 
ATOM   822  N N   . LYS A 1 98  ? 3.154   1.027   -14.836 1.00 11.09 ? 1176 LYS A N   1 
ATOM   823  C CA  . LYS A 1 98  ? 4.043   2.182   -14.713 1.00 11.69 ? 1176 LYS A CA  1 
ATOM   824  C C   . LYS A 1 98  ? 3.679   3.036   -13.503 1.00 13.48 ? 1176 LYS A C   1 
ATOM   825  O O   . LYS A 1 98  ? 4.564   3.492   -12.762 1.00 12.73 ? 1176 LYS A O   1 
ATOM   826  C CB  . LYS A 1 98  ? 3.973   3.017   -15.992 1.00 13.82 ? 1176 LYS A CB  1 
ATOM   827  C CG  . LYS A 1 98  ? 4.719   4.351   -15.911 1.00 19.17 ? 1176 LYS A CG  1 
ATOM   828  C CD  . LYS A 1 98  ? 6.203   4.134   -15.656 1.00 24.81 ? 1176 LYS A CD  1 
ATOM   829  C CE  . LYS A 1 98  ? 6.942   5.462   -15.632 1.00 26.23 ? 1176 LYS A CE  1 
ATOM   830  N NZ  . LYS A 1 98  ? 8.414   5.275   -15.762 1.00 32.31 ? 1176 LYS A NZ  1 
ATOM   831  N N   . PHE A 1 99  ? 2.380   3.267   -13.290 1.00 10.28 ? 1177 PHE A N   1 
ATOM   832  C CA  . PHE A 1 99  ? 1.947   4.070   -12.149 1.00 11.29 ? 1177 PHE A CA  1 
ATOM   833  C C   . PHE A 1 99  ? 2.289   3.379   -10.837 1.00 9.40  ? 1177 PHE A C   1 
ATOM   834  O O   . PHE A 1 99  ? 2.652   4.035   -9.854  1.00 10.01 ? 1177 PHE A O   1 
ATOM   835  C CB  . PHE A 1 99  ? 0.439   4.341   -12.234 1.00 9.84  ? 1177 PHE A CB  1 
ATOM   836  C CG  . PHE A 1 99  ? 0.069   5.435   -13.199 1.00 12.32 ? 1177 PHE A CG  1 
ATOM   837  C CD1 . PHE A 1 99  ? 0.988   5.905   -14.127 1.00 13.03 ? 1177 PHE A CD1 1 
ATOM   838  C CD2 . PHE A 1 99  ? -1.201  5.998   -13.170 1.00 10.60 ? 1177 PHE A CD2 1 
ATOM   839  C CE1 . PHE A 1 99  ? 0.650   6.920   -15.012 1.00 12.85 ? 1177 PHE A CE1 1 
ATOM   840  C CE2 . PHE A 1 99  ? -1.549  7.011   -14.052 1.00 11.54 ? 1177 PHE A CE2 1 
ATOM   841  C CZ  . PHE A 1 99  ? -0.618  7.469   -14.981 1.00 11.99 ? 1177 PHE A CZ  1 
ATOM   842  N N   . CYS A 1 100 ? 2.182   2.052   -10.806 1.00 8.83  ? 1178 CYS A N   1 
ATOM   843  C CA  . CYS A 1 100 ? 2.592   1.299   -9.629  1.00 10.88 ? 1178 CYS A CA  1 
ATOM   844  C C   . CYS A 1 100 ? 4.067   1.524   -9.326  1.00 10.35 ? 1178 CYS A C   1 
ATOM   845  O O   . CYS A 1 100 ? 4.453   1.796   -8.180  1.00 9.36  ? 1178 CYS A O   1 
ATOM   846  C CB  . CYS A 1 100 ? 2.305   -0.192  -9.850  1.00 10.05 ? 1178 CYS A CB  1 
ATOM   847  S SG  . CYS A 1 100 ? 2.636   -1.185  -8.392  1.00 10.01 ? 1178 CYS A SG  1 
ATOM   848  N N   . SER A 1 101 ? 4.911   1.414   -10.353 1.00 10.81 ? 1179 SER A N   1 
ATOM   849  C CA  . SER A 1 101 ? 6.340   1.609   -10.155 1.00 13.03 ? 1179 SER A CA  1 
ATOM   850  C C   . SER A 1 101 ? 6.642   3.006   -9.621  1.00 10.97 ? 1179 SER A C   1 
ATOM   851  O O   . SER A 1 101 ? 7.537   3.172   -8.784  1.00 11.67 ? 1179 SER A O   1 
ATOM   852  C CB  . SER A 1 101 ? 7.082   1.341   -11.464 1.00 13.81 ? 1179 SER A CB  1 
ATOM   853  O OG  . SER A 1 101 ? 6.920   -0.016  -11.848 1.00 12.82 ? 1179 SER A OG  1 
ATOM   854  N N   . LYS A 1 102 ? 5.895   4.016   -10.078 1.00 11.52 ? 1180 LYS A N   1 
ATOM   855  C CA  . LYS A 1 102 ? 6.083   5.366   -9.549  1.00 12.65 ? 1180 LYS A CA  1 
ATOM   856  C C   . LYS A 1 102 ? 5.755   5.415   -8.062  1.00 12.64 ? 1180 LYS A C   1 
ATOM   857  O O   . LYS A 1 102 ? 6.514   5.981   -7.263  1.00 13.63 ? 1180 LYS A O   1 
ATOM   858  C CB  . LYS A 1 102 ? 5.223   6.365   -10.321 1.00 15.82 ? 1180 LYS A CB  1 
ATOM   859  C CG  . LYS A 1 102 ? 5.217   7.770   -9.714  1.00 19.74 ? 1180 LYS A CG  1 
ATOM   860  C CD  . LYS A 1 102 ? 6.600   8.418   -9.714  1.00 24.25 ? 1180 LYS A CD  1 
ATOM   861  C CE  . LYS A 1 102 ? 6.531   9.825   -9.125  1.00 23.46 ? 1180 LYS A CE  1 
ATOM   862  N NZ  . LYS A 1 102 ? 7.854   10.509  -9.096  1.00 23.53 ? 1180 LYS A NZ  1 
ATOM   863  N N   . LEU A 1 103 ? 4.632   4.803   -7.667  1.00 11.87 ? 1181 LEU A N   1 
ATOM   864  C CA  . LEU A 1 103 ? 4.261   4.790   -6.254  1.00 11.55 ? 1181 LEU A CA  1 
ATOM   865  C C   . LEU A 1 103 ? 5.285   4.042   -5.416  1.00 12.89 ? 1181 LEU A C   1 
ATOM   866  O O   . LEU A 1 103 ? 5.610   4.464   -4.300  1.00 11.73 ? 1181 LEU A O   1 
ATOM   867  C CB  . LEU A 1 103 ? 2.890   4.154   -6.061  1.00 11.06 ? 1181 LEU A CB  1 
ATOM   868  C CG  . LEU A 1 103 ? 1.693   4.936   -6.552  1.00 13.23 ? 1181 LEU A CG  1 
ATOM   869  C CD1 . LEU A 1 103 ? 0.428   4.246   -6.046  1.00 13.73 ? 1181 LEU A CD1 1 
ATOM   870  C CD2 . LEU A 1 103 ? 1.773   6.344   -6.031  1.00 12.90 ? 1181 LEU A CD2 1 
ATOM   871  N N   . ALA A 1 104 ? 5.788   2.916   -5.922  1.00 11.19 ? 1182 ALA A N   1 
ATOM   872  C CA  . ALA A 1 104 ? 6.732   2.131   -5.139  1.00 13.19 ? 1182 ALA A CA  1 
ATOM   873  C C   . ALA A 1 104 ? 8.021   2.898   -4.922  1.00 14.20 ? 1182 ALA A C   1 
ATOM   874  O O   . ALA A 1 104 ? 8.654   2.764   -3.869  1.00 13.65 ? 1182 ALA A O   1 
ATOM   875  C CB  . ALA A 1 104 ? 7.008   0.799   -5.834  1.00 12.20 ? 1182 ALA A CB  1 
ATOM   876  N N   . GLU A 1 105 ? 8.406   3.716   -5.902  1.00 12.91 ? 1183 GLU A N   1 
ATOM   877  C CA  . GLU A 1 105 ? 9.604   4.535   -5.774  1.00 15.49 ? 1183 GLU A CA  1 
ATOM   878  C C   . GLU A 1 105 ? 9.410   5.621   -4.725  1.00 14.38 ? 1183 GLU A C   1 
ATOM   879  O O   . GLU A 1 105 ? 10.300  5.862   -3.900  1.00 14.92 ? 1183 GLU A O   1 
ATOM   880  C CB  . GLU A 1 105 ? 9.949   5.135   -7.139  1.00 19.04 ? 1183 GLU A CB  1 
ATOM   881  C CG  . GLU A 1 105 ? 11.133  6.089   -7.154  1.00 23.23 ? 1183 GLU A CG  1 
ATOM   882  C CD  . GLU A 1 105 ? 11.561  6.437   -8.573  1.00 31.38 ? 1183 GLU A CD  1 
ATOM   883  O OE1 . GLU A 1 105 ? 12.280  5.619   -9.199  1.00 32.03 ? 1183 GLU A OE1 1 
ATOM   884  O OE2 . GLU A 1 105 ? 11.166  7.515   -9.069  1.00 29.54 ? 1183 GLU A OE2 1 
ATOM   885  N N   . VAL A 1 106 ? 8.257   6.290   -4.748  1.00 10.82 ? 1184 VAL A N   1 
ATOM   886  C CA  . VAL A 1 106 ? 7.928   7.249   -3.699  1.00 12.71 ? 1184 VAL A CA  1 
ATOM   887  C C   . VAL A 1 106 ? 7.940   6.564   -2.341  1.00 13.40 ? 1184 VAL A C   1 
ATOM   888  O O   . VAL A 1 106 ? 8.512   7.076   -1.372  1.00 13.54 ? 1184 VAL A O   1 
ATOM   889  C CB  . VAL A 1 106 ? 6.567   7.908   -3.984  1.00 12.29 ? 1184 VAL A CB  1 
ATOM   890  C CG1 . VAL A 1 106 ? 6.107   8.717   -2.779  1.00 14.83 ? 1184 VAL A CG1 1 
ATOM   891  C CG2 . VAL A 1 106 ? 6.657   8.774   -5.231  1.00 14.84 ? 1184 VAL A CG2 1 
ATOM   892  N N   . PHE A 1 107 ? 7.311   5.387   -2.250  1.00 10.74 ? 1185 PHE A N   1 
ATOM   893  C CA  . PHE A 1 107 ? 7.226   4.717   -0.953  1.00 11.99 ? 1185 PHE A CA  1 
ATOM   894  C C   . PHE A 1 107 ? 8.610   4.364   -0.427  1.00 13.08 ? 1185 PHE A C   1 
ATOM   895  O O   . PHE A 1 107 ? 8.894   4.545   0.764   1.00 14.45 ? 1185 PHE A O   1 
ATOM   896  C CB  . PHE A 1 107 ? 6.357   3.460   -1.042  1.00 12.03 ? 1185 PHE A CB  1 
ATOM   897  C CG  . PHE A 1 107 ? 6.119   2.792   0.298   1.00 10.84 ? 1185 PHE A CG  1 
ATOM   898  C CD1 . PHE A 1 107 ? 5.357   3.423   1.269   1.00 11.49 ? 1185 PHE A CD1 1 
ATOM   899  C CD2 . PHE A 1 107 ? 6.644   1.537   0.573   1.00 12.38 ? 1185 PHE A CD2 1 
ATOM   900  C CE1 . PHE A 1 107 ? 5.125   2.822   2.500   1.00 13.51 ? 1185 PHE A CE1 1 
ATOM   901  C CE2 . PHE A 1 107 ? 6.423   0.927   1.803   1.00 12.56 ? 1185 PHE A CE2 1 
ATOM   902  C CZ  . PHE A 1 107 ? 5.660   1.574   2.775   1.00 11.62 ? 1185 PHE A CZ  1 
ATOM   903  N N   . GLU A 1 108 ? 9.482   3.845   -1.294  1.00 12.02 ? 1186 GLU A N   1 
ATOM   904  C CA  . GLU A 1 108 ? 10.823  3.484   -0.842  1.00 15.46 ? 1186 GLU A CA  1 
ATOM   905  C C   . GLU A 1 108 ? 11.546  4.689   -0.256  1.00 19.50 ? 1186 GLU A C   1 
ATOM   906  O O   . GLU A 1 108 ? 12.161  4.593   0.812   1.00 20.44 ? 1186 GLU A O   1 
ATOM   907  C CB  . GLU A 1 108 ? 11.625  2.887   -1.993  1.00 16.84 ? 1186 GLU A CB  1 
ATOM   908  C CG  . GLU A 1 108 ? 11.065  1.562   -2.458  1.00 25.86 ? 1186 GLU A CG  1 
ATOM   909  C CD  . GLU A 1 108 ? 11.747  1.028   -3.695  1.00 31.98 ? 1186 GLU A CD  1 
ATOM   910  O OE1 . GLU A 1 108 ? 11.821  -0.210  -3.829  1.00 37.67 ? 1186 GLU A OE1 1 
ATOM   911  O OE2 . GLU A 1 108 ? 12.213  1.841   -4.525  1.00 36.05 ? 1186 GLU A OE2 1 
ATOM   912  N N   . GLN A 1 109 ? 11.454  5.841   -0.924  1.00 18.82 ? 1187 GLN A N   1 
ATOM   913  C CA  . GLN A 1 109 ? 12.123  7.035   -0.418  1.00 18.79 ? 1187 GLN A CA  1 
ATOM   914  C C   . GLN A 1 109 ? 11.496  7.539   0.881   1.00 20.30 ? 1187 GLN A C   1 
ATOM   915  O O   . GLN A 1 109 ? 12.200  8.084   1.738   1.00 21.01 ? 1187 GLN A O   1 
ATOM   916  C CB  . GLN A 1 109 ? 12.103  8.132   -1.486  1.00 21.79 ? 1187 GLN A CB  1 
ATOM   917  C CG  . GLN A 1 109 ? 12.672  7.677   -2.828  1.00 25.88 ? 1187 GLN A CG  1 
ATOM   918  C CD  . GLN A 1 109 ? 12.899  8.825   -3.806  1.00 34.83 ? 1187 GLN A CD  1 
ATOM   919  O OE1 . GLN A 1 109 ? 12.828  10.002  -3.433  1.00 41.57 ? 1187 GLN A OE1 1 
ATOM   920  N NE2 . GLN A 1 109 ? 13.170  8.486   -5.066  1.00 31.31 ? 1187 GLN A NE2 1 
ATOM   921  N N   . GLU A 1 110 ? 10.189  7.361   1.052   1.00 16.39 ? 1188 GLU A N   1 
ATOM   922  C CA  . GLU A 1 110 ? 9.547   7.874   2.254   1.00 15.97 ? 1188 GLU A CA  1 
ATOM   923  C C   . GLU A 1 110 ? 9.689   6.929   3.438   1.00 17.69 ? 1188 GLU A C   1 
ATOM   924  O O   . GLU A 1 110 ? 9.717   7.390   4.588   1.00 16.94 ? 1188 GLU A O   1 
ATOM   925  C CB  . GLU A 1 110 ? 8.062   8.138   1.997   1.00 18.57 ? 1188 GLU A CB  1 
ATOM   926  C CG  . GLU A 1 110 ? 7.790   9.225   0.977   1.00 19.46 ? 1188 GLU A CG  1 
ATOM   927  C CD  . GLU A 1 110 ? 8.146   10.628  1.471   1.00 29.41 ? 1188 GLU A CD  1 
ATOM   928  O OE1 . GLU A 1 110 ? 8.472   10.796  2.666   1.00 30.52 ? 1188 GLU A OE1 1 
ATOM   929  O OE2 . GLU A 1 110 ? 8.106   11.568  0.651   1.00 39.04 ? 1188 GLU A OE2 1 
ATOM   930  N N   . ILE A 1 111 ? 9.775   5.620   3.187   1.00 13.57 ? 1189 ILE A N   1 
ATOM   931  C CA  . ILE A 1 111 ? 9.659   4.672   4.291   1.00 13.21 ? 1189 ILE A CA  1 
ATOM   932  C C   . ILE A 1 111 ? 10.992  4.485   5.019   1.00 14.73 ? 1189 ILE A C   1 
ATOM   933  O O   . ILE A 1 111 ? 11.004  4.244   6.231   1.00 13.23 ? 1189 ILE A O   1 
ATOM   934  C CB  . ILE A 1 111 ? 9.088   3.333   3.787   1.00 13.42 ? 1189 ILE A CB  1 
ATOM   935  C CG1 . ILE A 1 111 ? 8.646   2.459   4.971   1.00 13.81 ? 1189 ILE A CG1 1 
ATOM   936  C CG2 . ILE A 1 111 ? 10.099  2.616   2.894   1.00 13.80 ? 1189 ILE A CG2 1 
ATOM   937  C CD1 . ILE A 1 111 ? 7.553   3.095   5.816   1.00 13.00 ? 1189 ILE A CD1 1 
ATOM   938  N N   . ASP A 1 112 ? 12.123  4.597   4.322   1.00 15.72 ? 1190 ASP A N   1 
ATOM   939  C CA  . ASP A 1 112 ? 13.404  4.289   4.957   1.00 17.79 ? 1190 ASP A CA  1 
ATOM   940  C C   . ASP A 1 112 ? 13.688  5.202   6.143   1.00 18.71 ? 1190 ASP A C   1 
ATOM   941  O O   . ASP A 1 112 ? 14.013  4.681   7.224   1.00 20.07 ? 1190 ASP A O   1 
ATOM   942  C CB  . ASP A 1 112 ? 14.535  4.331   3.917   1.00 18.25 ? 1190 ASP A CB  1 
ATOM   943  C CG  . ASP A 1 112 ? 14.614  3.055   3.074   1.00 21.31 ? 1190 ASP A CG  1 
ATOM   944  O OD1 . ASP A 1 112 ? 13.772  2.150   3.269   1.00 21.11 ? 1190 ASP A OD1 1 
ATOM   945  O OD2 . ASP A 1 112 ? 15.520  2.961   2.214   1.00 22.57 ? 1190 ASP A OD2 1 
ATOM   946  N N   . PRO A 1 113 ? 13.574  6.533   6.038   1.00 14.73 ? 1191 PRO A N   1 
ATOM   947  C CA  . PRO A 1 113 ? 13.816  7.361   7.230   1.00 16.54 ? 1191 PRO A CA  1 
ATOM   948  C C   . PRO A 1 113 ? 12.808  7.125   8.338   1.00 18.10 ? 1191 PRO A C   1 
ATOM   949  O O   . PRO A 1 113 ? 13.171  7.214   9.519   1.00 19.95 ? 1191 PRO A O   1 
ATOM   950  C CB  . PRO A 1 113 ? 13.722  8.799   6.702   1.00 17.31 ? 1191 PRO A CB  1 
ATOM   951  C CG  . PRO A 1 113 ? 13.735  8.704   5.226   1.00 22.75 ? 1191 PRO A CG  1 
ATOM   952  C CD  . PRO A 1 113 ? 13.240  7.351   4.860   1.00 18.21 ? 1191 PRO A CD  1 
ATOM   953  N N   . VAL A 1 114 ? 11.548  6.841   7.999   1.00 17.26 ? 1192 VAL A N   1 
ATOM   954  C CA  . VAL A 1 114 ? 10.544  6.624   9.039   1.00 14.54 ? 1192 VAL A CA  1 
ATOM   955  C C   . VAL A 1 114 ? 10.853  5.358   9.821   1.00 14.57 ? 1192 VAL A C   1 
ATOM   956  O O   . VAL A 1 114 ? 10.744  5.335   11.050  1.00 21.46 ? 1192 VAL A O   1 
ATOM   957  C CB  . VAL A 1 114 ? 9.130   6.588   8.432   1.00 12.05 ? 1192 VAL A CB  1 
ATOM   958  C CG1 . VAL A 1 114 ? 8.137   6.029   9.441   1.00 16.60 ? 1192 VAL A CG1 1 
ATOM   959  C CG2 . VAL A 1 114 ? 8.717   7.996   8.016   1.00 13.76 ? 1192 VAL A CG2 1 
ATOM   960  N N   . MET A 1 115 ? 11.252  4.288   9.134   1.00 14.28 ? 1193 MET A N   1 
ATOM   961  C CA  . MET A 1 115 ? 11.616  3.074   9.858   1.00 17.03 ? 1193 MET A CA  1 
ATOM   962  C C   . MET A 1 115 ? 12.852  3.302   10.728  1.00 21.81 ? 1193 MET A C   1 
ATOM   963  O O   . MET A 1 115 ? 12.955  2.750   11.830  1.00 21.94 ? 1193 MET A O   1 
ATOM   964  C CB  . MET A 1 115 ? 11.823  1.913   8.880   1.00 23.43 ? 1193 MET A CB  1 
ATOM   965  C CG  . MET A 1 115 ? 10.534  1.480   8.165   1.00 20.60 ? 1193 MET A CG  1 
ATOM   966  S SD  . MET A 1 115 ? 9.199   0.896   9.268   1.00 23.75 ? 1193 MET A SD  1 
ATOM   967  C CE  . MET A 1 115 ? 9.612   -0.833  9.433   1.00 26.54 ? 1193 MET A CE  1 
ATOM   968  N N   . GLN A 1 116 ? 13.788  4.141   10.270  1.00 22.73 ? 1194 GLN A N   1 
ATOM   969  C CA  . GLN A 1 116 ? 14.932  4.483   11.116  1.00 23.22 ? 1194 GLN A CA  1 
ATOM   970  C C   . GLN A 1 116 ? 14.490  5.194   12.392  1.00 23.91 ? 1194 GLN A C   1 
ATOM   971  O O   . GLN A 1 116 ? 15.043  4.946   13.473  1.00 23.79 ? 1194 GLN A O   1 
ATOM   972  C CB  . GLN A 1 116 ? 15.920  5.351   10.338  1.00 22.01 ? 1194 GLN A CB  1 
ATOM   973  C CG  . GLN A 1 116 ? 16.638  4.606   9.229   1.00 28.60 ? 1194 GLN A CG  1 
ATOM   974  C CD  . GLN A 1 116 ? 17.725  5.445   8.584   1.00 35.58 ? 1194 GLN A CD  1 
ATOM   975  O OE1 . GLN A 1 116 ? 17.475  6.170   7.622   1.00 37.16 ? 1194 GLN A OE1 1 
ATOM   976  N NE2 . GLN A 1 116 ? 18.940  5.359   9.121   1.00 39.32 ? 1194 GLN A NE2 1 
ATOM   977  N N   . SER A 1 117 ? 13.492  6.076   12.290  1.00 21.66 ? 1195 SER A N   1 
ATOM   978  C CA  . SER A 1 117 ? 12.965  6.787   13.450  1.00 21.32 ? 1195 SER A CA  1 
ATOM   979  C C   . SER A 1 117 ? 12.243  5.865   14.426  1.00 24.47 ? 1195 SER A C   1 
ATOM   980  O O   . SER A 1 117 ? 11.926  6.293   15.543  1.00 23.06 ? 1195 SER A O   1 
ATOM   981  C CB  . SER A 1 117 ? 12.017  7.908   13.003  1.00 21.84 ? 1195 SER A CB  1 
ATOM   982  O OG  . SER A 1 117 ? 10.739  7.413   12.626  1.00 20.00 ? 1195 SER A OG  1 
ATOM   983  N N   . LEU A 1 118 ? 11.961  4.628   14.029  1.00 20.52 ? 1196 LEU A N   1 
ATOM   984  C CA  . LEU A 1 118 ? 11.425  3.621   14.928  1.00 18.19 ? 1196 LEU A CA  1 
ATOM   985  C C   . LEU A 1 118 ? 12.527  2.729   15.493  1.00 24.60 ? 1196 LEU A C   1 
ATOM   986  O O   . LEU A 1 118 ? 12.230  1.707   16.122  1.00 24.81 ? 1196 LEU A O   1 
ATOM   987  C CB  . LEU A 1 118 ? 10.365  2.784   14.199  1.00 20.22 ? 1196 LEU A CB  1 
ATOM   988  C CG  . LEU A 1 118 ? 9.090   3.532   13.782  1.00 18.07 ? 1196 LEU A CG  1 
ATOM   989  C CD1 . LEU A 1 118 ? 8.152   2.651   12.977  1.00 16.90 ? 1196 LEU A CD1 1 
ATOM   990  C CD2 . LEU A 1 118 ? 8.363   4.043   15.009  1.00 17.29 ? 1196 LEU A CD2 1 
ATOM   991  N N   . GLY A 1 119 ? 13.788  3.095   15.277  1.00 25.52 ? 1197 GLY A N   1 
ATOM   992  C CA  . GLY A 1 119 ? 14.920  2.302   15.723  1.00 19.77 ? 1197 GLY A CA  1 
ATOM   993  C C   . GLY A 1 119 ? 15.486  2.728   17.065  1.00 26.24 ? 1197 GLY A C   1 
ATOM   994  O O   . GLY A 1 119 ? 16.305  2.016   17.657  1.00 27.21 ? 1197 GLY A O   1 
HETATM 995  C C10 . 5XS B 2 .   ? -7.901  0.794   -11.656 1.00 14.73 ? 1201 5XS A C10 1 
HETATM 996  N N12 . 5XS B 2 .   ? -7.179  0.037   -12.687 1.00 15.47 ? 1201 5XS A N12 1 
HETATM 997  C C13 . 5XS B 2 .   ? -6.563  -1.298  -12.467 1.00 12.98 ? 1201 5XS A C13 1 
HETATM 998  C C15 . 5XS B 2 .   ? -5.970  -3.408  -13.202 1.00 14.67 ? 1201 5XS A C15 1 
HETATM 999  C C17 . 5XS B 2 .   ? -5.156  -2.724  -11.083 1.00 12.28 ? 1201 5XS A C17 1 
HETATM 1000 C C21 . 5XS B 2 .   ? -5.782  -1.515  -11.254 1.00 13.20 ? 1201 5XS A C21 1 
HETATM 1001 C C22 . 5XS B 2 .   ? -9.158  2.944   -11.212 1.00 17.22 ? 1201 5XS A C22 1 
HETATM 1002 C C01 . 5XS B 2 .   ? -11.536 5.297   -8.595  1.00 26.81 ? 1201 5XS A C01 1 
HETATM 1003 O O02 . 5XS B 2 .   ? -10.885 4.366   -9.456  1.00 27.57 ? 1201 5XS A O02 1 
HETATM 1004 C C03 . 5XS B 2 .   ? -10.393 5.005   -10.661 1.00 22.48 ? 1201 5XS A C03 1 
HETATM 1005 O O04 . 5XS B 2 .   ? -10.710 6.138   -10.928 1.00 27.16 ? 1201 5XS A O04 1 
HETATM 1006 C C05 . 5XS B 2 .   ? -9.492  4.229   -11.572 1.00 17.87 ? 1201 5XS A C05 1 
HETATM 1007 C C06 . 5XS B 2 .   ? -9.023  4.788   -12.755 1.00 21.58 ? 1201 5XS A C06 1 
HETATM 1008 C C07 . 5XS B 2 .   ? -8.189  4.051   -13.585 1.00 22.98 ? 1201 5XS A C07 1 
HETATM 1009 C C08 . 5XS B 2 .   ? -7.844  2.768   -13.225 1.00 20.14 ? 1201 5XS A C08 1 
HETATM 1010 C C09 . 5XS B 2 .   ? -8.343  2.201   -12.049 1.00 16.58 ? 1201 5XS A C09 1 
HETATM 1011 O O11 . 5XS B 2 .   ? -8.099  0.351   -10.584 1.00 13.69 ? 1201 5XS A O11 1 
HETATM 1012 N N14 . 5XS B 2 .   ? -6.602  -2.251  -13.408 1.00 15.89 ? 1201 5XS A N14 1 
HETATM 1013 N N16 . 5XS B 2 .   ? -5.263  -3.661  -12.077 1.00 14.68 ? 1201 5XS A N16 1 
HETATM 1014 N N18 . 5XS B 2 .   ? -4.531  -2.687  -9.886  1.00 12.32 ? 1201 5XS A N18 1 
HETATM 1015 C C19 . 5XS B 2 .   ? -4.754  -1.514  -9.328  1.00 11.24 ? 1201 5XS A C19 1 
HETATM 1016 N N20 . 5XS B 2 .   ? -5.519  -0.787  -10.151 1.00 11.97 ? 1201 5XS A N20 1 
HETATM 1017 O O   . HOH C 3 .   ? 12.823  -8.277  29.355  1.00 38.42 ? 1301 HOH A O   1 
HETATM 1018 O O   . HOH C 3 .   ? 3.446   -8.482  7.539   1.00 28.50 ? 1302 HOH A O   1 
HETATM 1019 O O   . HOH C 3 .   ? -16.602 -0.617  -8.071  1.00 31.77 ? 1303 HOH A O   1 
HETATM 1020 O O   . HOH C 3 .   ? 6.565   10.559  3.879   1.00 27.97 ? 1304 HOH A O   1 
HETATM 1021 O O   . HOH C 3 .   ? 11.730  -7.604  19.421  1.00 28.31 ? 1305 HOH A O   1 
HETATM 1022 O O   . HOH C 3 .   ? 13.750  3.571   -4.087  1.00 39.43 ? 1306 HOH A O   1 
HETATM 1023 O O   . HOH C 3 .   ? 3.811   -9.857  11.857  1.00 28.65 ? 1307 HOH A O   1 
HETATM 1024 O O   . HOH C 3 .   ? 11.358  8.710   -11.154 1.00 35.05 ? 1308 HOH A O   1 
HETATM 1025 O O   . HOH C 3 .   ? 9.482   9.112   -7.940  1.00 30.79 ? 1309 HOH A O   1 
HETATM 1026 O O   . HOH C 3 .   ? 4.114   12.177  -12.660 1.00 31.92 ? 1310 HOH A O   1 
HETATM 1027 O O   . HOH C 3 .   ? 2.197   14.069  4.748   1.00 28.03 ? 1311 HOH A O   1 
HETATM 1028 O O   . HOH C 3 .   ? 8.270   -7.098  -5.168  1.00 23.95 ? 1312 HOH A O   1 
HETATM 1029 O O   . HOH C 3 .   ? 11.802  1.743   -7.013  1.00 35.05 ? 1313 HOH A O   1 
HETATM 1030 O O   . HOH C 3 .   ? 14.458  -6.387  23.400  1.00 26.48 ? 1314 HOH A O   1 
HETATM 1031 O O   . HOH C 3 .   ? 13.685  0.453   12.673  1.00 44.68 ? 1315 HOH A O   1 
HETATM 1032 O O   . HOH C 3 .   ? 2.693   -8.772  -14.868 1.00 15.08 ? 1316 HOH A O   1 
HETATM 1033 O O   . HOH C 3 .   ? -3.713  -4.935  -8.666  1.00 8.60  ? 1317 HOH A O   1 
HETATM 1034 O O   . HOH C 3 .   ? 7.629   -4.570  18.126  1.00 17.09 ? 1318 HOH A O   1 
HETATM 1035 O O   . HOH C 3 .   ? 9.063   4.180   -18.027 1.00 33.23 ? 1319 HOH A O   1 
HETATM 1036 O O   . HOH C 3 .   ? -3.760  -3.036  -17.204 1.00 20.82 ? 1320 HOH A O   1 
HETATM 1037 O O   . HOH C 3 .   ? 9.817   9.951   5.087   1.00 22.69 ? 1321 HOH A O   1 
HETATM 1038 O O   . HOH C 3 .   ? 4.322   -9.489  16.631  1.00 23.68 ? 1322 HOH A O   1 
HETATM 1039 O O   . HOH C 3 .   ? -6.196  8.504   11.432  1.00 25.85 ? 1323 HOH A O   1 
HETATM 1040 O O   . HOH C 3 .   ? -10.005 -11.086 -17.722 1.00 22.54 ? 1324 HOH A O   1 
HETATM 1041 O O   . HOH C 3 .   ? 16.141  -8.411  26.843  1.00 31.73 ? 1325 HOH A O   1 
HETATM 1042 O O   . HOH C 3 .   ? 13.518  -8.928  21.471  1.00 31.64 ? 1326 HOH A O   1 
HETATM 1043 O O   . HOH C 3 .   ? -24.143 -6.318  -12.499 1.00 19.76 ? 1327 HOH A O   1 
HETATM 1044 O O   . HOH C 3 .   ? -10.363 5.556   7.993   1.00 27.56 ? 1328 HOH A O   1 
HETATM 1045 O O   . HOH C 3 .   ? 0.325   -2.329  -22.116 1.00 14.97 ? 1329 HOH A O   1 
HETATM 1046 O O   . HOH C 3 .   ? 10.234  -9.340  -13.785 1.00 22.66 ? 1330 HOH A O   1 
HETATM 1047 O O   . HOH C 3 .   ? 10.661  -7.707  -17.945 1.00 20.62 ? 1331 HOH A O   1 
HETATM 1048 O O   . HOH C 3 .   ? 7.975   0.561   -2.528  1.00 21.65 ? 1332 HOH A O   1 
HETATM 1049 O O   . HOH C 3 .   ? 0.142   -6.904  6.895   1.00 16.16 ? 1333 HOH A O   1 
HETATM 1050 O O   . HOH C 3 .   ? 4.178   -8.420  -1.008  1.00 17.22 ? 1334 HOH A O   1 
HETATM 1051 O O   . HOH C 3 .   ? 6.445   -8.817  2.730   1.00 22.78 ? 1335 HOH A O   1 
HETATM 1052 O O   . HOH C 3 .   ? -5.501  13.908  -12.351 1.00 36.58 ? 1336 HOH A O   1 
HETATM 1053 O O   . HOH C 3 .   ? -0.907  -4.399  20.161  1.00 21.89 ? 1337 HOH A O   1 
HETATM 1054 O O   . HOH C 3 .   ? 3.362   7.292   23.503  1.00 19.93 ? 1338 HOH A O   1 
HETATM 1055 O O   . HOH C 3 .   ? 0.193   -7.910  4.067   1.00 16.45 ? 1339 HOH A O   1 
HETATM 1056 O O   . HOH C 3 .   ? -8.689  5.949   -0.767  1.00 12.36 ? 1340 HOH A O   1 
HETATM 1057 O O   . HOH C 3 .   ? -14.026 -0.332  -6.024  1.00 18.58 ? 1341 HOH A O   1 
HETATM 1058 O O   . HOH C 3 .   ? 4.359   12.900  3.529   1.00 23.67 ? 1342 HOH A O   1 
HETATM 1059 O O   . HOH C 3 .   ? 4.956   8.264   -13.383 1.00 29.56 ? 1343 HOH A O   1 
HETATM 1060 O O   . HOH C 3 .   ? -14.056 -4.991  -5.990  1.00 12.57 ? 1344 HOH A O   1 
HETATM 1061 O O   . HOH C 3 .   ? 4.435   0.510   -18.033 1.00 18.69 ? 1345 HOH A O   1 
HETATM 1062 O O   . HOH C 3 .   ? -11.128 7.521   -5.820  1.00 40.42 ? 1346 HOH A O   1 
HETATM 1063 O O   . HOH C 3 .   ? -9.031  -5.650  8.499   1.00 22.85 ? 1347 HOH A O   1 
HETATM 1064 O O   . HOH C 3 .   ? -6.728  -0.468  -6.580  1.00 10.83 ? 1348 HOH A O   1 
HETATM 1065 O O   . HOH C 3 .   ? 6.933   10.004  10.661  1.00 19.11 ? 1349 HOH A O   1 
HETATM 1066 O O   . HOH C 3 .   ? 5.924   -0.811  24.994  1.00 13.22 ? 1350 HOH A O   1 
HETATM 1067 O O   . HOH C 3 .   ? -4.856  -11.687 -17.335 1.00 20.39 ? 1351 HOH A O   1 
HETATM 1068 O O   . HOH C 3 .   ? 9.314   -0.860  -10.839 1.00 26.54 ? 1352 HOH A O   1 
HETATM 1069 O O   . HOH C 3 .   ? -3.500  -7.739  4.951   1.00 20.54 ? 1353 HOH A O   1 
HETATM 1070 O O   . HOH C 3 .   ? 9.568   1.344   -8.717  1.00 24.41 ? 1354 HOH A O   1 
HETATM 1071 O O   . HOH C 3 .   ? -4.587  -1.564  -5.471  1.00 8.75  ? 1355 HOH A O   1 
HETATM 1072 O O   . HOH C 3 .   ? -5.075  -5.492  -5.196  1.00 10.11 ? 1356 HOH A O   1 
HETATM 1073 O O   . HOH C 3 .   ? -2.528  -11.194 -15.816 1.00 17.12 ? 1357 HOH A O   1 
HETATM 1074 O O   . HOH C 3 .   ? 3.421   12.158  -9.105  1.00 24.24 ? 1358 HOH A O   1 
HETATM 1075 O O   . HOH C 3 .   ? -9.805  -2.359  -17.619 1.00 25.29 ? 1359 HOH A O   1 
HETATM 1076 O O   . HOH C 3 .   ? 1.415   11.802  11.611  1.00 25.41 ? 1360 HOH A O   1 
HETATM 1077 O O   . HOH C 3 .   ? 3.625   -8.170  1.443   1.00 14.96 ? 1361 HOH A O   1 
HETATM 1078 O O   . HOH C 3 .   ? 2.541   14.075  -12.075 1.00 32.56 ? 1362 HOH A O   1 
HETATM 1079 O O   . HOH C 3 .   ? -3.043  -3.665  -6.280  1.00 7.61  ? 1363 HOH A O   1 
HETATM 1080 O O   . HOH C 3 .   ? -5.064  0.222   20.080  1.00 25.03 ? 1364 HOH A O   1 
HETATM 1081 O O   . HOH C 3 .   ? -17.990 -6.405  -16.796 1.00 26.90 ? 1365 HOH A O   1 
HETATM 1082 O O   . HOH C 3 .   ? -7.263  -11.323 1.392   1.00 17.73 ? 1366 HOH A O   1 
HETATM 1083 O O   . HOH C 3 .   ? -17.777 -1.527  -17.039 1.00 22.11 ? 1367 HOH A O   1 
HETATM 1084 O O   . HOH C 3 .   ? -7.733  -18.269 -7.523  1.00 25.15 ? 1368 HOH A O   1 
HETATM 1085 O O   . HOH C 3 .   ? -22.949 -7.386  -10.180 1.00 32.17 ? 1369 HOH A O   1 
HETATM 1086 O O   . HOH C 3 .   ? -9.608  0.863   -8.325  1.00 11.17 ? 1370 HOH A O   1 
HETATM 1087 O O   . HOH C 3 .   ? 7.542   0.338   -14.521 1.00 20.37 ? 1371 HOH A O   1 
HETATM 1088 O O   . HOH C 3 .   ? -8.183  -4.000  -2.206  1.00 9.94  ? 1372 HOH A O   1 
HETATM 1089 O O   . HOH C 3 .   ? 6.209   -7.808  -13.023 1.00 23.90 ? 1373 HOH A O   1 
HETATM 1090 O O   . HOH C 3 .   ? 1.033   -3.169  18.857  1.00 15.78 ? 1374 HOH A O   1 
HETATM 1091 O O   . HOH C 3 .   ? -13.786 7.937   -7.367  1.00 26.19 ? 1375 HOH A O   1 
HETATM 1092 O O   . HOH C 3 .   ? -12.258 -11.465 -10.679 1.00 14.52 ? 1376 HOH A O   1 
HETATM 1093 O O   . HOH C 3 .   ? -5.417  -6.047  14.049  1.00 24.12 ? 1377 HOH A O   1 
HETATM 1094 O O   . HOH C 3 .   ? 18.024  4.056   2.696   1.00 23.41 ? 1378 HOH A O   1 
HETATM 1095 O O   . HOH C 3 .   ? 4.663   -8.879  -14.214 1.00 38.86 ? 1379 HOH A O   1 
HETATM 1096 O O   . HOH C 3 .   ? -8.906  3.423   -7.476  1.00 12.74 ? 1380 HOH A O   1 
HETATM 1097 O O   . HOH C 3 .   ? -14.927 1.379   -4.266  1.00 16.92 ? 1381 HOH A O   1 
HETATM 1098 O O   . HOH C 3 .   ? -6.283  -9.088  1.140   1.00 15.12 ? 1382 HOH A O   1 
HETATM 1099 O O   . HOH C 3 .   ? 15.002  9.107   10.432  1.00 28.38 ? 1383 HOH A O   1 
HETATM 1100 O O   . HOH C 3 .   ? -10.454 -4.423  1.304   1.00 16.15 ? 1384 HOH A O   1 
HETATM 1101 O O   . HOH C 3 .   ? -3.011  1.633   22.730  1.00 23.24 ? 1385 HOH A O   1 
HETATM 1102 O O   . HOH C 3 .   ? -0.746  -8.748  14.814  1.00 27.19 ? 1386 HOH A O   1 
HETATM 1103 O O   . HOH C 3 .   ? -1.140  16.255  -5.256  1.00 29.85 ? 1387 HOH A O   1 
HETATM 1104 O O   . HOH C 3 .   ? -19.641 -2.472  -9.911  1.00 25.02 ? 1388 HOH A O   1 
HETATM 1105 O O   . HOH C 3 .   ? 5.422   9.881   15.612  1.00 23.47 ? 1389 HOH A O   1 
HETATM 1106 O O   . HOH C 3 .   ? -14.041 0.620   -16.163 1.00 27.13 ? 1390 HOH A O   1 
HETATM 1107 O O   . HOH C 3 .   ? -2.438  -11.504 -3.876  1.00 11.72 ? 1391 HOH A O   1 
HETATM 1108 O O   . HOH C 3 .   ? 7.442   -1.312  -16.758 1.00 19.73 ? 1392 HOH A O   1 
HETATM 1109 O O   . HOH C 3 .   ? -9.941  -5.771  -5.354  1.00 8.38  ? 1393 HOH A O   1 
HETATM 1110 O O   . HOH C 3 .   ? 15.019  8.129   1.682   1.00 25.16 ? 1394 HOH A O   1 
HETATM 1111 O O   . HOH C 3 .   ? 2.500   -5.622  23.532  1.00 35.43 ? 1395 HOH A O   1 
HETATM 1112 O O   . HOH C 3 .   ? 17.645  0.150   15.997  1.00 31.32 ? 1396 HOH A O   1 
HETATM 1113 O O   . HOH C 3 .   ? -2.046  -13.539 -5.758  1.00 12.47 ? 1397 HOH A O   1 
HETATM 1114 O O   . HOH C 3 .   ? 4.944   -2.745  17.527  1.00 12.29 ? 1398 HOH A O   1 
HETATM 1115 O O   . HOH C 3 .   ? -7.088  -6.289  11.879  1.00 24.41 ? 1399 HOH A O   1 
HETATM 1116 O O   . HOH C 3 .   ? 9.449   9.676   11.472  1.00 24.70 ? 1400 HOH A O   1 
HETATM 1117 O O   . HOH C 3 .   ? -8.689  -6.369  0.653   1.00 23.05 ? 1401 HOH A O   1 
HETATM 1118 O O   . HOH C 3 .   ? 1.881   6.759   25.278  1.00 24.61 ? 1402 HOH A O   1 
HETATM 1119 O O   . HOH C 3 .   ? -1.148  -13.016 -1.971  1.00 17.21 ? 1403 HOH A O   1 
HETATM 1120 O O   . HOH C 3 .   ? -1.821  0.838   13.738  1.00 14.97 ? 1404 HOH A O   1 
HETATM 1121 O O   . HOH C 3 .   ? 17.728  4.007   13.744  1.00 36.22 ? 1405 HOH A O   1 
HETATM 1122 O O   . HOH C 3 .   ? -6.412  -8.289  -18.220 1.00 24.99 ? 1406 HOH A O   1 
HETATM 1123 O O   . HOH C 3 .   ? 5.421   14.057  -4.162  1.00 32.37 ? 1407 HOH A O   1 
HETATM 1124 O O   . HOH C 3 .   ? -10.834 -2.153  8.297   1.00 22.16 ? 1408 HOH A O   1 
HETATM 1125 O O   . HOH C 3 .   ? 1.221   -10.225 -4.567  1.00 16.62 ? 1409 HOH A O   1 
HETATM 1126 O O   . HOH C 3 .   ? -7.706  0.543   -15.460 1.00 19.91 ? 1410 HOH A O   1 
HETATM 1127 O O   . HOH C 3 .   ? -6.087  -0.587  18.066  1.00 28.94 ? 1411 HOH A O   1 
HETATM 1128 O O   . HOH C 3 .   ? 8.914   2.543   -14.993 1.00 40.63 ? 1412 HOH A O   1 
HETATM 1129 O O   . HOH C 3 .   ? -10.967 -4.117  -19.792 1.00 31.07 ? 1413 HOH A O   1 
HETATM 1130 O O   . HOH C 3 .   ? -11.896 -0.389  -9.590  1.00 13.83 ? 1414 HOH A O   1 
HETATM 1131 O O   . HOH C 3 .   ? -0.513  12.927  15.423  1.00 23.70 ? 1415 HOH A O   1 
HETATM 1132 O O   . HOH C 3 .   ? 15.471  5.035   0.184   1.00 29.05 ? 1416 HOH A O   1 
HETATM 1133 O O   . HOH C 3 .   ? -4.677  3.358   -15.183 1.00 27.41 ? 1417 HOH A O   1 
HETATM 1134 O O   . HOH C 3 .   ? 12.995  0.229   5.308   1.00 29.47 ? 1418 HOH A O   1 
HETATM 1135 O O   . HOH C 3 .   ? 10.973  -15.932 22.013  1.00 26.19 ? 1419 HOH A O   1 
HETATM 1136 O O   . HOH C 3 .   ? 6.800   12.577  -6.980  1.00 26.11 ? 1420 HOH A O   1 
HETATM 1137 O O   . HOH C 3 .   ? -3.630  16.857  -7.518  1.00 41.72 ? 1421 HOH A O   1 
HETATM 1138 O O   . HOH C 3 .   ? -11.453 6.319   4.715   1.00 31.55 ? 1422 HOH A O   1 
HETATM 1139 O O   . HOH C 3 .   ? -2.579  -8.102  21.039  1.00 42.59 ? 1423 HOH A O   1 
HETATM 1140 O O   . HOH C 3 .   ? -3.484  13.638  -5.401  1.00 38.01 ? 1424 HOH A O   1 
HETATM 1141 O O   . HOH C 3 .   ? -3.324  -7.841  -17.626 1.00 21.80 ? 1425 HOH A O   1 
HETATM 1142 O O   . HOH C 3 .   ? 9.937   -4.794  -14.080 1.00 27.07 ? 1426 HOH A O   1 
HETATM 1143 O O   . HOH C 3 .   ? -9.451  -1.754  5.953   1.00 15.96 ? 1427 HOH A O   1 
HETATM 1144 O O   . HOH C 3 .   ? -2.412  -5.144  -18.433 1.00 18.07 ? 1428 HOH A O   1 
HETATM 1145 O O   . HOH C 3 .   ? -7.860  -2.456  -16.072 1.00 22.48 ? 1429 HOH A O   1 
HETATM 1146 O O   . HOH C 3 .   ? -6.890  -15.343 0.106   1.00 34.72 ? 1430 HOH A O   1 
HETATM 1147 O O   . HOH C 3 .   ? -2.127  13.290  1.003   1.00 23.60 ? 1431 HOH A O   1 
HETATM 1148 O O   . HOH C 3 .   ? 0.934   16.227  -9.870  1.00 36.92 ? 1432 HOH A O   1 
HETATM 1149 O O   . HOH C 3 .   ? -4.792  -3.595  17.334  1.00 25.88 ? 1433 HOH A O   1 
HETATM 1150 O O   . HOH C 3 .   ? 4.026   -8.254  -18.981 1.00 20.17 ? 1434 HOH A O   1 
HETATM 1151 O O   . HOH C 3 .   ? 6.932   -8.917  24.144  1.00 24.40 ? 1435 HOH A O   1 
HETATM 1152 O O   . HOH C 3 .   ? -0.953  15.408  2.066   1.00 26.93 ? 1436 HOH A O   1 
HETATM 1153 O O   . HOH C 3 .   ? 13.442  3.157   -7.919  1.00 42.65 ? 1437 HOH A O   1 
HETATM 1154 O O   . HOH C 3 .   ? 5.148   -15.095 20.807  1.00 40.42 ? 1438 HOH A O   1 
HETATM 1155 O O   . HOH C 3 .   ? -5.847  7.737   -13.746 1.00 23.27 ? 1439 HOH A O   1 
HETATM 1156 O O   . HOH C 3 .   ? 10.534  9.644   -5.983  1.00 38.92 ? 1440 HOH A O   1 
HETATM 1157 O O   . HOH C 3 .   ? -0.504  -12.624 -14.330 1.00 25.99 ? 1441 HOH A O   1 
HETATM 1158 O O   . HOH C 3 .   ? -15.449 -9.003  -14.735 1.00 24.48 ? 1442 HOH A O   1 
HETATM 1159 O O   . HOH C 3 .   ? -13.472 -15.854 -9.844  1.00 37.29 ? 1443 HOH A O   1 
HETATM 1160 O O   . HOH C 3 .   ? -14.145 -0.673  5.394   1.00 23.59 ? 1444 HOH A O   1 
HETATM 1161 O O   . HOH C 3 .   ? -0.456  -12.638 0.228   1.00 29.56 ? 1445 HOH A O   1 
HETATM 1162 O O   . HOH C 3 .   ? -11.855 7.071   -13.588 1.00 41.03 ? 1446 HOH A O   1 
HETATM 1163 O O   . HOH C 3 .   ? -15.873 5.853   -7.238  1.00 19.93 ? 1447 HOH A O   1 
HETATM 1164 O O   . HOH C 3 .   ? -12.885 -6.772  -21.302 1.00 38.17 ? 1448 HOH A O   1 
HETATM 1165 O O   . HOH C 3 .   ? -7.640  -4.116  -4.822  1.00 7.67  ? 1449 HOH A O   1 
HETATM 1166 O O   . HOH C 3 .   ? -2.224  -6.722  8.871   1.00 29.93 ? 1450 HOH A O   1 
HETATM 1167 O O   . HOH C 3 .   ? -2.484  0.453   -20.357 1.00 6.31  ? 1451 HOH A O   1 
HETATM 1168 O O   . HOH C 3 .   ? 1.044   13.314  9.037   1.00 41.11 ? 1452 HOH A O   1 
HETATM 1169 O O   . HOH C 3 .   ? -21.063 -5.719  -16.277 1.00 30.51 ? 1453 HOH A O   1 
HETATM 1170 O O   . HOH C 3 .   ? -0.690  -15.329 0.152   1.00 33.28 ? 1454 HOH A O   1 
HETATM 1171 O O   . HOH C 3 .   ? -3.339  -0.095  -17.514 1.00 13.16 ? 1455 HOH A O   1 
HETATM 1172 O O   . HOH C 3 .   ? -3.678  -3.795  19.857  1.00 31.88 ? 1456 HOH A O   1 
HETATM 1173 O O   . HOH C 3 .   ? 2.089   14.483  -8.002  1.00 22.20 ? 1457 HOH A O   1 
HETATM 1174 O O   . HOH C 3 .   ? -3.706  -18.272 -9.633  1.00 32.94 ? 1458 HOH A O   1 
HETATM 1175 O O   . HOH C 3 .   ? -5.858  10.160  -14.576 1.00 25.71 ? 1459 HOH A O   1 
HETATM 1176 O O   . HOH C 3 .   ? -2.345  -7.345  -23.047 1.00 15.93 ? 1460 HOH A O   1 
HETATM 1177 O O   . HOH C 3 .   ? -0.234  0.479   -22.455 1.00 16.19 ? 1461 HOH A O   1 
HETATM 1178 O O   . HOH C 3 .   ? -6.885  -6.496  5.135   1.00 25.52 ? 1462 HOH A O   1 
HETATM 1179 O O   . HOH C 3 .   ? -6.608  -15.103 3.011   1.00 25.15 ? 1463 HOH A O   1 
HETATM 1180 O O   . HOH C 3 .   ? 0.731   -10.215 10.192  1.00 25.98 ? 1464 HOH A O   1 
HETATM 1181 O O   . HOH C 3 .   ? -11.290 5.828   2.641   1.00 16.07 ? 1465 HOH A O   1 
HETATM 1182 O O   . HOH C 3 .   ? 8.007   -9.158  -4.719  1.00 35.20 ? 1466 HOH A O   1 
HETATM 1183 O O   . HOH C 3 .   ? -8.722  -19.709 -9.826  1.00 27.28 ? 1467 HOH A O   1 
HETATM 1184 O O   . HOH C 3 .   ? 4.506   -10.961 4.279   1.00 38.71 ? 1468 HOH A O   1 
HETATM 1185 O O   . HOH C 3 .   ? -10.127 9.273   9.535   1.00 39.05 ? 1469 HOH A O   1 
HETATM 1186 O O   . HOH C 3 .   ? -4.377  -8.464  14.288  1.00 28.98 ? 1470 HOH A O   1 
HETATM 1187 O O   . HOH C 3 .   ? -4.823  -5.880  20.944  1.00 33.87 ? 1471 HOH A O   1 
HETATM 1188 O O   . HOH C 3 .   ? -15.574 -2.887  -6.023  1.00 21.77 ? 1472 HOH A O   1 
HETATM 1189 O O   . HOH C 3 .   ? -12.315 1.739   -11.341 1.00 25.18 ? 1473 HOH A O   1 
HETATM 1190 O O   . HOH C 3 .   ? -4.967  -9.325  18.168  1.00 31.17 ? 1474 HOH A O   1 
HETATM 1191 O O   . HOH C 3 .   ? 9.237   -3.843  16.592  1.00 29.94 ? 1475 HOH A O   1 
HETATM 1192 O O   . HOH C 3 .   ? -7.015  -20.862 -6.142  1.00 34.60 ? 1476 HOH A O   1 
HETATM 1193 O O   . HOH C 3 .   ? 5.692   13.187  -10.163 1.00 38.82 ? 1477 HOH A O   1 
HETATM 1194 O O   . HOH C 3 .   ? -2.512  -6.643  10.786  1.00 28.62 ? 1478 HOH A O   1 
HETATM 1195 O O   . HOH C 3 .   ? 2.965   -8.238  23.522  1.00 35.98 ? 1479 HOH A O   1 
HETATM 1196 O O   . HOH C 3 .   ? 2.980   -10.109 -2.323  1.00 20.83 ? 1480 HOH A O   1 
HETATM 1197 O O   . HOH C 3 .   ? -1.925  10.185  12.162  1.00 29.09 ? 1481 HOH A O   1 
HETATM 1198 O O   . HOH C 3 .   ? 14.558  -10.670 25.443  1.00 44.12 ? 1482 HOH A O   1 
HETATM 1199 O O   . HOH C 3 .   ? -18.087 -3.169  -5.745  1.00 31.99 ? 1483 HOH A O   1 
HETATM 1200 O O   . HOH C 3 .   ? -22.756 -5.556  -8.298  1.00 33.53 ? 1484 HOH A O   1 
HETATM 1201 O O   . HOH C 3 .   ? 6.630   4.844   -19.065 1.00 24.41 ? 1485 HOH A O   1 
HETATM 1202 O O   . HOH C 3 .   ? 9.055   -4.836  -10.230 1.00 36.76 ? 1486 HOH A O   1 
HETATM 1203 O O   . HOH C 3 .   ? 7.278   0.918   -19.013 1.00 43.69 ? 1487 HOH A O   1 
HETATM 1204 O O   . HOH C 3 .   ? -1.555  10.577  14.366  1.00 30.63 ? 1488 HOH A O   1 
HETATM 1205 O O   . HOH C 3 .   ? 5.582   2.211   -19.822 1.00 19.92 ? 1489 HOH A O   1 
HETATM 1206 O O   . HOH C 3 .   ? -6.006  -7.391  18.959  1.00 33.50 ? 1490 HOH A O   1 
HETATM 1207 O O   . HOH C 3 .   ? -16.247 -10.233 -12.674 1.00 24.70 ? 1491 HOH A O   1 
HETATM 1208 O O   . HOH C 3 .   ? 1.281   -8.882  7.666   1.00 22.97 ? 1492 HOH A O   1 
HETATM 1209 O O   . HOH C 3 .   ? 15.755  0.775   6.548   1.00 38.79 ? 1493 HOH A O   1 
HETATM 1210 O O   . HOH C 3 .   ? -8.332  7.161   -15.458 1.00 34.09 ? 1494 HOH A O   1 
HETATM 1211 O O   . HOH C 3 .   ? 15.111  -14.942 20.250  1.00 30.54 ? 1495 HOH A O   1 
HETATM 1212 O O   . HOH C 3 .   ? -2.943  -9.570  6.991   1.00 33.17 ? 1496 HOH A O   1 
HETATM 1213 O O   . HOH C 3 .   ? 9.034   -10.508 11.938  1.00 31.62 ? 1497 HOH A O   1 
HETATM 1214 O O   . HOH C 3 .   ? 7.191   8.814   -13.642 1.00 34.68 ? 1498 HOH A O   1 
HETATM 1215 O O   . HOH C 3 .   ? -4.813  -9.783  -19.176 1.00 32.41 ? 1499 HOH A O   1 
HETATM 1216 O O   . HOH C 3 .   ? -0.219  -5.692  22.558  1.00 31.70 ? 1500 HOH A O   1 
HETATM 1217 O O   . HOH C 3 .   ? 3.684   16.087  -10.727 1.00 39.08 ? 1501 HOH A O   1 
HETATM 1218 O O   . HOH C 3 .   ? -6.005  -3.013  -18.053 1.00 36.07 ? 1502 HOH A O   1 
HETATM 1219 O O   . HOH C 3 .   ? -4.306  -9.465  3.187   1.00 20.71 ? 1503 HOH A O   1 
HETATM 1220 O O   . HOH C 3 .   ? 5.583   7.310   -18.420 1.00 17.08 ? 1504 HOH A O   1 
HETATM 1221 O O   . HOH C 3 .   ? -4.838  -10.714 15.364  1.00 32.40 ? 1505 HOH A O   1 
HETATM 1222 O O   . HOH C 3 .   ? 9.310   -7.048  -10.191 1.00 30.91 ? 1506 HOH A O   1 
HETATM 1223 O O   . HOH C 3 .   ? 3.502   14.894  8.494   1.00 32.70 ? 1507 HOH A O   1 
HETATM 1224 O O   . HOH C 3 .   ? -16.893 -13.417 -12.977 1.00 33.66 ? 1508 HOH A O   1 
HETATM 1225 O O   . HOH C 3 .   ? -8.331  -7.610  3.169   1.00 27.15 ? 1509 HOH A O   1 
HETATM 1226 O O   . HOH C 3 .   ? -9.528  -12.332 1.271   1.00 22.58 ? 1510 HOH A O   1 
HETATM 1227 O O   . HOH C 3 .   ? -11.524 -4.894  3.738   1.00 20.22 ? 1511 HOH A O   1 
HETATM 1228 O O   . HOH C 3 .   ? 2.340   -10.354 2.275   1.00 23.03 ? 1512 HOH A O   1 
HETATM 1229 O O   . HOH C 3 .   ? 3.937   7.992   -16.166 1.00 27.99 ? 1513 HOH A O   1 
HETATM 1230 O O   . HOH C 3 .   ? 8.500   -8.262  -19.799 1.00 26.17 ? 1514 HOH A O   1 
HETATM 1231 O O   . HOH C 3 .   ? 6.762   -9.700  -18.312 1.00 33.29 ? 1515 HOH A O   1 
HETATM 1232 O O   . HOH C 3 .   ? 6.733   -12.146 14.318  1.00 36.52 ? 1516 HOH A O   1 
HETATM 1233 O O   . HOH C 3 .   ? -2.795  -2.663  21.650  1.00 31.32 ? 1517 HOH A O   1 
HETATM 1234 O O   . HOH C 3 .   ? 7.509   11.696  8.693   1.00 33.66 ? 1518 HOH A O   1 
HETATM 1235 O O   . HOH C 3 .   ? 8.925   -3.796  -20.675 1.00 23.17 ? 1519 HOH A O   1 
HETATM 1236 O O   . HOH C 3 .   ? -9.463  -4.662  5.887   1.00 21.52 ? 1520 HOH A O   1 
# 
